data_8SPR
#
_entry.id   8SPR
#
_cell.length_a   1.00
_cell.length_b   1.00
_cell.length_c   1.00
_cell.angle_alpha   90.00
_cell.angle_beta   90.00
_cell.angle_gamma   90.00
#
_symmetry.space_group_name_H-M   'P 1'
#
loop_
_entity.id
_entity.type
_entity.pdbx_description
1 polymer 'Outer membrane protein assembly factor BamA'
2 polymer 'Outer membrane protein assembly factor BamB'
3 polymer 'Outer membrane protein assembly factor BamC'
4 polymer 'Outer membrane protein assembly factor BamD'
5 polymer 'Outer membrane protein assembly factor BamE'
6 polymer 'Serine protease EspP'
#
loop_
_entity_poly.entity_id
_entity_poly.type
_entity_poly.pdbx_seq_one_letter_code
_entity_poly.pdbx_strand_id
1 'polypeptide(L)'
;FVVKDIHFEGLQRVAVGAALLSMPVRTGDTVNDEDISNTIRALFATGNFEDVRVLRDGDTLLVQVKERPTIASITFSGNK
SVKDDMLKQNLEASGVRVGESLDRTTIADIEKGLEDFYYSVGKYSASVKAVVTPLPRNRVDLKLVFQEGVSAEIQQINIV
GNHAFTTDELISHFQLRDEVPWWNVVGDRKYQKQKLAGDLETLRSYYLDRGYARFNIDSTQVSLTPDKKGIYVTVNITEG
DQYKLSGVEVSGNLAGHSAEIEQLTKIEPGELYNGTKVTKMEDDIKKLLGRYGYAYPRVQSMPEINDADKTVKLRVNVDA
GNRFYVRKIRFEGNDTSKDAVLRREMRQMEGAWLGSDLVDQGKERLNRLGFFETVDTDTQRVPGSPDQVDVVYKVKERNT
GSFNFGIGYGTESGVSFQAGVQQDNWLGTGYAVGINGTKNDYQTYAELSVTNPYFTVDGVSLGGRLFYNDFQADDADLSD
YTNKSYGTDVTLGFPINEYNSLRAGLGYVHNSLSNMQPQVAMWRYLYSMGEHPSTSDQDNSFKTDDFTFNYGWTYNKLDR
GYFPTDGSRVNLTGKVTIPGSDNEYYKVTLDTATYVPIDDDHKWVVLGRTRWGYGDGLGGKEMPFYENFYAGGSSTVRGF
QSNTIGPKAVYFPHQASNYDPDYDYECATQDGAKDLCKSDDAVGGNAMAVASLEFITPTPFISDKYANSVRTSFFWDMGT
VWDTNWDSSQYSGYPDYSDPSNIRMSAGIALQWMSPLGPLVFSYAQPFKKYDGDKAEQFQFNCGKTW
;
A
2 'polypeptide(L)'
;SLFNSEEDVVKMSPLPTVENQFTPTTAWSTSVGSGIGNFYSNLHPALADNVVYAADRAGLVKALNADDGKEIWSVSLAEK
DGWFSKEPALLSGGVTVSGGHVYIGSEKAQVYALNTSDGTVAWQTKVAGEALSRPVVSDGLVLIHTSNGQLQALNEADGA
VKWTVNLDMPSLSLRGESAPTTAFGAAVVGGDNGRVSAVLMEQGQMIWQQRISQATGSTEIDRLSDVDTTPVVVNGVVFA
LAYNGNLTALDLRSGQIMWKRELGSVNDFIVDGNRIYLVDQNDRVMALTIDGGVTLWTQSDLLHRLLTSPVLYNGNLVVG
DSEGYLHWINVEDGRFVAQQKVDSSGFQTEPVAADGKLLIQAKDGTVYSITR
;
B
3 'polypeptide(L)'
;SSDSRYKRQVSGDEAYLEAAPLAELHAPAGMILPVTSGDYAIPVTNGSGAVGKALDIRPPAQPLALVSGARTQFTGDTAS
LLVENGRGNTLWPQVVSVLQAKNYTITQRDDAGQTLTTDWVQWNRLDEDEQYRGRYQISVKPQGYQQAVTVKLLNLEQAG
KPVADAASMQRYSTEMMNVISAGLDKSATDAANAAQNRASTTMDVQSAADDTGLPMLVVRGPFNVVWQRLPAALEKVGMK
VTDSTRSQGNMAVTYKPLSDSDWQELGASDPGLASGDYKLQVGDLDNRSSLQFIDPKGHTLTQSQNDALVAVFQAAFSK
;
C
4 'polypeptide(L)'
;SGSKEEVPDNPPNEIYATAQQKLQDGNWRQAITQLEALDNRYPFGPYSQQVQLDLIYAYYKNADLPLAQAAIDRFIRLNP
THPNIDYVMYMRGLTNMALDDSALQGFFGVDRSDRDPQHARAAFSDFSKLVRGYPNSQYTTDATKRLVFLKDRLAKYEYS
VAEYYTERGAWVAVVNRVEGMLRDYPDTQATRDALPLMENAYRQMQMNAQAEKVAKIIAANSSNT
;
D
5 'polypeptide(L)'
;STLERVVYRPDINQGNYLTANDVSKIRVGMTQQQVAYALGTPLMSDPFGTNTWFYVFRQQPGHEGVTQQTLTLTFNSSGV
LTNIDNKPALSGNGGH
;
E
6 'polypeptide(L)'
;GSIELVSAPKDTNENVFKASKQTIGFSDVTPVITTRETDDKITWSLTGYNTVANKEATRNAAALFSVDYKAFLNEVSNLN
KRMGDLRDINGEAGCWARIMSGTGSASGGFSDNYTHVQVGVDKKHELDGLDLFTGFTVTHTDSSASADVFSGKTKSVGAG
LYASAMFDSGAYIDLIGKYVHHDNEYTATFAGLGTRDYSTHSWYAGAEAGYRYHVTEDAWIEPQAELVYGSVSGKQFAWK
DQGMHLSMKDKDYNPLIGRTGVDVGKSFSGKDWKVTARAGLGYQFDLLANGETVLRDASGEKRIKGEKDSRMLMSVGLNA
EIRDNVRFGLEFEKSAFGKYNVDNAVNANFRYSF
;
F
#
# COMPACT_ATOMS: atom_id res chain seq x y z
N PHE A 1 43.16 49.55 5.19
CA PHE A 1 43.47 48.38 5.99
C PHE A 1 44.15 47.30 5.17
N VAL A 2 45.32 46.87 5.63
CA VAL A 2 46.08 45.79 5.00
C VAL A 2 45.84 44.54 5.84
N VAL A 3 44.97 43.66 5.36
CA VAL A 3 44.59 42.46 6.11
C VAL A 3 45.46 41.30 5.66
N LYS A 4 46.18 40.71 6.62
CA LYS A 4 47.02 39.54 6.36
C LYS A 4 46.30 38.23 6.61
N ASP A 5 45.19 38.24 7.35
CA ASP A 5 44.42 37.03 7.57
C ASP A 5 42.99 37.40 7.91
N ILE A 6 42.04 36.70 7.29
CA ILE A 6 40.62 36.88 7.52
C ILE A 6 40.13 35.68 8.30
N HIS A 7 39.99 35.84 9.61
CA HIS A 7 39.80 34.72 10.53
C HIS A 7 38.43 34.09 10.31
N PHE A 8 38.43 32.91 9.70
CA PHE A 8 37.24 32.05 9.65
C PHE A 8 37.32 30.96 10.72
N GLU A 9 37.30 31.40 11.97
CA GLU A 9 37.57 30.51 13.11
C GLU A 9 36.36 29.60 13.36
N GLY A 10 36.58 28.29 13.22
CA GLY A 10 35.58 27.30 13.58
C GLY A 10 34.31 27.35 12.76
N LEU A 11 34.45 27.29 11.43
CA LEU A 11 33.28 27.35 10.56
C LEU A 11 32.44 26.09 10.67
N GLN A 12 33.04 24.93 10.45
CA GLN A 12 32.43 23.60 10.46
C GLN A 12 31.39 23.42 9.37
N ARG A 13 31.15 24.43 8.53
CA ARG A 13 30.31 24.31 7.34
C ARG A 13 31.04 24.67 6.06
N VAL A 14 31.77 25.78 6.05
CA VAL A 14 32.33 26.35 4.84
C VAL A 14 33.86 26.34 4.94
N ALA A 15 34.51 26.33 3.79
CA ALA A 15 35.95 26.40 3.70
C ALA A 15 36.39 27.85 3.50
N VAL A 16 37.68 28.03 3.20
CA VAL A 16 38.20 29.37 2.95
C VAL A 16 37.95 29.79 1.51
N GLY A 17 37.74 28.83 0.61
CA GLY A 17 37.49 29.14 -0.78
C GLY A 17 36.14 29.82 -1.02
N ALA A 18 35.06 29.17 -0.58
CA ALA A 18 33.75 29.80 -0.67
C ALA A 18 33.71 31.07 0.16
N ALA A 19 34.49 31.12 1.26
CA ALA A 19 34.61 32.33 2.04
C ALA A 19 35.17 33.48 1.21
N LEU A 20 36.30 33.25 0.53
CA LEU A 20 36.91 34.31 -0.26
C LEU A 20 36.03 34.67 -1.45
N LEU A 21 35.32 33.70 -2.02
CA LEU A 21 34.38 34.03 -3.08
C LEU A 21 33.26 34.92 -2.57
N SER A 22 32.77 34.66 -1.37
CA SER A 22 31.72 35.45 -0.74
C SER A 22 32.32 36.45 0.23
N MET A 23 33.48 37.00 -0.11
CA MET A 23 34.24 37.85 0.79
C MET A 23 34.05 39.31 0.40
N PRO A 24 33.62 40.17 1.33
CA PRO A 24 33.66 41.61 1.07
C PRO A 24 34.98 42.26 1.43
N VAL A 25 35.82 41.59 2.23
CA VAL A 25 37.01 42.21 2.80
C VAL A 25 38.23 41.68 2.03
N ARG A 26 38.00 41.36 0.76
CA ARG A 26 39.03 40.85 -0.15
C ARG A 26 40.34 41.62 -0.01
N THR A 27 41.44 40.88 -0.04
CA THR A 27 42.75 41.48 0.16
C THR A 27 43.18 42.28 -1.06
N GLY A 28 44.01 43.30 -0.84
CA GLY A 28 44.57 44.08 -1.92
C GLY A 28 44.33 45.58 -1.81
N ASP A 29 43.14 45.97 -1.36
CA ASP A 29 42.81 47.39 -1.27
C ASP A 29 42.69 47.83 0.20
N THR A 30 42.38 49.10 0.38
CA THR A 30 42.23 49.70 1.70
C THR A 30 40.78 49.53 2.15
N VAL A 31 40.57 48.67 3.14
CA VAL A 31 39.24 48.40 3.66
C VAL A 31 38.82 49.52 4.60
N ASN A 32 37.51 49.80 4.64
CA ASN A 32 36.95 50.82 5.51
C ASN A 32 35.80 50.20 6.33
N ASP A 33 35.11 51.06 7.08
CA ASP A 33 34.02 50.59 7.93
C ASP A 33 32.80 50.19 7.11
N GLU A 34 32.59 50.84 5.97
CA GLU A 34 31.54 50.38 5.05
C GLU A 34 31.76 48.93 4.66
N ASP A 35 33.02 48.55 4.40
CA ASP A 35 33.32 47.17 4.09
C ASP A 35 33.17 46.27 5.31
N ILE A 36 33.40 46.81 6.51
CA ILE A 36 33.15 46.02 7.72
C ILE A 36 31.67 45.68 7.83
N SER A 37 30.80 46.68 7.64
CA SER A 37 29.37 46.42 7.66
C SER A 37 28.97 45.48 6.53
N ASN A 38 29.64 45.60 5.38
CA ASN A 38 29.39 44.69 4.27
C ASN A 38 29.73 43.25 4.67
N THR A 39 30.84 43.06 5.38
CA THR A 39 31.21 41.72 5.84
C THR A 39 30.19 41.17 6.82
N ILE A 40 29.79 41.98 7.79
CA ILE A 40 28.79 41.53 8.76
C ILE A 40 27.50 41.15 8.05
N ARG A 41 27.07 41.97 7.08
CA ARG A 41 25.81 41.70 6.39
C ARG A 41 25.92 40.52 5.45
N ALA A 42 27.10 40.26 4.89
CA ALA A 42 27.29 39.09 4.05
C ALA A 42 27.24 37.81 4.89
N LEU A 43 27.92 37.81 6.04
CA LEU A 43 27.83 36.66 6.92
C LEU A 43 26.41 36.46 7.43
N PHE A 44 25.67 37.55 7.64
CA PHE A 44 24.27 37.44 8.02
C PHE A 44 23.44 36.80 6.91
N ALA A 45 23.51 37.36 5.70
CA ALA A 45 22.79 36.80 4.57
C ALA A 45 23.12 35.33 4.37
N THR A 46 24.36 34.94 4.63
CA THR A 46 24.68 33.51 4.64
C THR A 46 24.15 32.83 5.89
N GLY A 47 24.27 33.49 7.04
CA GLY A 47 23.71 32.97 8.27
C GLY A 47 24.37 31.69 8.73
N ASN A 48 25.62 31.78 9.16
CA ASN A 48 26.37 30.61 9.61
C ASN A 48 26.93 30.79 11.02
N PHE A 49 26.66 31.93 11.67
CA PHE A 49 27.34 32.27 12.92
C PHE A 49 26.36 33.01 13.81
N GLU A 50 26.16 32.52 15.04
CA GLU A 50 25.14 33.09 15.93
C GLU A 50 25.32 34.58 16.13
N ASP A 51 26.56 35.06 16.18
CA ASP A 51 26.81 36.48 16.37
C ASP A 51 28.09 36.82 15.63
N VAL A 52 27.95 37.48 14.50
CA VAL A 52 29.07 37.86 13.64
C VAL A 52 29.69 39.10 14.29
N ARG A 53 30.67 38.88 15.15
CA ARG A 53 31.31 39.94 15.91
C ARG A 53 32.71 40.13 15.33
N VAL A 54 32.81 40.97 14.32
CA VAL A 54 34.09 41.23 13.66
C VAL A 54 34.89 42.21 14.49
N LEU A 55 36.16 41.89 14.73
CA LEU A 55 37.06 42.72 15.51
C LEU A 55 38.34 42.97 14.74
N ARG A 56 38.79 44.23 14.75
CA ARG A 56 40.03 44.61 14.08
C ARG A 56 41.21 44.43 15.03
N ASP A 57 42.27 43.79 14.54
CA ASP A 57 43.48 43.53 15.34
C ASP A 57 44.66 44.18 14.63
N GLY A 58 44.87 45.46 14.91
CA GLY A 58 45.96 46.22 14.30
C GLY A 58 45.66 46.55 12.86
N ASP A 59 45.69 45.54 11.99
CA ASP A 59 45.31 45.71 10.60
C ASP A 59 44.53 44.53 10.04
N THR A 60 44.16 43.54 10.86
CA THR A 60 43.40 42.39 10.42
C THR A 60 42.08 42.30 11.17
N LEU A 61 41.08 41.71 10.51
CA LEU A 61 39.76 41.55 11.07
C LEU A 61 39.54 40.10 11.52
N LEU A 62 38.84 39.93 12.63
CA LEU A 62 38.51 38.61 13.16
C LEU A 62 37.07 38.64 13.65
N VAL A 63 36.29 37.65 13.22
CA VAL A 63 34.89 37.54 13.60
C VAL A 63 34.76 36.56 14.76
N GLN A 64 34.11 37.01 15.84
CA GLN A 64 33.88 36.17 17.01
C GLN A 64 32.76 35.19 16.67
N VAL A 65 33.13 34.18 15.89
CA VAL A 65 32.17 33.19 15.43
C VAL A 65 31.52 32.50 16.62
N LYS A 66 30.21 32.60 16.71
CA LYS A 66 29.43 31.83 17.67
C LYS A 66 28.75 30.66 16.96
N GLU A 67 28.68 29.53 17.67
CA GLU A 67 28.31 28.26 17.04
C GLU A 67 26.83 28.22 16.72
N ARG A 68 26.48 28.43 15.45
CA ARG A 68 25.21 27.91 14.98
C ARG A 68 25.37 26.97 13.78
N PRO A 69 26.44 26.17 13.73
CA PRO A 69 26.29 24.80 13.21
C PRO A 69 26.49 23.82 14.35
N THR A 70 25.94 22.63 14.25
CA THR A 70 25.06 22.26 13.14
C THR A 70 23.65 22.05 13.67
N ILE A 71 22.68 21.94 12.76
CA ILE A 71 21.40 21.37 13.14
C ILE A 71 21.65 19.89 13.31
N ALA A 72 21.85 19.45 14.56
CA ALA A 72 22.29 18.09 14.80
C ALA A 72 21.21 17.08 14.42
N SER A 73 19.94 17.45 14.57
CA SER A 73 18.86 16.53 14.27
C SER A 73 17.56 17.31 14.10
N ILE A 74 16.51 16.58 13.75
CA ILE A 74 15.16 17.15 13.60
C ILE A 74 14.23 16.28 14.44
N THR A 75 14.04 16.65 15.70
CA THR A 75 13.26 15.85 16.64
C THR A 75 11.81 16.27 16.62
N PHE A 76 10.90 15.30 16.58
CA PHE A 76 9.48 15.56 16.48
C PHE A 76 8.75 14.85 17.63
N SER A 77 7.82 15.56 18.25
CA SER A 77 7.15 15.10 19.47
C SER A 77 5.73 14.68 19.14
N GLY A 78 5.56 13.40 18.81
CA GLY A 78 4.24 12.79 18.71
C GLY A 78 3.26 13.50 17.80
N ASN A 79 3.51 13.46 16.50
CA ASN A 79 2.59 14.10 15.56
C ASN A 79 1.24 13.40 15.52
N LYS A 80 1.25 12.07 15.50
CA LYS A 80 0.04 11.25 15.63
C LYS A 80 -0.90 11.38 14.45
N SER A 81 -0.62 12.29 13.54
CA SER A 81 -1.52 12.49 12.42
C SER A 81 -0.81 12.51 11.08
N VAL A 82 0.39 13.08 11.01
CA VAL A 82 1.12 13.27 9.77
C VAL A 82 2.45 12.54 9.87
N LYS A 83 2.81 11.83 8.81
CA LYS A 83 4.09 11.12 8.79
C LYS A 83 5.24 12.11 8.82
N ASP A 84 6.24 11.80 9.65
CA ASP A 84 7.37 12.71 9.84
C ASP A 84 8.03 13.10 8.53
N ASP A 85 7.90 12.28 7.49
CA ASP A 85 8.45 12.64 6.19
C ASP A 85 7.82 13.92 5.67
N MET A 86 6.49 14.04 5.78
CA MET A 86 5.82 15.26 5.36
C MET A 86 6.33 16.45 6.17
N LEU A 87 6.57 16.25 7.46
CA LEU A 87 7.07 17.36 8.28
C LEU A 87 8.48 17.76 7.85
N LYS A 88 9.32 16.79 7.51
CA LYS A 88 10.69 17.15 7.14
C LYS A 88 10.72 17.81 5.76
N GLN A 89 9.86 17.38 4.84
CA GLN A 89 9.83 18.05 3.55
C GLN A 89 9.20 19.44 3.65
N ASN A 90 8.24 19.61 4.56
CA ASN A 90 7.70 20.94 4.81
C ASN A 90 8.72 21.83 5.52
N LEU A 91 9.62 21.23 6.30
CA LEU A 91 10.66 22.00 6.98
C LEU A 91 11.73 22.46 6.00
N GLU A 92 12.25 21.54 5.19
CA GLU A 92 13.18 21.95 4.14
C GLU A 92 12.50 22.90 3.17
N ALA A 93 11.17 22.82 3.04
CA ALA A 93 10.43 23.83 2.31
C ALA A 93 10.57 25.20 2.95
N SER A 94 10.84 25.26 4.25
CA SER A 94 11.01 26.54 4.91
C SER A 94 12.47 27.01 4.90
N GLY A 95 13.42 26.09 5.01
CA GLY A 95 14.80 26.46 4.74
C GLY A 95 15.89 25.97 5.69
N VAL A 96 15.55 25.14 6.67
CA VAL A 96 16.54 24.64 7.63
C VAL A 96 16.46 23.12 7.67
N ARG A 97 17.60 22.47 7.89
CA ARG A 97 17.67 21.02 8.01
C ARG A 97 19.01 20.63 8.62
N VAL A 98 19.21 19.32 8.82
CA VAL A 98 20.46 18.81 9.36
C VAL A 98 21.62 19.23 8.48
N GLY A 99 22.80 19.36 9.07
CA GLY A 99 24.00 19.72 8.35
C GLY A 99 24.10 21.18 7.97
N GLU A 100 23.01 21.93 8.03
CA GLU A 100 23.02 23.35 7.70
C GLU A 100 23.58 24.12 8.89
N SER A 101 23.41 25.43 8.88
CA SER A 101 23.70 26.25 10.05
C SER A 101 22.38 26.83 10.57
N LEU A 102 22.29 26.95 11.90
CA LEU A 102 21.03 27.29 12.55
C LEU A 102 20.52 28.64 12.06
N ASP A 103 19.21 28.84 12.15
CA ASP A 103 18.58 30.12 11.86
C ASP A 103 17.64 30.43 13.02
N ARG A 104 18.15 31.06 14.06
CA ARG A 104 17.35 31.34 15.24
C ARG A 104 16.19 32.27 14.92
N THR A 105 16.33 33.09 13.89
CA THR A 105 15.35 34.12 13.57
C THR A 105 14.22 33.62 12.67
N THR A 106 13.98 32.31 12.62
CA THR A 106 12.94 31.77 11.75
C THR A 106 12.07 30.72 12.42
N ILE A 107 12.45 30.24 13.62
CA ILE A 107 11.77 29.11 14.26
C ILE A 107 10.27 29.36 14.40
N ALA A 108 9.89 30.57 14.82
CA ALA A 108 8.48 30.89 14.96
C ALA A 108 7.75 30.73 13.64
N ASP A 109 8.33 31.25 12.55
CA ASP A 109 7.67 31.16 11.26
C ASP A 109 7.62 29.72 10.75
N ILE A 110 8.63 28.92 11.06
CA ILE A 110 8.58 27.51 10.71
C ILE A 110 7.41 26.83 11.42
N GLU A 111 7.29 27.08 12.73
CA GLU A 111 6.16 26.56 13.48
C GLU A 111 4.85 27.02 12.87
N LYS A 112 4.80 28.26 12.39
CA LYS A 112 3.59 28.76 11.76
C LYS A 112 3.30 28.01 10.47
N GLY A 113 4.34 27.67 9.71
CA GLY A 113 4.14 26.84 8.53
C GLY A 113 3.55 25.48 8.89
N LEU A 114 3.98 24.93 10.02
CA LEU A 114 3.35 23.71 10.52
C LEU A 114 1.87 23.95 10.82
N GLU A 115 1.56 25.09 11.45
CA GLU A 115 0.17 25.46 11.66
C GLU A 115 -0.61 25.48 10.36
N ASP A 116 -0.01 26.04 9.30
CA ASP A 116 -0.70 26.11 8.01
C ASP A 116 -0.96 24.72 7.46
N PHE A 117 0.05 23.85 7.49
CA PHE A 117 -0.18 22.48 7.06
C PHE A 117 -1.32 21.83 7.83
N TYR A 118 -1.42 22.13 9.13
CA TYR A 118 -2.49 21.53 9.92
C TYR A 118 -3.85 22.10 9.55
N TYR A 119 -3.92 23.41 9.29
CA TYR A 119 -5.14 23.97 8.75
C TYR A 119 -5.53 23.27 7.46
N SER A 120 -4.54 22.84 6.69
CA SER A 120 -4.82 22.20 5.42
C SER A 120 -5.45 20.82 5.60
N VAL A 121 -5.23 20.17 6.74
CA VAL A 121 -5.70 18.79 6.92
C VAL A 121 -7.02 18.72 7.67
N GLY A 122 -7.62 19.86 8.02
CA GLY A 122 -8.89 19.87 8.72
C GLY A 122 -8.78 19.83 10.22
N LYS A 123 -7.63 20.17 10.79
CA LYS A 123 -7.39 20.12 12.22
C LYS A 123 -6.77 21.46 12.61
N TYR A 124 -7.59 22.34 13.20
CA TYR A 124 -7.24 23.75 13.26
C TYR A 124 -6.45 24.11 14.51
N SER A 125 -6.93 23.70 15.68
CA SER A 125 -6.23 24.05 16.90
C SER A 125 -4.89 23.33 16.97
N ALA A 126 -3.80 24.07 16.88
CA ALA A 126 -2.48 23.46 16.83
C ALA A 126 -1.42 24.50 17.23
N SER A 127 -0.47 24.07 18.05
CA SER A 127 0.64 24.90 18.45
C SER A 127 1.90 24.05 18.54
N VAL A 128 3.02 24.63 18.12
CA VAL A 128 4.28 23.91 18.01
C VAL A 128 5.41 24.84 18.44
N LYS A 129 6.29 24.34 19.30
CA LYS A 129 7.40 25.11 19.84
C LYS A 129 8.72 24.45 19.47
N ALA A 130 9.78 25.24 19.45
CA ALA A 130 11.12 24.75 19.14
C ALA A 130 12.02 24.88 20.35
N VAL A 131 12.83 23.85 20.61
CA VAL A 131 13.74 23.81 21.74
C VAL A 131 15.12 23.41 21.26
N VAL A 132 16.15 24.05 21.80
CA VAL A 132 17.55 23.79 21.43
C VAL A 132 18.23 23.07 22.59
N THR A 133 19.19 22.20 22.24
CA THR A 133 19.87 21.35 23.22
C THR A 133 21.37 21.32 22.93
N PRO A 134 22.23 21.43 23.94
CA PRO A 134 23.67 21.37 23.71
C PRO A 134 24.19 19.95 23.55
N LEU A 135 25.24 19.83 22.75
CA LEU A 135 25.91 18.55 22.50
C LEU A 135 27.37 18.85 22.22
N PRO A 136 28.25 17.81 22.21
CA PRO A 136 29.70 18.05 22.10
C PRO A 136 30.15 18.94 20.95
N ARG A 137 30.65 20.12 21.33
CA ARG A 137 31.59 21.00 20.65
C ARG A 137 31.11 21.55 19.31
N ASN A 138 30.04 21.00 18.74
CA ASN A 138 29.33 21.73 17.69
C ASN A 138 27.82 21.54 17.71
N ARG A 139 27.31 20.42 18.20
CA ARG A 139 25.95 20.02 17.90
C ARG A 139 24.96 20.73 18.82
N VAL A 140 23.94 21.32 18.21
CA VAL A 140 22.78 21.86 18.90
C VAL A 140 21.56 21.60 18.02
N ASP A 141 20.67 20.75 18.48
CA ASP A 141 19.53 20.29 17.68
C ASP A 141 18.29 21.09 18.01
N LEU A 142 17.30 20.99 17.13
CA LEU A 142 16.01 21.64 17.30
C LEU A 142 14.93 20.57 17.31
N LYS A 143 14.24 20.45 18.44
CA LYS A 143 13.07 19.59 18.53
C LYS A 143 11.82 20.44 18.34
N LEU A 144 10.74 19.80 17.90
CA LEU A 144 9.49 20.48 17.61
C LEU A 144 8.42 19.99 18.58
N VAL A 145 8.12 20.81 19.58
CA VAL A 145 6.99 20.55 20.45
C VAL A 145 5.73 20.51 19.59
N PHE A 146 4.72 19.77 20.05
CA PHE A 146 3.48 19.60 19.29
C PHE A 146 2.29 19.59 20.23
N GLN A 147 1.19 20.21 19.78
CA GLN A 147 -0.09 20.19 20.48
C GLN A 147 -1.18 20.22 19.43
N GLU A 148 -1.83 19.09 19.20
CA GLU A 148 -2.75 18.91 18.08
C GLU A 148 -4.16 18.76 18.62
N GLY A 149 -4.99 19.78 18.43
CA GLY A 149 -6.23 19.85 19.18
C GLY A 149 -7.30 18.84 18.83
N VAL A 150 -7.96 19.02 17.68
CA VAL A 150 -8.98 18.08 17.23
C VAL A 150 -9.36 18.40 15.79
N SER A 151 -9.72 17.38 15.03
CA SER A 151 -10.24 17.61 13.69
C SER A 151 -11.66 18.14 13.78
N ALA A 152 -11.93 19.23 13.08
CA ALA A 152 -13.25 19.85 13.11
C ALA A 152 -14.29 18.93 12.49
N GLU A 153 -15.55 19.32 12.62
CA GLU A 153 -16.66 18.45 12.25
C GLU A 153 -17.70 19.25 11.49
N ILE A 154 -18.03 18.80 10.28
CA ILE A 154 -19.05 19.46 9.47
C ILE A 154 -20.38 19.31 10.19
N GLN A 155 -20.94 20.42 10.64
CA GLN A 155 -22.20 20.33 11.35
C GLN A 155 -23.38 20.26 10.40
N GLN A 156 -23.36 21.03 9.32
CA GLN A 156 -24.56 21.21 8.52
C GLN A 156 -24.21 21.64 7.11
N ILE A 157 -24.49 20.80 6.14
CA ILE A 157 -24.31 21.13 4.73
C ILE A 157 -25.63 21.73 4.25
N ASN A 158 -25.78 23.02 4.41
CA ASN A 158 -27.00 23.68 4.00
C ASN A 158 -27.07 23.77 2.48
N ILE A 159 -28.23 24.15 1.97
CA ILE A 159 -28.44 24.55 0.59
C ILE A 159 -29.57 25.56 0.58
N VAL A 160 -29.39 26.65 -0.15
CA VAL A 160 -30.42 27.67 -0.23
C VAL A 160 -30.84 27.81 -1.69
N GLY A 161 -32.06 28.26 -1.91
CA GLY A 161 -32.57 28.54 -3.23
C GLY A 161 -33.24 27.37 -3.89
N ASN A 162 -32.85 26.14 -3.57
CA ASN A 162 -33.42 24.99 -4.25
C ASN A 162 -34.90 24.88 -3.95
N HIS A 163 -35.74 25.05 -4.96
CA HIS A 163 -37.16 24.82 -4.84
C HIS A 163 -37.61 23.56 -5.56
N ALA A 164 -36.77 22.98 -6.40
CA ALA A 164 -37.14 21.82 -7.19
C ALA A 164 -36.95 20.52 -6.43
N PHE A 165 -35.73 20.24 -6.01
CA PHE A 165 -35.40 18.97 -5.39
C PHE A 165 -35.19 19.16 -3.89
N THR A 166 -35.41 18.08 -3.14
CA THR A 166 -35.26 18.16 -1.70
C THR A 166 -33.79 18.22 -1.31
N THR A 167 -33.53 18.85 -0.17
CA THR A 167 -32.16 19.09 0.25
C THR A 167 -31.46 17.78 0.60
N ASP A 168 -32.12 16.91 1.36
CA ASP A 168 -31.49 15.67 1.80
C ASP A 168 -31.02 14.82 0.62
N GLU A 169 -31.73 14.87 -0.50
CA GLU A 169 -31.30 14.16 -1.69
C GLU A 169 -29.90 14.60 -2.10
N LEU A 170 -29.73 15.90 -2.32
CA LEU A 170 -28.43 16.42 -2.71
C LEU A 170 -27.38 16.10 -1.67
N ILE A 171 -27.72 16.29 -0.37
CA ILE A 171 -26.78 15.95 0.69
C ILE A 171 -26.29 14.53 0.53
N SER A 172 -27.21 13.60 0.29
CA SER A 172 -26.83 12.19 0.18
C SER A 172 -25.92 11.97 -1.02
N HIS A 173 -26.30 12.51 -2.17
CA HIS A 173 -25.46 12.29 -3.35
C HIS A 173 -24.12 12.99 -3.26
N PHE A 174 -23.89 13.82 -2.25
CA PHE A 174 -22.59 14.45 -2.07
C PHE A 174 -21.52 13.40 -1.76
N GLN A 175 -20.28 13.86 -1.73
CA GLN A 175 -19.17 13.04 -1.27
C GLN A 175 -18.90 13.27 0.22
N LEU A 176 -19.32 14.40 0.75
CA LEU A 176 -19.23 14.68 2.17
C LEU A 176 -20.54 14.35 2.87
N ARG A 177 -20.46 14.13 4.18
CA ARG A 177 -21.63 13.77 4.97
C ARG A 177 -21.58 14.50 6.30
N ASP A 178 -22.74 14.93 6.78
CA ASP A 178 -22.87 15.50 8.10
C ASP A 178 -23.53 14.56 9.10
N GLU A 179 -24.18 13.50 8.62
CA GLU A 179 -24.85 12.53 9.49
C GLU A 179 -24.50 11.14 8.98
N VAL A 180 -23.69 10.42 9.75
CA VAL A 180 -23.27 9.07 9.37
C VAL A 180 -24.02 8.06 10.23
N PRO A 181 -24.60 7.02 9.62
CA PRO A 181 -25.34 6.02 10.40
C PRO A 181 -24.40 5.16 11.24
N TRP A 182 -24.70 5.03 12.53
CA TRP A 182 -23.94 4.14 13.40
C TRP A 182 -23.94 2.72 12.85
N TRP A 183 -25.12 2.12 12.73
CA TRP A 183 -25.27 0.77 12.21
C TRP A 183 -24.75 0.63 10.79
N ASN A 184 -24.48 1.74 10.10
CA ASN A 184 -23.96 1.70 8.73
C ASN A 184 -22.82 2.69 8.59
N VAL A 185 -21.85 2.64 9.50
CA VAL A 185 -20.72 3.56 9.44
C VAL A 185 -20.04 3.45 8.09
N VAL A 186 -20.02 4.56 7.35
CA VAL A 186 -19.32 4.63 6.07
C VAL A 186 -18.13 5.58 6.13
N GLY A 187 -18.39 6.87 6.40
CA GLY A 187 -17.35 7.88 6.44
C GLY A 187 -17.44 8.69 7.69
N ASP A 188 -16.50 9.62 7.85
CA ASP A 188 -16.41 10.43 9.05
C ASP A 188 -16.55 11.91 8.71
N ARG A 189 -17.10 12.66 9.65
CA ARG A 189 -17.42 14.07 9.44
C ARG A 189 -16.13 14.89 9.57
N LYS A 190 -15.33 14.86 8.51
CA LYS A 190 -14.11 15.65 8.44
C LYS A 190 -14.01 16.28 7.06
N TYR A 191 -13.48 17.48 7.01
CA TYR A 191 -13.64 18.37 5.86
C TYR A 191 -12.31 18.65 5.19
N GLN A 192 -12.34 18.75 3.86
CA GLN A 192 -11.14 18.92 3.04
C GLN A 192 -11.51 19.66 1.75
N LYS A 193 -10.75 20.69 1.42
CA LYS A 193 -11.12 21.57 0.31
C LYS A 193 -11.27 20.81 -1.00
N GLN A 194 -10.42 19.81 -1.22
CA GLN A 194 -10.54 19.00 -2.42
C GLN A 194 -11.92 18.35 -2.50
N LYS A 195 -12.35 17.75 -1.40
CA LYS A 195 -13.69 17.18 -1.36
C LYS A 195 -14.75 18.24 -1.63
N LEU A 196 -14.51 19.47 -1.17
CA LEU A 196 -15.49 20.53 -1.40
C LEU A 196 -15.62 20.84 -2.89
N ALA A 197 -14.50 21.02 -3.57
CA ALA A 197 -14.55 21.28 -5.00
C ALA A 197 -15.21 20.12 -5.74
N GLY A 198 -14.83 18.89 -5.40
CA GLY A 198 -15.46 17.75 -6.02
C GLY A 198 -16.95 17.72 -5.80
N ASP A 199 -17.39 18.06 -4.59
CA ASP A 199 -18.81 18.08 -4.29
C ASP A 199 -19.53 19.15 -5.10
N LEU A 200 -18.93 20.32 -5.23
CA LEU A 200 -19.51 21.34 -6.10
C LEU A 200 -19.68 20.79 -7.51
N GLU A 201 -18.67 20.10 -8.02
CA GLU A 201 -18.79 19.51 -9.34
C GLU A 201 -19.94 18.53 -9.40
N THR A 202 -20.07 17.69 -8.37
CA THR A 202 -21.12 16.67 -8.38
C THR A 202 -22.50 17.31 -8.39
N LEU A 203 -22.71 18.30 -7.52
CA LEU A 203 -23.99 18.99 -7.48
C LEU A 203 -24.28 19.68 -8.81
N ARG A 204 -23.28 20.34 -9.38
CA ARG A 204 -23.49 21.00 -10.65
C ARG A 204 -23.88 20.01 -11.73
N SER A 205 -23.21 18.86 -11.76
CA SER A 205 -23.58 17.82 -12.70
C SER A 205 -25.00 17.36 -12.45
N TYR A 206 -25.36 17.20 -11.19
CA TYR A 206 -26.67 16.66 -10.85
C TYR A 206 -27.77 17.57 -11.34
N TYR A 207 -27.61 18.88 -11.17
CA TYR A 207 -28.60 19.77 -11.76
C TYR A 207 -28.50 19.83 -13.28
N LEU A 208 -27.28 19.78 -13.84
CA LEU A 208 -27.14 19.88 -15.27
C LEU A 208 -27.94 18.80 -15.96
N ASP A 209 -27.73 17.55 -15.57
CA ASP A 209 -28.40 16.46 -16.28
C ASP A 209 -29.85 16.31 -15.82
N ARG A 210 -30.60 17.41 -15.82
CA ARG A 210 -32.03 17.33 -15.56
C ARG A 210 -32.86 18.21 -16.47
N GLY A 211 -32.24 19.00 -17.34
CA GLY A 211 -32.92 19.99 -18.16
C GLY A 211 -32.56 21.41 -17.77
N TYR A 212 -32.17 21.63 -16.51
CA TYR A 212 -31.85 22.95 -16.04
C TYR A 212 -30.52 23.41 -16.61
N ALA A 213 -30.49 23.68 -17.90
CA ALA A 213 -29.21 23.92 -18.57
C ALA A 213 -28.57 25.22 -18.11
N ARG A 214 -29.35 26.16 -17.59
CA ARG A 214 -28.78 27.44 -17.20
C ARG A 214 -28.35 27.47 -15.74
N PHE A 215 -28.61 26.42 -15.00
CA PHE A 215 -28.23 26.38 -13.58
C PHE A 215 -26.78 26.75 -13.40
N ASN A 216 -26.48 27.40 -12.28
CA ASN A 216 -25.10 27.70 -11.94
C ASN A 216 -24.99 27.97 -10.44
N ILE A 217 -23.86 27.58 -9.87
CA ILE A 217 -23.54 28.00 -8.51
C ILE A 217 -23.37 29.50 -8.48
N ASP A 218 -23.78 30.12 -7.38
CA ASP A 218 -23.72 31.56 -7.26
C ASP A 218 -22.61 32.03 -6.35
N SER A 219 -22.39 31.34 -5.25
CA SER A 219 -21.30 31.64 -4.33
C SER A 219 -21.00 30.38 -3.53
N THR A 220 -20.23 30.54 -2.47
CA THR A 220 -19.97 29.45 -1.54
C THR A 220 -19.37 30.04 -0.29
N GLN A 221 -19.75 29.51 0.86
CA GLN A 221 -19.28 30.04 2.12
C GLN A 221 -19.08 28.91 3.10
N VAL A 222 -17.95 28.94 3.79
CA VAL A 222 -17.60 27.91 4.76
C VAL A 222 -17.12 28.63 6.02
N SER A 223 -17.99 28.69 7.02
CA SER A 223 -17.68 29.40 8.25
C SER A 223 -17.01 28.46 9.25
N LEU A 224 -16.36 29.05 10.22
CA LEU A 224 -15.71 28.30 11.29
C LEU A 224 -16.44 28.62 12.59
N THR A 225 -17.10 27.62 13.15
CA THR A 225 -17.73 27.74 14.45
C THR A 225 -16.75 28.35 15.43
N PRO A 226 -17.08 29.42 16.08
CA PRO A 226 -16.10 30.19 16.85
C PRO A 226 -15.65 29.44 18.10
N ASP A 227 -15.31 28.17 17.92
CA ASP A 227 -14.89 27.28 18.98
C ASP A 227 -13.74 26.40 18.51
N LYS A 228 -13.19 26.70 17.33
CA LYS A 228 -12.21 25.85 16.69
C LYS A 228 -12.72 24.43 16.50
N LYS A 229 -14.04 24.26 16.46
CA LYS A 229 -14.63 22.94 16.54
C LYS A 229 -15.46 22.58 15.32
N GLY A 230 -16.27 23.50 14.82
CA GLY A 230 -17.26 23.13 13.83
C GLY A 230 -17.20 23.88 12.51
N ILE A 231 -17.75 23.25 11.48
CA ILE A 231 -17.75 23.79 10.12
C ILE A 231 -19.18 23.92 9.66
N TYR A 232 -19.51 25.08 9.12
CA TYR A 232 -20.79 25.29 8.46
C TYR A 232 -20.54 25.58 7.00
N VAL A 233 -21.32 24.95 6.12
CA VAL A 233 -21.11 25.06 4.68
C VAL A 233 -22.44 25.38 4.03
N THR A 234 -22.49 26.50 3.32
CA THR A 234 -23.69 26.93 2.63
C THR A 234 -23.39 27.08 1.15
N VAL A 235 -24.38 26.79 0.31
CA VAL A 235 -24.21 26.80 -1.13
C VAL A 235 -25.44 27.46 -1.74
N ASN A 236 -25.24 28.48 -2.56
CA ASN A 236 -26.33 29.26 -3.13
C ASN A 236 -26.44 28.99 -4.62
N ILE A 237 -27.65 28.70 -5.09
CA ILE A 237 -27.87 28.22 -6.43
C ILE A 237 -29.01 29.00 -7.08
N THR A 238 -29.26 28.69 -8.35
CA THR A 238 -30.34 29.33 -9.12
C THR A 238 -30.79 28.32 -10.16
N GLU A 239 -31.91 27.63 -9.88
CA GLU A 239 -32.33 26.47 -10.65
C GLU A 239 -32.55 26.82 -12.12
N GLY A 240 -33.54 27.64 -12.41
CA GLY A 240 -33.64 28.26 -13.72
C GLY A 240 -34.33 27.54 -14.86
N ASP A 241 -35.52 26.99 -14.63
CA ASP A 241 -36.48 26.72 -15.70
C ASP A 241 -35.91 25.80 -16.78
N GLN A 242 -35.77 24.53 -16.42
CA GLN A 242 -35.27 23.49 -17.33
C GLN A 242 -35.79 23.63 -18.76
N TYR A 243 -34.93 23.33 -19.75
CA TYR A 243 -35.28 23.45 -21.15
C TYR A 243 -35.43 22.07 -21.78
N LYS A 244 -35.83 22.07 -23.05
CA LYS A 244 -35.99 20.86 -23.84
C LYS A 244 -35.06 20.89 -25.04
N LEU A 245 -34.69 19.72 -25.53
CA LEU A 245 -33.79 19.64 -26.68
C LEU A 245 -34.58 19.60 -27.98
N SER A 246 -34.02 20.24 -29.00
CA SER A 246 -34.73 20.46 -30.26
C SER A 246 -34.19 19.62 -31.41
N GLY A 247 -32.88 19.67 -31.66
CA GLY A 247 -32.32 18.87 -32.75
C GLY A 247 -30.82 19.01 -32.93
N VAL A 248 -30.14 17.88 -33.09
CA VAL A 248 -28.69 17.88 -33.28
C VAL A 248 -28.34 18.42 -34.65
N GLU A 249 -27.22 19.12 -34.74
CA GLU A 249 -26.74 19.70 -35.99
C GLU A 249 -25.27 19.39 -36.22
N VAL A 250 -24.88 18.13 -36.08
CA VAL A 250 -23.48 17.76 -36.26
C VAL A 250 -23.00 18.22 -37.63
N SER A 251 -21.83 18.85 -37.66
CA SER A 251 -21.34 19.45 -38.88
C SER A 251 -19.84 19.59 -38.83
N GLY A 252 -19.21 19.56 -40.00
CA GLY A 252 -17.77 19.67 -40.09
C GLY A 252 -17.18 18.81 -41.18
N ASN A 253 -16.05 18.17 -40.90
CA ASN A 253 -15.41 17.26 -41.85
C ASN A 253 -15.44 15.86 -41.25
N LEU A 254 -16.24 14.98 -41.85
CA LEU A 254 -16.49 13.67 -41.26
C LEU A 254 -15.52 12.61 -41.74
N ALA A 255 -14.97 12.77 -42.93
CA ALA A 255 -14.29 11.69 -43.64
C ALA A 255 -15.20 10.47 -43.77
N GLY A 256 -16.30 10.68 -44.49
CA GLY A 256 -17.19 9.62 -44.92
C GLY A 256 -17.63 8.62 -43.86
N HIS A 257 -18.29 9.11 -42.82
CA HIS A 257 -18.88 8.23 -41.81
C HIS A 257 -20.22 8.80 -41.36
N SER A 258 -20.87 9.55 -42.24
CA SER A 258 -22.10 10.24 -41.88
C SER A 258 -23.11 9.31 -41.22
N ALA A 259 -23.21 8.09 -41.73
CA ALA A 259 -24.34 7.22 -41.38
C ALA A 259 -24.34 6.90 -39.89
N GLU A 260 -23.31 6.20 -39.41
CA GLU A 260 -23.30 5.76 -38.02
C GLU A 260 -23.22 6.94 -37.07
N ILE A 261 -22.69 8.06 -37.52
CA ILE A 261 -22.74 9.28 -36.72
C ILE A 261 -24.19 9.69 -36.50
N GLU A 262 -24.96 9.79 -37.59
CA GLU A 262 -26.39 10.03 -37.46
C GLU A 262 -27.01 9.05 -36.48
N GLN A 263 -26.69 7.76 -36.64
CA GLN A 263 -27.25 6.78 -35.72
C GLN A 263 -26.73 6.91 -34.30
N LEU A 264 -25.73 7.77 -34.07
CA LEU A 264 -25.33 8.11 -32.70
C LEU A 264 -25.79 9.49 -32.30
N THR A 265 -26.65 10.13 -33.10
CA THR A 265 -27.22 11.43 -32.78
C THR A 265 -28.73 11.36 -32.85
N LYS A 266 -29.30 10.34 -32.21
CA LYS A 266 -30.74 10.12 -32.20
C LYS A 266 -31.32 10.67 -30.90
N ILE A 267 -32.23 11.63 -31.04
CA ILE A 267 -32.90 12.24 -29.91
C ILE A 267 -34.39 12.29 -30.20
N GLU A 268 -35.18 11.68 -29.34
CA GLU A 268 -36.62 11.74 -29.49
C GLU A 268 -37.07 13.20 -29.46
N PRO A 269 -37.69 13.71 -30.51
CA PRO A 269 -38.10 15.12 -30.53
C PRO A 269 -38.96 15.50 -29.33
N GLY A 270 -38.43 16.36 -28.48
CA GLY A 270 -39.08 16.70 -27.22
C GLY A 270 -38.40 16.15 -25.99
N GLU A 271 -37.20 15.60 -26.12
CA GLU A 271 -36.49 15.09 -24.96
C GLU A 271 -35.86 16.24 -24.17
N LEU A 272 -35.96 16.15 -22.85
CA LEU A 272 -35.29 17.09 -21.98
C LEU A 272 -33.80 17.12 -22.22
N TYR A 273 -33.18 18.28 -22.01
CA TYR A 273 -31.73 18.37 -22.05
C TYR A 273 -31.13 17.36 -21.09
N ASN A 274 -29.95 16.85 -21.44
CA ASN A 274 -29.27 15.91 -20.56
C ASN A 274 -27.77 16.07 -20.78
N GLY A 275 -27.12 16.85 -19.90
CA GLY A 275 -25.70 17.14 -20.10
C GLY A 275 -24.85 15.90 -20.23
N THR A 276 -25.03 14.94 -19.33
CA THR A 276 -24.23 13.73 -19.40
C THR A 276 -24.45 13.00 -20.70
N LYS A 277 -25.66 13.05 -21.25
CA LYS A 277 -25.86 12.41 -22.55
C LYS A 277 -25.18 13.19 -23.67
N VAL A 278 -25.06 14.51 -23.52
CA VAL A 278 -24.30 15.28 -24.49
C VAL A 278 -22.84 14.84 -24.48
N THR A 279 -22.24 14.78 -23.30
CA THR A 279 -20.83 14.40 -23.27
C THR A 279 -20.64 12.94 -23.68
N LYS A 280 -21.64 12.08 -23.44
CA LYS A 280 -21.49 10.69 -23.86
C LYS A 280 -21.60 10.57 -25.38
N MET A 281 -22.54 11.28 -26.00
CA MET A 281 -22.62 11.29 -27.45
C MET A 281 -21.33 11.83 -28.05
N GLU A 282 -20.79 12.89 -27.46
CA GLU A 282 -19.53 13.44 -27.96
C GLU A 282 -18.42 12.40 -27.87
N ASP A 283 -18.29 11.74 -26.72
CA ASP A 283 -17.25 10.75 -26.57
C ASP A 283 -17.46 9.57 -27.51
N ASP A 284 -18.70 9.23 -27.80
CA ASP A 284 -18.95 8.13 -28.72
C ASP A 284 -18.51 8.49 -30.14
N ILE A 285 -18.75 9.74 -30.55
CA ILE A 285 -18.20 10.18 -31.83
C ILE A 285 -16.68 10.07 -31.81
N LYS A 286 -16.05 10.55 -30.74
CA LYS A 286 -14.60 10.44 -30.65
C LYS A 286 -14.14 9.00 -30.86
N LYS A 287 -14.76 8.07 -30.13
CA LYS A 287 -14.31 6.68 -30.20
C LYS A 287 -14.58 6.06 -31.56
N LEU A 288 -15.76 6.30 -32.12
CA LEU A 288 -16.07 5.81 -33.46
C LEU A 288 -15.01 6.23 -34.45
N LEU A 289 -14.72 7.53 -34.51
CA LEU A 289 -13.63 7.95 -35.38
C LEU A 289 -12.31 7.34 -34.96
N GLY A 290 -12.17 6.98 -33.69
CA GLY A 290 -10.97 6.33 -33.23
C GLY A 290 -10.87 4.86 -33.55
N ARG A 291 -11.89 4.29 -34.17
CA ARG A 291 -11.79 2.91 -34.57
C ARG A 291 -11.22 2.78 -35.97
N TYR A 292 -11.78 3.50 -36.94
CA TYR A 292 -11.33 3.40 -38.32
C TYR A 292 -9.93 3.96 -38.54
N GLY A 293 -9.29 4.48 -37.51
CA GLY A 293 -7.93 4.93 -37.66
C GLY A 293 -7.67 6.33 -37.15
N TYR A 294 -8.61 7.24 -37.32
CA TYR A 294 -8.35 8.60 -36.86
C TYR A 294 -8.36 8.59 -35.35
N ALA A 295 -7.19 8.42 -34.74
CA ALA A 295 -7.14 8.28 -33.30
C ALA A 295 -7.10 9.59 -32.55
N TYR A 296 -6.67 10.67 -33.19
CA TYR A 296 -6.52 11.97 -32.53
C TYR A 296 -7.39 13.02 -33.22
N PRO A 297 -8.71 12.90 -33.15
CA PRO A 297 -9.57 13.98 -33.63
C PRO A 297 -9.94 14.90 -32.48
N ARG A 298 -10.46 16.07 -32.84
CA ARG A 298 -10.93 17.03 -31.87
C ARG A 298 -12.39 17.31 -32.15
N VAL A 299 -13.22 17.21 -31.11
CA VAL A 299 -14.66 17.32 -31.26
C VAL A 299 -15.18 18.21 -30.15
N GLN A 300 -15.87 19.29 -30.50
CA GLN A 300 -16.43 20.22 -29.54
C GLN A 300 -17.94 20.24 -29.67
N SER A 301 -18.61 20.17 -28.53
CA SER A 301 -20.04 20.41 -28.45
C SER A 301 -20.27 21.86 -28.03
N MET A 302 -21.46 22.35 -28.30
CA MET A 302 -21.76 23.74 -27.99
C MET A 302 -23.26 23.91 -27.86
N PRO A 303 -23.81 23.79 -26.68
CA PRO A 303 -25.27 23.86 -26.53
C PRO A 303 -25.80 25.26 -26.75
N GLU A 304 -25.92 25.67 -28.01
CA GLU A 304 -26.56 26.93 -28.32
C GLU A 304 -27.97 26.94 -27.78
N ILE A 305 -28.24 27.87 -26.88
CA ILE A 305 -29.48 27.91 -26.11
C ILE A 305 -30.44 28.90 -26.75
N ASN A 306 -31.71 28.83 -26.36
CA ASN A 306 -32.72 29.77 -26.81
C ASN A 306 -33.68 30.01 -25.66
N ASP A 307 -33.44 31.06 -24.88
CA ASP A 307 -34.24 31.34 -23.70
C ASP A 307 -35.65 31.82 -24.03
N ALA A 308 -35.90 32.23 -25.28
CA ALA A 308 -37.22 32.75 -25.63
C ALA A 308 -38.30 31.71 -25.43
N ASP A 309 -38.26 30.64 -26.22
CA ASP A 309 -39.16 29.51 -26.03
C ASP A 309 -38.66 28.54 -24.99
N LYS A 310 -37.41 28.68 -24.58
CA LYS A 310 -36.76 27.79 -23.61
C LYS A 310 -36.66 26.36 -24.15
N THR A 311 -36.01 26.26 -25.30
CA THR A 311 -35.55 24.98 -25.85
C THR A 311 -34.14 25.18 -26.39
N VAL A 312 -33.43 24.08 -26.59
CA VAL A 312 -32.00 24.13 -26.87
C VAL A 312 -31.68 23.30 -28.10
N LYS A 313 -30.61 23.69 -28.80
CA LYS A 313 -30.11 23.01 -29.99
C LYS A 313 -28.62 22.79 -29.87
N LEU A 314 -28.14 21.66 -30.36
CA LEU A 314 -26.76 21.23 -30.19
C LEU A 314 -26.01 21.33 -31.52
N ARG A 315 -25.08 22.25 -31.60
CA ARG A 315 -24.10 22.20 -32.68
C ARG A 315 -22.93 21.33 -32.25
N VAL A 316 -22.31 20.68 -33.22
CA VAL A 316 -21.20 19.77 -32.96
C VAL A 316 -20.17 19.93 -34.06
N ASN A 317 -18.90 19.96 -33.68
CA ASN A 317 -17.80 20.09 -34.63
C ASN A 317 -16.90 18.87 -34.53
N VAL A 318 -16.40 18.39 -35.67
CA VAL A 318 -15.53 17.22 -35.71
C VAL A 318 -14.39 17.47 -36.69
N ASP A 319 -13.27 16.80 -36.45
CA ASP A 319 -12.08 16.95 -37.27
C ASP A 319 -11.46 15.60 -37.59
N ALA A 320 -10.67 15.56 -38.66
CA ALA A 320 -10.23 14.28 -39.21
C ALA A 320 -8.99 13.73 -38.50
N GLY A 321 -7.85 14.41 -38.63
CA GLY A 321 -6.59 13.80 -38.26
C GLY A 321 -6.02 12.91 -39.35
N ASN A 322 -5.21 11.91 -39.00
CA ASN A 322 -4.63 10.99 -39.97
C ASN A 322 -4.46 9.61 -39.31
N ARG A 323 -3.87 8.67 -40.05
CA ARG A 323 -4.19 7.26 -39.80
C ARG A 323 -3.05 6.38 -39.30
N PHE A 324 -1.97 6.17 -40.07
CA PHE A 324 -1.25 4.90 -39.99
C PHE A 324 -0.39 4.78 -38.77
N TYR A 325 -0.99 4.98 -37.62
CA TYR A 325 -0.20 5.51 -36.53
C TYR A 325 0.84 4.50 -36.02
N VAL A 326 0.58 3.20 -36.12
CA VAL A 326 1.49 2.25 -35.48
C VAL A 326 2.69 2.01 -36.39
N ARG A 327 3.88 2.06 -35.81
CA ARG A 327 5.12 1.83 -36.53
C ARG A 327 6.04 0.86 -35.79
N LYS A 328 5.93 0.82 -34.47
CA LYS A 328 6.79 -0.07 -33.69
C LYS A 328 6.21 -0.21 -32.29
N ILE A 329 5.79 -1.41 -31.91
CA ILE A 329 5.17 -1.65 -30.60
C ILE A 329 6.14 -2.41 -29.74
N ARG A 330 6.66 -1.76 -28.72
CA ARG A 330 7.68 -2.34 -27.87
C ARG A 330 7.20 -2.35 -26.44
N PHE A 331 7.72 -3.30 -25.67
CA PHE A 331 7.32 -3.50 -24.29
C PHE A 331 8.41 -3.02 -23.35
N GLU A 332 8.05 -2.85 -22.09
CA GLU A 332 8.98 -2.37 -21.09
C GLU A 332 8.74 -3.08 -19.78
N GLY A 333 9.82 -3.30 -19.04
CA GLY A 333 9.67 -3.87 -17.72
C GLY A 333 9.31 -5.33 -17.68
N ASN A 334 9.52 -6.08 -18.76
CA ASN A 334 9.15 -7.49 -18.78
C ASN A 334 10.35 -8.37 -18.50
N ASP A 335 11.22 -7.96 -17.58
CA ASP A 335 12.59 -8.46 -17.51
C ASP A 335 12.75 -9.95 -17.25
N THR A 336 11.69 -10.70 -17.10
CA THR A 336 11.89 -12.14 -16.94
C THR A 336 11.26 -13.00 -18.02
N SER A 337 10.02 -12.73 -18.41
CA SER A 337 9.33 -13.54 -19.40
C SER A 337 9.63 -13.05 -20.80
N LYS A 338 9.63 -13.98 -21.76
CA LYS A 338 10.07 -13.70 -23.11
C LYS A 338 9.24 -12.60 -23.75
N ASP A 339 9.69 -12.15 -24.92
CA ASP A 339 8.98 -11.12 -25.66
C ASP A 339 7.92 -11.74 -26.57
N ALA A 340 8.22 -12.87 -27.18
CA ALA A 340 7.20 -13.56 -27.96
C ALA A 340 5.99 -13.89 -27.10
N VAL A 341 6.20 -14.17 -25.81
CA VAL A 341 5.06 -14.41 -24.93
C VAL A 341 4.10 -13.25 -24.96
N LEU A 342 4.61 -12.03 -24.95
CA LEU A 342 3.69 -10.91 -24.97
C LEU A 342 3.13 -10.67 -26.36
N ARG A 343 3.97 -10.71 -27.38
CA ARG A 343 3.40 -10.41 -28.70
C ARG A 343 2.45 -11.47 -29.21
N ARG A 344 2.38 -12.64 -28.59
CA ARG A 344 1.38 -13.59 -29.04
C ARG A 344 -0.02 -13.08 -28.80
N GLU A 345 -0.19 -12.13 -27.89
CA GLU A 345 -1.49 -11.66 -27.47
C GLU A 345 -1.66 -10.19 -27.77
N MET A 346 -1.30 -9.79 -28.98
CA MET A 346 -1.50 -8.43 -29.46
C MET A 346 -2.34 -8.49 -30.72
N ARG A 347 -3.57 -8.01 -30.64
CA ARG A 347 -4.42 -8.03 -31.81
C ARG A 347 -4.26 -6.79 -32.67
N GLN A 348 -3.35 -5.89 -32.30
CA GLN A 348 -2.93 -4.79 -33.17
C GLN A 348 -1.49 -5.03 -33.61
N MET A 349 -1.27 -5.11 -34.91
CA MET A 349 0.04 -5.49 -35.43
C MET A 349 0.73 -4.30 -36.07
N GLU A 350 2.07 -4.31 -36.01
CA GLU A 350 2.86 -3.25 -36.59
C GLU A 350 2.48 -3.00 -38.03
N GLY A 351 2.77 -1.81 -38.52
CA GLY A 351 2.47 -1.47 -39.90
C GLY A 351 1.02 -1.63 -40.26
N ALA A 352 0.13 -0.95 -39.55
CA ALA A 352 -1.29 -1.13 -39.77
C ALA A 352 -2.03 0.02 -39.14
N TRP A 353 -3.13 0.43 -39.79
CA TRP A 353 -3.90 1.55 -39.29
C TRP A 353 -4.25 1.35 -37.82
N LEU A 354 -3.92 2.33 -37.01
CA LEU A 354 -4.15 2.26 -35.57
C LEU A 354 -5.61 2.04 -35.27
N GLY A 355 -5.93 0.92 -34.63
CA GLY A 355 -7.27 0.73 -34.12
C GLY A 355 -7.32 0.79 -32.62
N SER A 356 -7.82 1.91 -32.07
CA SER A 356 -7.76 2.11 -30.63
C SER A 356 -8.37 0.94 -29.87
N ASP A 357 -9.55 0.50 -30.31
CA ASP A 357 -10.17 -0.65 -29.66
C ASP A 357 -9.29 -1.89 -29.76
N LEU A 358 -8.51 -2.00 -30.83
CA LEU A 358 -7.64 -3.16 -30.94
C LEU A 358 -6.56 -3.14 -29.87
N VAL A 359 -5.88 -2.00 -29.72
CA VAL A 359 -4.90 -1.87 -28.64
C VAL A 359 -5.54 -2.18 -27.31
N ASP A 360 -6.80 -1.80 -27.13
CA ASP A 360 -7.44 -2.07 -25.85
C ASP A 360 -7.75 -3.55 -25.67
N GLN A 361 -8.14 -4.25 -26.72
CA GLN A 361 -8.23 -5.70 -26.64
C GLN A 361 -6.89 -6.28 -26.21
N GLY A 362 -5.82 -5.71 -26.74
CA GLY A 362 -4.50 -6.11 -26.28
C GLY A 362 -4.38 -6.00 -24.77
N LYS A 363 -4.46 -4.79 -24.26
CA LYS A 363 -4.35 -4.54 -22.83
C LYS A 363 -5.18 -5.54 -22.05
N GLU A 364 -6.42 -5.76 -22.48
CA GLU A 364 -7.28 -6.70 -21.78
C GLU A 364 -6.65 -8.08 -21.72
N ARG A 365 -6.23 -8.61 -22.88
CA ARG A 365 -5.71 -9.97 -22.90
C ARG A 365 -4.47 -10.09 -22.03
N LEU A 366 -3.56 -9.12 -22.16
CA LEU A 366 -2.38 -9.13 -21.31
C LEU A 366 -2.77 -9.23 -19.84
N ASN A 367 -3.81 -8.51 -19.44
CA ASN A 367 -4.30 -8.69 -18.08
C ASN A 367 -4.76 -10.13 -17.85
N ARG A 368 -5.71 -10.58 -18.66
CA ARG A 368 -6.36 -11.87 -18.45
C ARG A 368 -5.41 -13.04 -18.54
N LEU A 369 -4.14 -12.79 -18.87
CA LEU A 369 -3.18 -13.89 -18.91
C LEU A 369 -2.88 -14.38 -17.50
N GLY A 370 -2.51 -13.47 -16.61
CA GLY A 370 -2.25 -13.79 -15.22
C GLY A 370 -0.83 -13.52 -14.77
N PHE A 371 0.15 -13.55 -15.66
CA PHE A 371 1.52 -13.43 -15.24
C PHE A 371 1.86 -12.05 -14.69
N PHE A 372 1.01 -11.05 -14.90
CA PHE A 372 1.41 -9.67 -14.68
C PHE A 372 0.57 -8.99 -13.62
N GLU A 373 1.21 -8.15 -12.82
CA GLU A 373 0.49 -7.44 -11.76
C GLU A 373 -0.34 -6.32 -12.34
N THR A 374 0.28 -5.40 -13.06
CA THR A 374 -0.39 -4.26 -13.65
C THR A 374 0.07 -4.06 -15.08
N VAL A 375 -0.85 -3.60 -15.93
CA VAL A 375 -0.57 -3.37 -17.33
C VAL A 375 -1.07 -1.99 -17.70
N ASP A 376 -0.17 -1.13 -18.17
CA ASP A 376 -0.51 0.26 -18.46
C ASP A 376 -0.21 0.55 -19.92
N THR A 377 -1.25 0.82 -20.69
CA THR A 377 -1.07 1.16 -22.09
C THR A 377 -0.41 2.54 -22.18
N ASP A 378 -0.17 2.97 -23.42
CA ASP A 378 0.41 4.27 -23.69
C ASP A 378 0.34 4.48 -25.20
N THR A 379 0.54 5.72 -25.63
CA THR A 379 0.57 6.04 -27.05
C THR A 379 1.45 7.27 -27.24
N GLN A 380 2.71 7.07 -27.58
CA GLN A 380 3.56 8.19 -27.90
C GLN A 380 3.48 8.48 -29.38
N ARG A 381 3.87 9.70 -29.75
CA ARG A 381 4.05 10.04 -31.15
C ARG A 381 5.53 10.23 -31.43
N VAL A 382 5.93 9.89 -32.65
CA VAL A 382 7.32 10.00 -33.06
C VAL A 382 7.56 11.41 -33.56
N PRO A 383 8.52 12.13 -33.03
CA PRO A 383 8.77 13.49 -33.51
C PRO A 383 9.24 13.47 -34.94
N GLY A 384 9.02 14.59 -35.63
CA GLY A 384 9.39 14.73 -37.01
C GLY A 384 8.39 14.18 -37.99
N SER A 385 7.64 13.14 -37.62
CA SER A 385 6.64 12.62 -38.52
C SER A 385 5.24 13.02 -38.06
N PRO A 386 4.34 13.26 -38.99
CA PRO A 386 3.01 13.75 -38.59
C PRO A 386 2.12 12.67 -37.98
N ASP A 387 2.12 11.47 -38.54
CA ASP A 387 1.06 10.50 -38.30
C ASP A 387 1.61 9.12 -38.01
N GLN A 388 2.56 9.01 -37.09
CA GLN A 388 3.08 7.70 -36.70
C GLN A 388 3.26 7.65 -35.20
N VAL A 389 3.01 6.48 -34.63
CA VAL A 389 2.82 6.30 -33.19
C VAL A 389 3.50 5.01 -32.77
N ASP A 390 4.07 4.99 -31.57
CA ASP A 390 4.73 3.80 -31.04
C ASP A 390 4.04 3.35 -29.77
N VAL A 391 3.07 2.44 -29.90
CA VAL A 391 2.42 1.89 -28.73
C VAL A 391 3.46 1.30 -27.80
N VAL A 392 3.24 1.42 -26.49
CA VAL A 392 4.19 0.94 -25.51
C VAL A 392 3.45 0.47 -24.27
N TYR A 393 3.65 -0.76 -23.86
CA TYR A 393 2.97 -1.30 -22.68
C TYR A 393 3.95 -1.36 -21.52
N LYS A 394 3.70 -0.58 -20.49
CA LYS A 394 4.48 -0.72 -19.26
C LYS A 394 3.90 -1.87 -18.45
N VAL A 395 4.73 -2.88 -18.20
CA VAL A 395 4.28 -4.11 -17.59
C VAL A 395 5.17 -4.42 -16.41
N LYS A 396 4.57 -4.66 -15.25
CA LYS A 396 5.32 -5.02 -14.06
C LYS A 396 4.96 -6.45 -13.66
N GLU A 397 5.96 -7.23 -13.29
CA GLU A 397 5.80 -8.66 -13.16
C GLU A 397 5.13 -9.04 -11.85
N ARG A 398 4.90 -10.34 -11.65
CA ARG A 398 4.44 -10.86 -10.37
C ARG A 398 4.96 -12.27 -10.22
N ASN A 399 4.96 -12.76 -8.99
CA ASN A 399 5.48 -14.10 -8.70
C ASN A 399 4.39 -15.13 -8.92
N THR A 400 4.43 -15.78 -10.08
CA THR A 400 3.58 -16.94 -10.31
C THR A 400 4.23 -18.12 -9.61
N GLY A 401 3.76 -19.32 -9.90
CA GLY A 401 4.37 -20.48 -9.32
C GLY A 401 3.92 -20.69 -7.88
N SER A 402 4.56 -21.66 -7.24
CA SER A 402 4.23 -22.01 -5.87
C SER A 402 5.24 -23.05 -5.39
N PHE A 403 5.17 -23.36 -4.10
CA PHE A 403 5.85 -24.52 -3.56
C PHE A 403 4.99 -24.98 -2.39
N ASN A 404 4.10 -25.92 -2.66
CA ASN A 404 3.13 -26.37 -1.68
C ASN A 404 3.62 -27.68 -1.08
N PHE A 405 3.86 -27.67 0.23
CA PHE A 405 4.24 -28.88 0.93
C PHE A 405 3.46 -28.91 2.23
N GLY A 406 3.84 -29.80 3.12
CA GLY A 406 3.22 -29.92 4.41
C GLY A 406 3.32 -31.35 4.85
N ILE A 407 3.29 -31.56 6.17
CA ILE A 407 3.39 -32.93 6.65
C ILE A 407 2.10 -33.35 7.32
N GLY A 408 1.79 -32.76 8.48
CA GLY A 408 0.66 -33.23 9.26
C GLY A 408 0.82 -34.66 9.71
N TYR A 409 0.02 -35.14 10.65
CA TYR A 409 0.16 -36.55 10.97
C TYR A 409 -1.12 -37.07 11.62
N GLY A 410 -0.99 -38.20 12.32
CA GLY A 410 -2.01 -39.19 12.56
C GLY A 410 -1.40 -40.41 13.23
N THR A 411 -1.57 -41.59 12.65
CA THR A 411 -1.39 -42.88 13.32
C THR A 411 0.07 -43.29 13.49
N GLU A 412 0.64 -42.94 14.65
CA GLU A 412 1.62 -43.69 15.44
C GLU A 412 2.98 -43.95 14.78
N SER A 413 3.33 -43.28 13.69
CA SER A 413 4.69 -43.48 13.16
C SER A 413 5.49 -42.19 13.06
N GLY A 414 4.90 -41.13 12.52
CA GLY A 414 5.61 -39.91 12.20
C GLY A 414 6.00 -39.84 10.73
N VAL A 415 5.03 -40.08 9.85
CA VAL A 415 5.30 -40.14 8.42
C VAL A 415 4.17 -39.43 7.67
N SER A 416 4.54 -38.44 6.86
CA SER A 416 3.66 -37.77 5.91
C SER A 416 4.53 -36.86 5.06
N PHE A 417 4.27 -36.83 3.76
CA PHE A 417 5.23 -36.21 2.85
C PHE A 417 4.61 -35.36 1.75
N GLN A 418 3.36 -34.90 1.89
CA GLN A 418 2.71 -34.17 0.80
C GLN A 418 3.53 -32.97 0.36
N ALA A 419 4.02 -33.00 -0.87
CA ALA A 419 4.81 -31.94 -1.46
C ALA A 419 4.27 -31.62 -2.85
N GLY A 420 4.81 -30.56 -3.45
CA GLY A 420 4.39 -30.25 -4.79
C GLY A 420 4.62 -28.82 -5.25
N VAL A 421 5.06 -28.67 -6.50
CA VAL A 421 5.33 -27.37 -7.09
C VAL A 421 4.52 -27.22 -8.37
N GLN A 422 3.96 -26.04 -8.57
CA GLN A 422 3.15 -25.74 -9.76
C GLN A 422 3.70 -24.45 -10.34
N GLN A 423 4.54 -24.55 -11.37
CA GLN A 423 5.34 -23.40 -11.73
C GLN A 423 4.58 -22.41 -12.60
N ASP A 424 3.88 -22.87 -13.63
CA ASP A 424 2.91 -22.01 -14.30
C ASP A 424 3.52 -20.75 -14.90
N ASN A 425 4.09 -20.83 -16.11
CA ASN A 425 5.03 -19.89 -16.71
C ASN A 425 6.45 -20.11 -16.21
N TRP A 426 6.91 -21.33 -16.43
CA TRP A 426 8.23 -21.84 -16.08
C TRP A 426 9.35 -21.30 -16.95
N LEU A 427 10.14 -20.36 -16.40
CA LEU A 427 11.23 -19.69 -17.10
C LEU A 427 10.73 -18.79 -18.22
N GLY A 428 9.54 -18.25 -18.07
CA GLY A 428 9.04 -17.31 -19.04
C GLY A 428 8.58 -17.90 -20.33
N THR A 429 9.00 -19.10 -20.69
CA THR A 429 8.78 -19.60 -22.03
C THR A 429 7.30 -19.84 -22.31
N GLY A 430 6.44 -19.52 -21.35
CA GLY A 430 5.02 -19.64 -21.54
C GLY A 430 4.44 -20.98 -21.15
N TYR A 431 5.28 -21.99 -20.95
CA TYR A 431 4.80 -23.30 -20.58
C TYR A 431 4.13 -23.23 -19.21
N ALA A 432 3.59 -24.35 -18.77
CA ALA A 432 3.06 -24.45 -17.41
C ALA A 432 3.39 -25.85 -16.91
N VAL A 433 4.53 -25.99 -16.28
CA VAL A 433 4.96 -27.26 -15.73
C VAL A 433 4.45 -27.36 -14.32
N GLY A 434 3.78 -28.46 -14.01
CA GLY A 434 3.32 -28.70 -12.67
C GLY A 434 3.56 -30.13 -12.25
N ILE A 435 4.34 -30.32 -11.21
CA ILE A 435 4.67 -31.63 -10.70
C ILE A 435 4.44 -31.64 -9.20
N ASN A 436 3.55 -32.51 -8.75
CA ASN A 436 3.28 -32.66 -7.33
C ASN A 436 3.12 -34.13 -7.01
N GLY A 437 3.48 -34.49 -5.79
CA GLY A 437 3.44 -35.89 -5.41
C GLY A 437 3.60 -36.01 -3.92
N THR A 438 3.53 -37.25 -3.45
CA THR A 438 3.65 -37.51 -2.03
C THR A 438 3.93 -38.99 -1.82
N LYS A 439 4.58 -39.29 -0.71
CA LYS A 439 4.79 -40.64 -0.24
C LYS A 439 4.07 -40.79 1.10
N ASN A 440 4.20 -41.96 1.69
CA ASN A 440 3.61 -42.24 3.00
C ASN A 440 4.19 -43.56 3.47
N ASP A 441 3.68 -44.05 4.60
CA ASP A 441 4.02 -45.41 5.03
C ASP A 441 3.45 -46.44 4.08
N TYR A 442 2.30 -46.14 3.46
CA TYR A 442 1.64 -47.05 2.55
C TYR A 442 1.51 -46.51 1.13
N GLN A 443 0.96 -45.32 0.96
CA GLN A 443 0.53 -44.82 -0.34
C GLN A 443 1.63 -44.00 -0.97
N THR A 444 2.05 -44.40 -2.17
CA THR A 444 2.89 -43.58 -3.02
C THR A 444 1.98 -42.77 -3.94
N TYR A 445 2.55 -41.76 -4.59
CA TYR A 445 1.78 -40.92 -5.49
C TYR A 445 2.72 -40.01 -6.26
N ALA A 446 2.43 -39.78 -7.53
CA ALA A 446 3.23 -38.85 -8.33
C ALA A 446 2.38 -38.37 -9.48
N GLU A 447 2.51 -37.09 -9.82
CA GLU A 447 1.77 -36.52 -10.93
C GLU A 447 2.64 -35.49 -11.61
N LEU A 448 2.70 -35.56 -12.93
CA LEU A 448 3.45 -34.62 -13.73
C LEU A 448 2.47 -33.79 -14.54
N SER A 449 2.99 -32.82 -15.29
CA SER A 449 2.16 -32.06 -16.21
C SER A 449 3.06 -31.21 -17.09
N VAL A 450 2.53 -30.83 -18.24
CA VAL A 450 3.13 -29.82 -19.09
C VAL A 450 2.08 -29.41 -20.10
N THR A 451 1.97 -28.12 -20.39
CA THR A 451 0.96 -27.70 -21.35
C THR A 451 1.42 -26.43 -22.06
N ASN A 452 2.08 -26.60 -23.19
CA ASN A 452 2.50 -25.48 -23.99
C ASN A 452 1.27 -24.82 -24.58
N PRO A 453 0.86 -23.63 -24.15
CA PRO A 453 -0.37 -23.05 -24.66
C PRO A 453 -0.23 -22.35 -26.00
N TYR A 454 0.87 -22.51 -26.73
CA TYR A 454 0.93 -21.99 -28.09
C TYR A 454 1.70 -22.94 -28.99
N PHE A 455 1.35 -24.22 -28.92
CA PHE A 455 1.95 -25.22 -29.80
C PHE A 455 1.87 -24.84 -31.27
N THR A 456 1.00 -23.91 -31.64
CA THR A 456 1.13 -23.21 -32.91
C THR A 456 0.91 -21.73 -32.65
N VAL A 457 0.79 -20.93 -33.70
CA VAL A 457 0.57 -19.50 -33.51
C VAL A 457 -0.89 -19.11 -33.61
N ASP A 458 -1.75 -20.00 -34.09
CA ASP A 458 -3.18 -19.70 -34.09
C ASP A 458 -3.75 -19.75 -32.68
N GLY A 459 -3.31 -20.70 -31.87
CA GLY A 459 -3.83 -20.86 -30.54
C GLY A 459 -3.91 -22.30 -30.08
N VAL A 460 -3.74 -23.25 -31.00
CA VAL A 460 -3.86 -24.66 -30.64
C VAL A 460 -2.87 -24.97 -29.53
N SER A 461 -3.37 -25.41 -28.39
CA SER A 461 -2.57 -25.55 -27.19
C SER A 461 -2.53 -27.00 -26.75
N LEU A 462 -1.37 -27.64 -26.89
CA LEU A 462 -1.20 -29.04 -26.55
C LEU A 462 -0.82 -29.19 -25.09
N GLY A 463 -1.36 -30.22 -24.45
CA GLY A 463 -1.13 -30.46 -23.05
C GLY A 463 -0.59 -31.85 -22.79
N GLY A 464 -0.50 -32.25 -21.53
CA GLY A 464 0.01 -33.57 -21.21
C GLY A 464 -0.26 -33.86 -19.76
N ARG A 465 0.08 -35.08 -19.34
CA ARG A 465 -0.09 -35.48 -17.95
C ARG A 465 0.49 -36.87 -17.79
N LEU A 466 0.61 -37.28 -16.53
CA LEU A 466 1.05 -38.62 -16.18
C LEU A 466 0.90 -38.76 -14.68
N PHE A 467 0.49 -39.93 -14.21
CA PHE A 467 0.26 -40.08 -12.80
C PHE A 467 0.43 -41.52 -12.39
N TYR A 468 1.17 -41.76 -11.32
CA TYR A 468 1.32 -43.08 -10.73
C TYR A 468 0.79 -42.99 -9.32
N ASN A 469 -0.04 -43.97 -8.94
CA ASN A 469 -0.71 -43.91 -7.65
C ASN A 469 -0.89 -45.35 -7.17
N ASP A 470 0.04 -45.81 -6.34
CA ASP A 470 -0.05 -47.13 -5.74
C ASP A 470 -0.48 -46.98 -4.28
N PHE A 471 -1.66 -47.49 -3.98
CA PHE A 471 -2.16 -47.51 -2.60
C PHE A 471 -1.85 -48.90 -2.04
N GLN A 472 -0.56 -49.14 -1.81
CA GLN A 472 -0.13 -50.48 -1.44
C GLN A 472 -0.77 -50.95 -0.15
N ALA A 473 -0.83 -50.08 0.86
CA ALA A 473 -1.62 -50.31 2.06
C ALA A 473 -1.23 -51.62 2.77
N ASP A 474 0.06 -51.76 3.04
CA ASP A 474 0.54 -52.91 3.84
C ASP A 474 0.23 -52.69 5.32
N ASP A 475 -1.00 -52.96 5.74
CA ASP A 475 -1.33 -52.81 7.15
C ASP A 475 -0.54 -53.81 7.99
N ALA A 476 -0.68 -55.11 7.71
CA ALA A 476 0.22 -56.10 8.29
C ALA A 476 1.04 -56.84 7.24
N ASP A 477 0.41 -57.59 6.32
CA ASP A 477 1.15 -58.26 5.27
C ASP A 477 0.66 -57.89 3.87
N LEU A 478 -0.61 -58.09 3.57
CA LEU A 478 -1.17 -57.99 2.22
C LEU A 478 -2.69 -58.07 2.34
N SER A 479 -3.36 -58.10 1.18
CA SER A 479 -4.80 -58.35 1.10
C SER A 479 -5.59 -57.28 1.83
N ASP A 480 -5.19 -56.03 1.63
CA ASP A 480 -5.62 -54.92 2.47
C ASP A 480 -6.01 -53.72 1.63
N TYR A 481 -6.86 -53.95 0.63
CA TYR A 481 -7.30 -52.89 -0.28
C TYR A 481 -6.11 -52.29 -1.03
N THR A 482 -5.33 -53.18 -1.65
CA THR A 482 -4.35 -52.70 -2.61
C THR A 482 -5.08 -52.01 -3.74
N ASN A 483 -4.54 -50.89 -4.20
CA ASN A 483 -5.18 -50.12 -5.26
C ASN A 483 -4.04 -49.50 -6.07
N LYS A 484 -3.63 -50.23 -7.11
CA LYS A 484 -2.56 -49.78 -7.97
C LYS A 484 -3.20 -49.17 -9.22
N SER A 485 -2.86 -47.92 -9.50
CA SER A 485 -3.47 -47.24 -10.63
C SER A 485 -2.48 -46.22 -11.18
N TYR A 486 -2.33 -46.19 -12.49
CA TYR A 486 -1.51 -45.19 -13.14
C TYR A 486 -2.20 -44.78 -14.43
N GLY A 487 -1.48 -44.09 -15.29
CA GLY A 487 -2.02 -43.74 -16.58
C GLY A 487 -1.54 -42.37 -17.03
N THR A 488 -2.00 -41.98 -18.21
CA THR A 488 -1.49 -40.80 -18.88
C THR A 488 -2.66 -40.04 -19.48
N ASP A 489 -2.36 -39.12 -20.38
CA ASP A 489 -3.35 -38.21 -20.93
C ASP A 489 -2.71 -37.44 -22.08
N VAL A 490 -3.55 -36.81 -22.88
CA VAL A 490 -3.13 -35.76 -23.81
C VAL A 490 -4.35 -34.94 -24.15
N THR A 491 -4.22 -33.62 -24.08
CA THR A 491 -5.39 -32.75 -24.12
C THR A 491 -5.10 -31.59 -25.08
N LEU A 492 -5.38 -31.80 -26.35
CA LEU A 492 -5.17 -30.80 -27.37
C LEU A 492 -6.40 -29.93 -27.46
N GLY A 493 -6.20 -28.62 -27.44
CA GLY A 493 -7.37 -27.74 -27.42
C GLY A 493 -7.19 -26.38 -28.06
N PHE A 494 -8.06 -26.07 -29.00
CA PHE A 494 -8.02 -24.86 -29.79
C PHE A 494 -9.06 -23.87 -29.35
N PRO A 495 -8.96 -22.61 -29.76
CA PRO A 495 -10.02 -21.64 -29.50
C PRO A 495 -10.99 -21.56 -30.66
N ILE A 496 -12.16 -20.98 -30.38
CA ILE A 496 -13.24 -20.90 -31.35
C ILE A 496 -13.61 -19.44 -31.61
N ASN A 497 -13.38 -18.59 -30.63
CA ASN A 497 -13.82 -17.22 -30.71
C ASN A 497 -12.84 -16.38 -29.92
N GLU A 498 -13.18 -15.13 -29.65
CA GLU A 498 -12.29 -14.30 -28.85
C GLU A 498 -12.32 -14.69 -27.38
N TYR A 499 -13.18 -15.57 -26.98
CA TYR A 499 -13.16 -15.97 -25.59
C TYR A 499 -13.18 -17.46 -25.39
N ASN A 500 -13.88 -18.21 -26.22
CA ASN A 500 -14.19 -19.59 -25.91
C ASN A 500 -12.99 -20.47 -26.18
N SER A 501 -13.21 -21.78 -26.12
CA SER A 501 -12.21 -22.79 -26.45
C SER A 501 -12.89 -24.15 -26.42
N LEU A 502 -12.32 -25.09 -27.13
CA LEU A 502 -12.75 -26.47 -27.02
C LEU A 502 -11.56 -27.30 -26.61
N ARG A 503 -11.74 -28.61 -26.59
CA ARG A 503 -10.67 -29.52 -26.18
C ARG A 503 -10.91 -30.84 -26.87
N ALA A 504 -10.02 -31.79 -26.62
CA ALA A 504 -10.12 -33.14 -27.15
C ALA A 504 -9.03 -33.95 -26.47
N GLY A 505 -8.86 -35.18 -26.92
CA GLY A 505 -7.68 -35.93 -26.53
C GLY A 505 -8.00 -37.12 -25.64
N LEU A 506 -7.13 -38.10 -25.70
CA LEU A 506 -7.39 -39.40 -25.12
C LEU A 506 -6.66 -39.56 -23.81
N GLY A 507 -7.08 -40.55 -23.05
CA GLY A 507 -6.43 -40.89 -21.80
C GLY A 507 -6.63 -42.36 -21.51
N TYR A 508 -5.63 -42.97 -20.87
CA TYR A 508 -5.66 -44.40 -20.63
C TYR A 508 -5.32 -44.63 -19.16
N VAL A 509 -6.24 -45.26 -18.43
CA VAL A 509 -6.19 -45.29 -16.97
C VAL A 509 -6.25 -46.75 -16.54
N HIS A 510 -5.09 -47.37 -16.41
CA HIS A 510 -5.02 -48.69 -15.79
C HIS A 510 -5.49 -48.58 -14.35
N ASN A 511 -6.03 -49.68 -13.83
CA ASN A 511 -6.40 -49.72 -12.43
C ASN A 511 -6.40 -51.17 -11.97
N SER A 512 -6.15 -51.38 -10.68
CA SER A 512 -6.10 -52.72 -10.11
C SER A 512 -6.60 -52.68 -8.69
N LEU A 513 -7.79 -53.21 -8.46
CA LEU A 513 -8.28 -53.41 -7.11
C LEU A 513 -7.78 -54.72 -6.55
N SER A 514 -7.73 -54.81 -5.23
CA SER A 514 -7.33 -56.06 -4.60
C SER A 514 -7.78 -56.08 -3.16
N ASN A 515 -8.68 -57.00 -2.84
CA ASN A 515 -8.97 -57.38 -1.45
C ASN A 515 -9.66 -56.26 -0.69
N MET A 516 -10.53 -55.53 -1.36
CA MET A 516 -11.30 -54.51 -0.68
C MET A 516 -12.29 -55.14 0.28
N GLN A 517 -12.89 -54.29 1.10
CA GLN A 517 -13.82 -54.74 2.12
C GLN A 517 -15.22 -54.88 1.54
N PRO A 518 -15.88 -56.00 1.74
CA PRO A 518 -17.15 -56.23 1.04
C PRO A 518 -18.26 -55.32 1.53
N GLN A 519 -18.27 -54.10 1.00
CA GLN A 519 -19.25 -53.08 1.36
C GLN A 519 -20.55 -53.36 0.61
N VAL A 520 -21.45 -52.38 0.58
CA VAL A 520 -22.66 -52.51 -0.24
C VAL A 520 -22.47 -51.86 -1.61
N ALA A 521 -21.95 -50.64 -1.66
CA ALA A 521 -21.90 -49.90 -2.91
C ALA A 521 -20.96 -50.55 -3.91
N MET A 522 -19.70 -50.70 -3.51
CA MET A 522 -18.72 -51.40 -4.33
C MET A 522 -19.27 -52.72 -4.83
N TRP A 523 -20.03 -53.40 -4.00
CA TRP A 523 -20.51 -54.71 -4.40
C TRP A 523 -21.67 -54.62 -5.38
N ARG A 524 -22.54 -53.62 -5.22
CA ARG A 524 -23.53 -53.36 -6.26
C ARG A 524 -22.85 -53.19 -7.60
N TYR A 525 -21.79 -52.38 -7.63
CA TYR A 525 -21.03 -52.18 -8.85
C TYR A 525 -20.45 -53.48 -9.39
N LEU A 526 -19.65 -54.16 -8.57
CA LEU A 526 -19.02 -55.40 -9.00
C LEU A 526 -20.04 -56.39 -9.52
N TYR A 527 -21.00 -56.77 -8.68
CA TYR A 527 -22.03 -57.70 -9.09
C TYR A 527 -22.71 -57.25 -10.38
N SER A 528 -22.82 -55.94 -10.59
CA SER A 528 -23.38 -55.47 -11.84
C SER A 528 -22.46 -55.72 -13.03
N MET A 529 -21.17 -55.91 -12.79
CA MET A 529 -20.21 -56.09 -13.87
C MET A 529 -19.75 -57.54 -14.01
N GLY A 530 -20.65 -58.48 -13.81
CA GLY A 530 -20.34 -59.88 -14.09
C GLY A 530 -19.54 -60.58 -13.02
N GLU A 531 -18.52 -59.92 -12.50
CA GLU A 531 -17.68 -60.53 -11.47
C GLU A 531 -18.39 -60.43 -10.13
N HIS A 532 -18.64 -61.58 -9.51
CA HIS A 532 -19.35 -61.65 -8.23
C HIS A 532 -18.48 -62.34 -7.20
N PRO A 533 -18.09 -61.66 -6.13
CA PRO A 533 -17.23 -62.27 -5.12
C PRO A 533 -18.04 -62.88 -3.97
N SER A 534 -17.31 -63.53 -3.06
CA SER A 534 -17.92 -64.14 -1.88
C SER A 534 -18.27 -63.06 -0.86
N THR A 535 -19.53 -63.03 -0.46
CA THR A 535 -20.06 -61.88 0.27
C THR A 535 -19.32 -61.62 1.57
N SER A 536 -18.73 -62.66 2.17
CA SER A 536 -18.02 -62.50 3.44
C SER A 536 -16.58 -62.99 3.36
N ASP A 537 -15.90 -62.75 2.24
CA ASP A 537 -14.52 -63.18 2.05
C ASP A 537 -13.69 -61.98 1.60
N GLN A 538 -12.67 -61.65 2.40
CA GLN A 538 -11.87 -60.46 2.13
C GLN A 538 -11.19 -60.50 0.77
N ASP A 539 -10.98 -61.68 0.22
CA ASP A 539 -10.15 -61.82 -0.97
C ASP A 539 -10.98 -61.59 -2.23
N ASN A 540 -10.46 -60.74 -3.12
CA ASN A 540 -10.99 -60.51 -4.47
C ASN A 540 -9.99 -59.65 -5.22
N SER A 541 -9.85 -59.92 -6.51
CA SER A 541 -8.87 -59.23 -7.34
C SER A 541 -9.55 -58.75 -8.61
N PHE A 542 -9.79 -57.45 -8.70
CA PHE A 542 -10.46 -56.85 -9.85
C PHE A 542 -9.49 -55.90 -10.51
N LYS A 543 -9.13 -56.18 -11.77
CA LYS A 543 -8.23 -55.32 -12.51
C LYS A 543 -8.84 -54.99 -13.87
N THR A 544 -8.75 -53.72 -14.24
CA THR A 544 -9.41 -53.23 -15.44
C THR A 544 -8.54 -52.22 -16.15
N ASP A 545 -8.44 -52.37 -17.46
CA ASP A 545 -7.83 -51.38 -18.33
C ASP A 545 -8.92 -50.74 -19.19
N ASP A 546 -8.81 -49.44 -19.39
CA ASP A 546 -9.77 -48.76 -20.25
C ASP A 546 -9.08 -47.63 -20.99
N PHE A 547 -9.87 -46.94 -21.80
CA PHE A 547 -9.41 -45.75 -22.50
C PHE A 547 -10.58 -44.77 -22.49
N THR A 548 -10.35 -43.58 -23.01
CA THR A 548 -11.42 -42.61 -22.97
C THR A 548 -11.40 -41.70 -24.19
N PHE A 549 -12.17 -40.62 -24.08
CA PHE A 549 -12.12 -39.51 -25.02
C PHE A 549 -12.49 -38.29 -24.20
N ASN A 550 -11.50 -37.57 -23.72
CA ASN A 550 -11.81 -36.35 -23.01
C ASN A 550 -12.50 -35.37 -23.96
N TYR A 551 -13.06 -34.31 -23.38
CA TYR A 551 -13.59 -33.21 -24.17
C TYR A 551 -14.02 -32.12 -23.21
N GLY A 552 -14.11 -30.92 -23.72
CA GLY A 552 -14.33 -29.80 -22.84
C GLY A 552 -15.03 -28.62 -23.48
N TRP A 553 -14.83 -27.47 -22.86
CA TRP A 553 -15.30 -26.17 -23.31
C TRP A 553 -14.74 -25.23 -22.26
N THR A 554 -14.84 -23.93 -22.52
CA THR A 554 -14.58 -22.94 -21.49
C THR A 554 -15.14 -21.62 -21.98
N TYR A 555 -15.06 -20.61 -21.12
CA TYR A 555 -15.47 -19.27 -21.49
C TYR A 555 -14.76 -18.36 -20.50
N ASN A 556 -13.62 -17.83 -20.88
CA ASN A 556 -12.84 -17.02 -19.97
C ASN A 556 -13.03 -15.57 -20.34
N LYS A 557 -13.60 -14.81 -19.42
CA LYS A 557 -13.82 -13.39 -19.67
C LYS A 557 -13.79 -12.69 -18.33
N LEU A 558 -12.65 -12.16 -17.96
CA LEU A 558 -12.53 -11.50 -16.67
C LEU A 558 -11.92 -10.13 -16.86
N ASP A 559 -11.57 -9.47 -15.77
CA ASP A 559 -10.85 -8.21 -15.86
C ASP A 559 -9.40 -8.33 -15.44
N ARG A 560 -9.11 -9.22 -14.51
CA ARG A 560 -7.72 -9.56 -14.22
C ARG A 560 -7.57 -11.06 -14.28
N GLY A 561 -6.43 -11.58 -13.89
CA GLY A 561 -6.23 -13.01 -14.02
C GLY A 561 -6.15 -13.72 -12.70
N TYR A 562 -5.84 -13.00 -11.64
CA TYR A 562 -5.72 -13.62 -10.34
C TYR A 562 -6.72 -13.10 -9.32
N PHE A 563 -6.82 -11.78 -9.13
CA PHE A 563 -7.84 -11.24 -8.24
C PHE A 563 -8.88 -10.51 -9.04
N PRO A 564 -9.83 -11.22 -9.63
CA PRO A 564 -10.73 -10.58 -10.59
C PRO A 564 -11.62 -9.56 -9.92
N THR A 565 -12.22 -8.70 -10.74
CA THR A 565 -13.24 -7.78 -10.26
C THR A 565 -14.40 -7.65 -11.22
N ASP A 566 -14.47 -8.46 -12.28
CA ASP A 566 -15.62 -8.42 -13.17
C ASP A 566 -15.53 -9.52 -14.21
N GLY A 567 -16.67 -10.04 -14.66
CA GLY A 567 -16.71 -10.92 -15.80
C GLY A 567 -17.42 -12.22 -15.47
N SER A 568 -16.82 -13.33 -15.89
CA SER A 568 -17.43 -14.63 -15.72
C SER A 568 -16.35 -15.69 -15.84
N ARG A 569 -16.77 -16.94 -15.84
CA ARG A 569 -15.91 -18.07 -16.10
C ARG A 569 -16.79 -19.31 -16.15
N VAL A 570 -16.49 -20.26 -17.03
CA VAL A 570 -17.23 -21.51 -17.13
C VAL A 570 -16.25 -22.51 -17.69
N ASN A 571 -16.45 -23.78 -17.40
CA ASN A 571 -15.88 -24.80 -18.27
C ASN A 571 -16.61 -26.12 -18.04
N LEU A 572 -17.48 -26.47 -18.97
CA LEU A 572 -17.93 -27.85 -19.07
C LEU A 572 -16.70 -28.73 -19.19
N THR A 573 -16.80 -29.96 -18.73
CA THR A 573 -15.67 -30.88 -18.88
C THR A 573 -16.22 -32.28 -18.79
N GLY A 574 -16.04 -33.05 -19.86
CA GLY A 574 -16.71 -34.33 -19.90
C GLY A 574 -15.76 -35.49 -19.84
N LYS A 575 -16.26 -36.65 -20.25
CA LYS A 575 -15.48 -37.86 -20.42
C LYS A 575 -16.42 -38.92 -20.98
N VAL A 576 -15.85 -39.90 -21.65
CA VAL A 576 -16.62 -41.05 -22.10
C VAL A 576 -15.64 -42.11 -22.52
N THR A 577 -15.97 -43.37 -22.27
CA THR A 577 -15.09 -44.46 -22.67
C THR A 577 -15.44 -44.91 -24.06
N ILE A 578 -14.41 -45.17 -24.86
CA ILE A 578 -14.62 -45.63 -26.22
C ILE A 578 -14.87 -47.13 -26.17
N PRO A 579 -15.60 -47.70 -27.10
CA PRO A 579 -15.84 -49.15 -27.08
C PRO A 579 -14.53 -49.91 -27.17
N GLY A 580 -14.49 -51.07 -26.51
CA GLY A 580 -13.28 -51.83 -26.32
C GLY A 580 -12.71 -51.67 -24.93
N SER A 581 -12.97 -50.55 -24.28
CA SER A 581 -12.58 -50.38 -22.89
C SER A 581 -13.40 -51.31 -22.01
N ASP A 582 -12.96 -51.45 -20.76
CA ASP A 582 -13.51 -52.48 -19.87
C ASP A 582 -14.46 -51.91 -18.83
N ASN A 583 -15.09 -50.77 -19.12
CA ASN A 583 -16.19 -50.24 -18.34
C ASN A 583 -16.72 -49.01 -19.06
N GLU A 584 -18.02 -48.77 -18.97
CA GLU A 584 -18.70 -47.81 -19.84
C GLU A 584 -19.41 -46.77 -19.01
N TYR A 585 -18.73 -45.66 -18.75
CA TYR A 585 -19.32 -44.58 -17.98
C TYR A 585 -19.09 -43.27 -18.69
N TYR A 586 -19.75 -42.23 -18.19
CA TYR A 586 -19.58 -40.89 -18.74
C TYR A 586 -19.99 -39.88 -17.69
N LYS A 587 -19.13 -38.88 -17.47
CA LYS A 587 -19.36 -37.87 -16.45
C LYS A 587 -19.12 -36.50 -17.03
N VAL A 588 -19.81 -35.51 -16.47
CA VAL A 588 -19.66 -34.15 -16.95
C VAL A 588 -19.71 -33.15 -15.80
N THR A 589 -18.56 -32.62 -15.41
CA THR A 589 -18.57 -31.56 -14.41
C THR A 589 -19.05 -30.29 -15.07
N LEU A 590 -19.22 -29.23 -14.29
CA LEU A 590 -19.44 -27.90 -14.86
C LEU A 590 -19.06 -26.89 -13.79
N ASP A 591 -17.84 -26.38 -13.85
CA ASP A 591 -17.48 -25.32 -12.94
C ASP A 591 -18.27 -24.07 -13.32
N THR A 592 -18.05 -23.00 -12.58
CA THR A 592 -18.59 -21.69 -12.93
C THR A 592 -18.03 -20.68 -11.95
N ALA A 593 -18.01 -19.41 -12.34
CA ALA A 593 -17.85 -18.34 -11.39
C ALA A 593 -18.72 -17.21 -11.89
N THR A 594 -18.61 -16.06 -11.25
CA THR A 594 -19.21 -14.82 -11.72
C THR A 594 -18.73 -13.74 -10.78
N TYR A 595 -18.62 -12.53 -11.30
CA TYR A 595 -18.33 -11.38 -10.47
C TYR A 595 -19.22 -10.25 -10.91
N VAL A 596 -19.60 -9.41 -9.95
CA VAL A 596 -20.37 -8.21 -10.26
C VAL A 596 -19.88 -7.12 -9.33
N PRO A 597 -19.40 -6.01 -9.84
CA PRO A 597 -18.87 -4.97 -8.97
C PRO A 597 -19.97 -4.11 -8.38
N ILE A 598 -19.71 -3.63 -7.17
CA ILE A 598 -20.68 -2.82 -6.43
C ILE A 598 -20.27 -1.36 -6.58
N ASP A 599 -19.07 -1.04 -6.12
CA ASP A 599 -18.51 0.29 -6.31
C ASP A 599 -18.30 0.55 -7.78
N ASP A 600 -17.85 1.75 -8.14
CA ASP A 600 -17.32 2.01 -9.47
C ASP A 600 -15.79 2.06 -9.47
N ASP A 601 -15.18 2.18 -8.30
CA ASP A 601 -13.74 2.09 -8.14
C ASP A 601 -13.25 0.66 -8.01
N HIS A 602 -14.17 -0.32 -8.01
CA HIS A 602 -13.83 -1.73 -7.97
C HIS A 602 -13.02 -2.07 -6.71
N LYS A 603 -13.64 -1.85 -5.56
CA LYS A 603 -13.21 -2.44 -4.30
C LYS A 603 -14.20 -3.46 -3.79
N TRP A 604 -15.46 -3.07 -3.64
CA TRP A 604 -16.52 -3.98 -3.24
C TRP A 604 -17.00 -4.73 -4.49
N VAL A 605 -17.08 -6.04 -4.40
CA VAL A 605 -17.59 -6.86 -5.48
C VAL A 605 -18.23 -8.12 -4.92
N VAL A 606 -19.47 -8.37 -5.30
CA VAL A 606 -20.14 -9.61 -4.92
C VAL A 606 -19.60 -10.71 -5.80
N LEU A 607 -19.32 -11.86 -5.22
CA LEU A 607 -18.83 -12.97 -6.00
C LEU A 607 -20.01 -13.82 -6.43
N GLY A 608 -19.70 -14.98 -6.98
CA GLY A 608 -20.71 -15.97 -7.25
C GLY A 608 -19.95 -17.21 -7.66
N ARG A 609 -20.50 -18.40 -7.42
CA ARG A 609 -19.80 -19.61 -7.80
C ARG A 609 -20.80 -20.74 -7.83
N THR A 610 -20.44 -21.81 -8.53
CA THR A 610 -21.15 -23.06 -8.40
C THR A 610 -20.29 -24.16 -8.99
N ARG A 611 -20.74 -25.39 -8.85
CA ARG A 611 -20.21 -26.55 -9.54
C ARG A 611 -21.38 -27.49 -9.71
N TRP A 612 -21.23 -28.45 -10.60
CA TRP A 612 -22.28 -29.41 -10.82
C TRP A 612 -21.59 -30.72 -11.17
N GLY A 613 -22.38 -31.73 -11.53
CA GLY A 613 -21.77 -33.01 -11.83
C GLY A 613 -22.82 -34.07 -12.07
N TYR A 614 -22.35 -35.21 -12.54
CA TYR A 614 -23.19 -36.35 -12.84
C TYR A 614 -22.28 -37.52 -13.15
N GLY A 615 -22.87 -38.61 -13.58
CA GLY A 615 -22.16 -39.82 -13.96
C GLY A 615 -23.20 -40.88 -14.24
N ASP A 616 -22.81 -41.97 -14.88
CA ASP A 616 -23.79 -42.98 -15.23
C ASP A 616 -23.05 -44.22 -15.70
N GLY A 617 -23.83 -45.20 -16.14
CA GLY A 617 -23.30 -46.33 -16.87
C GLY A 617 -23.91 -46.37 -18.26
N LEU A 618 -23.13 -46.87 -19.22
CA LEU A 618 -23.61 -46.94 -20.59
C LEU A 618 -24.13 -48.36 -20.85
N GLY A 619 -25.26 -48.65 -20.21
CA GLY A 619 -25.92 -49.92 -20.39
C GLY A 619 -25.64 -50.90 -19.28
N GLY A 620 -26.55 -51.01 -18.33
CA GLY A 620 -26.38 -51.94 -17.24
C GLY A 620 -25.31 -51.55 -16.25
N LYS A 621 -24.09 -51.38 -16.73
CA LYS A 621 -22.96 -51.13 -15.85
C LYS A 621 -23.10 -49.76 -15.18
N GLU A 622 -22.23 -49.50 -14.22
CA GLU A 622 -22.29 -48.28 -13.42
C GLU A 622 -20.95 -47.57 -13.46
N MET A 623 -20.98 -46.29 -13.18
CA MET A 623 -19.77 -45.49 -13.13
C MET A 623 -18.85 -46.06 -12.07
N PRO A 624 -17.71 -46.61 -12.44
CA PRO A 624 -16.85 -47.30 -11.48
C PRO A 624 -16.52 -46.44 -10.29
N PHE A 625 -16.88 -46.95 -9.11
CA PHE A 625 -16.88 -46.17 -7.88
C PHE A 625 -15.56 -45.45 -7.63
N TYR A 626 -14.49 -45.87 -8.26
CA TYR A 626 -13.25 -45.20 -7.93
C TYR A 626 -13.15 -43.84 -8.52
N GLU A 627 -14.21 -43.28 -9.11
CA GLU A 627 -14.14 -41.91 -9.59
C GLU A 627 -15.35 -41.08 -9.18
N ASN A 628 -16.03 -41.44 -8.10
CA ASN A 628 -17.14 -40.65 -7.62
C ASN A 628 -16.67 -39.24 -7.26
N PHE A 629 -17.62 -38.36 -7.03
CA PHE A 629 -17.30 -36.99 -6.67
C PHE A 629 -17.26 -36.88 -5.16
N TYR A 630 -16.09 -36.60 -4.61
CA TYR A 630 -16.01 -36.13 -3.25
C TYR A 630 -16.22 -34.64 -3.25
N ALA A 631 -16.58 -34.10 -2.09
CA ALA A 631 -16.91 -32.69 -2.00
C ALA A 631 -16.85 -32.27 -0.55
N GLY A 632 -16.23 -31.12 -0.29
CA GLY A 632 -16.12 -30.72 1.10
C GLY A 632 -14.66 -30.56 1.48
N GLY A 633 -14.39 -29.47 2.18
CA GLY A 633 -13.04 -29.04 2.43
C GLY A 633 -12.79 -27.68 1.79
N SER A 634 -11.58 -27.18 2.01
CA SER A 634 -11.22 -25.89 1.46
C SER A 634 -11.40 -25.88 -0.05
N SER A 635 -11.82 -24.72 -0.56
CA SER A 635 -11.92 -24.43 -1.98
C SER A 635 -13.09 -25.13 -2.65
N THR A 636 -13.79 -26.03 -1.96
CA THR A 636 -15.03 -26.59 -2.51
C THR A 636 -16.25 -26.27 -1.67
N VAL A 637 -16.27 -26.69 -0.40
CA VAL A 637 -17.32 -26.37 0.55
C VAL A 637 -16.64 -26.09 1.88
N ARG A 638 -16.51 -24.83 2.24
CA ARG A 638 -15.63 -24.52 3.35
C ARG A 638 -16.18 -25.06 4.67
N GLY A 639 -15.28 -25.24 5.63
CA GLY A 639 -15.68 -25.58 6.96
C GLY A 639 -15.60 -27.04 7.34
N PHE A 640 -15.99 -27.94 6.46
CA PHE A 640 -16.08 -29.34 6.86
C PHE A 640 -14.69 -29.96 6.83
N GLN A 641 -14.61 -31.27 6.95
CA GLN A 641 -13.35 -31.93 6.66
C GLN A 641 -13.17 -32.02 5.15
N SER A 642 -12.04 -32.54 4.72
CA SER A 642 -11.79 -32.73 3.31
C SER A 642 -12.41 -34.05 2.87
N ASN A 643 -13.25 -33.99 1.84
CA ASN A 643 -13.85 -35.18 1.25
C ASN A 643 -14.65 -35.97 2.30
N THR A 644 -15.64 -35.30 2.87
CA THR A 644 -16.41 -35.94 3.93
C THR A 644 -17.91 -35.70 3.80
N ILE A 645 -18.38 -35.16 2.71
CA ILE A 645 -19.81 -34.99 2.51
C ILE A 645 -20.31 -36.15 1.67
N GLY A 646 -21.60 -36.41 1.72
CA GLY A 646 -22.19 -37.42 0.90
C GLY A 646 -22.39 -38.70 1.65
N PRO A 647 -22.69 -39.78 0.93
CA PRO A 647 -23.07 -41.03 1.58
C PRO A 647 -21.94 -41.56 2.45
N LYS A 648 -22.32 -42.45 3.35
CA LYS A 648 -21.39 -43.18 4.20
C LYS A 648 -21.55 -44.66 3.88
N ALA A 649 -20.44 -45.34 3.69
CA ALA A 649 -20.49 -46.72 3.26
C ALA A 649 -21.17 -47.59 4.32
N VAL A 650 -21.63 -48.75 3.89
CA VAL A 650 -22.18 -49.76 4.78
C VAL A 650 -21.24 -50.96 4.71
N TYR A 651 -21.51 -51.97 5.54
CA TYR A 651 -20.63 -53.11 5.59
C TYR A 651 -21.39 -54.40 5.84
N PHE A 652 -21.02 -55.43 5.08
CA PHE A 652 -21.40 -56.79 5.39
C PHE A 652 -20.57 -57.26 6.58
N PRO A 653 -20.97 -58.35 7.24
CA PRO A 653 -20.16 -58.89 8.33
C PRO A 653 -19.00 -59.72 7.76
N HIS A 654 -18.12 -60.14 8.66
CA HIS A 654 -16.93 -60.86 8.22
C HIS A 654 -16.43 -61.76 9.33
N GLN A 655 -15.70 -62.81 8.94
CA GLN A 655 -15.21 -63.80 9.89
C GLN A 655 -13.70 -64.02 9.82
N ALA A 656 -13.09 -64.03 8.62
CA ALA A 656 -11.69 -64.38 8.48
C ALA A 656 -11.09 -63.66 7.28
N SER A 657 -9.92 -63.05 7.49
CA SER A 657 -9.15 -62.45 6.41
C SER A 657 -7.67 -62.79 6.44
N ASN A 658 -7.20 -63.58 7.40
CA ASN A 658 -5.79 -63.81 7.69
C ASN A 658 -5.05 -62.52 8.06
N TYR A 659 -5.78 -61.42 8.24
CA TYR A 659 -5.26 -60.19 8.84
C TYR A 659 -6.40 -59.61 9.69
N ASP A 660 -6.41 -59.98 10.97
CA ASP A 660 -7.33 -59.41 11.94
C ASP A 660 -6.82 -59.67 13.34
N PRO A 661 -5.80 -58.96 13.80
CA PRO A 661 -5.35 -59.11 15.19
C PRO A 661 -6.41 -58.65 16.16
N ASP A 662 -6.15 -58.89 17.45
CA ASP A 662 -7.11 -58.54 18.50
C ASP A 662 -7.21 -57.03 18.60
N TYR A 663 -8.36 -56.48 18.18
CA TYR A 663 -8.63 -55.05 18.20
C TYR A 663 -7.70 -54.28 17.26
N ASP A 664 -7.42 -54.85 16.10
CA ASP A 664 -6.70 -54.17 15.02
C ASP A 664 -7.52 -54.21 13.74
N TYR A 665 -7.42 -53.14 12.95
CA TYR A 665 -8.09 -53.05 11.65
C TYR A 665 -9.59 -53.25 11.78
N GLU A 666 -10.24 -52.32 12.49
CA GLU A 666 -11.68 -52.35 12.67
C GLU A 666 -12.35 -51.95 11.36
N CYS A 667 -12.37 -52.91 10.43
CA CYS A 667 -12.95 -52.74 9.11
C CYS A 667 -13.99 -53.83 8.85
N ALA A 668 -14.92 -53.97 9.78
CA ALA A 668 -16.13 -54.76 9.61
C ALA A 668 -15.85 -56.27 9.59
N THR A 669 -14.99 -56.72 10.49
CA THR A 669 -14.85 -58.14 10.78
C THR A 669 -15.87 -58.51 11.85
N GLN A 670 -15.73 -59.69 12.46
CA GLN A 670 -16.55 -60.04 13.62
C GLN A 670 -16.49 -58.94 14.68
N ASP A 671 -15.29 -58.50 15.03
CA ASP A 671 -15.09 -57.46 16.04
C ASP A 671 -15.39 -56.09 15.42
N GLY A 672 -16.67 -55.72 15.43
CA GLY A 672 -17.08 -54.41 14.96
C GLY A 672 -17.64 -54.40 13.56
N ALA A 673 -18.74 -53.66 13.37
CA ALA A 673 -19.38 -53.46 12.07
C ALA A 673 -19.80 -54.79 11.45
N LYS A 674 -20.78 -55.41 12.10
CA LYS A 674 -21.36 -56.68 11.66
C LYS A 674 -22.30 -56.45 10.48
N ASP A 675 -23.18 -57.41 10.20
CA ASP A 675 -24.11 -57.36 9.08
C ASP A 675 -24.86 -56.03 9.07
N LEU A 676 -25.47 -55.68 7.93
CA LEU A 676 -25.53 -54.29 7.47
C LEU A 676 -25.67 -53.27 8.60
N CYS A 677 -24.71 -52.34 8.65
CA CYS A 677 -24.63 -51.30 9.66
C CYS A 677 -23.76 -50.19 9.12
N LYS A 678 -24.05 -48.97 9.53
CA LYS A 678 -23.46 -47.78 8.93
C LYS A 678 -22.27 -47.31 9.75
N SER A 679 -21.10 -47.23 9.11
CA SER A 679 -19.92 -46.64 9.72
C SER A 679 -19.85 -45.17 9.32
N ASP A 680 -18.70 -44.54 9.56
CA ASP A 680 -18.52 -43.11 9.29
C ASP A 680 -17.49 -42.85 8.19
N ASP A 681 -17.40 -43.72 7.20
CA ASP A 681 -16.50 -43.48 6.08
C ASP A 681 -17.07 -42.38 5.19
N ALA A 682 -16.37 -42.10 4.09
CA ALA A 682 -16.85 -41.16 3.08
C ALA A 682 -16.54 -41.77 1.72
N VAL A 683 -17.47 -42.55 1.19
CA VAL A 683 -17.20 -43.28 -0.05
C VAL A 683 -17.45 -42.41 -1.26
N GLY A 684 -18.40 -41.49 -1.18
CA GLY A 684 -18.64 -40.58 -2.28
C GLY A 684 -19.57 -41.16 -3.32
N GLY A 685 -20.64 -40.43 -3.64
CA GLY A 685 -21.55 -40.83 -4.68
C GLY A 685 -21.22 -40.15 -5.98
N ASN A 686 -22.09 -40.36 -6.98
CA ASN A 686 -21.79 -39.78 -8.28
C ASN A 686 -22.17 -38.31 -8.35
N ALA A 687 -23.45 -38.00 -8.17
CA ALA A 687 -23.92 -36.65 -8.43
C ALA A 687 -23.32 -35.67 -7.42
N MET A 688 -23.46 -34.39 -7.73
CA MET A 688 -22.83 -33.33 -6.95
C MET A 688 -23.41 -32.00 -7.37
N ALA A 689 -23.71 -31.14 -6.40
CA ALA A 689 -24.20 -29.80 -6.71
C ALA A 689 -23.77 -28.88 -5.57
N VAL A 690 -22.62 -28.25 -5.75
CA VAL A 690 -22.06 -27.36 -4.75
C VAL A 690 -22.20 -25.94 -5.23
N ALA A 691 -23.05 -25.16 -4.59
CA ALA A 691 -23.10 -23.75 -4.90
C ALA A 691 -22.11 -23.04 -4.00
N SER A 692 -22.19 -21.72 -3.98
CA SER A 692 -21.48 -20.90 -3.02
C SER A 692 -21.95 -19.47 -3.20
N LEU A 693 -21.33 -18.57 -2.46
CA LEU A 693 -21.46 -17.14 -2.66
C LEU A 693 -20.51 -16.47 -1.69
N GLU A 694 -19.94 -15.34 -2.09
CA GLU A 694 -18.99 -14.66 -1.25
C GLU A 694 -19.37 -13.19 -1.15
N PHE A 695 -18.50 -12.40 -0.53
CA PHE A 695 -18.68 -10.97 -0.49
C PHE A 695 -17.31 -10.37 -0.23
N ILE A 696 -16.81 -9.61 -1.20
CA ILE A 696 -15.41 -9.23 -1.22
C ILE A 696 -15.29 -7.79 -0.73
N THR A 697 -14.57 -7.60 0.37
CA THR A 697 -14.42 -6.27 0.92
C THR A 697 -12.95 -5.96 1.08
N PRO A 698 -12.56 -4.69 1.00
CA PRO A 698 -11.13 -4.37 1.05
C PRO A 698 -10.52 -4.72 2.40
N THR A 699 -9.21 -4.95 2.38
CA THR A 699 -8.49 -5.20 3.61
C THR A 699 -8.68 -4.04 4.56
N PRO A 700 -8.63 -4.28 5.86
CA PRO A 700 -8.97 -3.21 6.81
C PRO A 700 -7.78 -2.42 7.33
N PHE A 701 -6.56 -2.85 7.07
CA PHE A 701 -5.45 -2.23 7.78
C PHE A 701 -4.28 -1.82 6.90
N ILE A 702 -4.11 -2.49 5.76
CA ILE A 702 -2.91 -2.35 4.95
C ILE A 702 -3.09 -1.24 3.93
N SER A 703 -2.12 -0.33 3.87
CA SER A 703 -2.14 0.73 2.87
C SER A 703 -2.08 0.15 1.47
N ASP A 704 -2.66 0.89 0.52
CA ASP A 704 -2.94 0.35 -0.80
C ASP A 704 -1.68 -0.22 -1.46
N LYS A 705 -0.52 0.37 -1.16
CA LYS A 705 0.74 0.11 -1.84
C LYS A 705 0.94 -1.36 -2.15
N TYR A 706 0.71 -2.23 -1.18
CA TYR A 706 0.59 -3.66 -1.46
C TYR A 706 -0.69 -4.26 -0.94
N ALA A 707 -1.63 -3.44 -0.48
CA ALA A 707 -2.98 -3.94 -0.23
C ALA A 707 -3.63 -4.27 -1.56
N ASN A 708 -2.93 -3.98 -2.66
CA ASN A 708 -3.35 -4.54 -3.93
C ASN A 708 -3.28 -6.07 -3.94
N SER A 709 -2.49 -6.68 -3.06
CA SER A 709 -2.19 -8.10 -3.14
C SER A 709 -2.72 -8.87 -1.93
N VAL A 710 -3.93 -8.52 -1.49
CA VAL A 710 -4.64 -9.17 -0.40
C VAL A 710 -6.11 -8.87 -0.60
N ARG A 711 -6.97 -9.86 -0.38
CA ARG A 711 -8.39 -9.62 -0.55
C ARG A 711 -9.18 -10.43 0.46
N THR A 712 -9.82 -9.75 1.39
CA THR A 712 -10.60 -10.35 2.46
C THR A 712 -12.06 -10.46 2.04
N SER A 713 -12.73 -11.50 2.53
CA SER A 713 -14.07 -11.75 2.03
C SER A 713 -14.87 -12.57 3.04
N PHE A 714 -16.14 -12.23 3.17
CA PHE A 714 -17.14 -13.07 3.81
C PHE A 714 -17.84 -13.90 2.75
N PHE A 715 -18.51 -14.96 3.18
CA PHE A 715 -19.02 -15.92 2.21
C PHE A 715 -20.10 -16.79 2.84
N TRP A 716 -20.52 -17.78 2.07
CA TRP A 716 -21.69 -18.61 2.34
C TRP A 716 -21.67 -19.79 1.37
N ASP A 717 -21.79 -21.01 1.86
CA ASP A 717 -21.63 -22.18 1.02
C ASP A 717 -22.92 -22.98 0.95
N MET A 718 -22.81 -24.15 0.33
CA MET A 718 -23.77 -25.23 0.46
C MET A 718 -23.08 -26.48 -0.06
N GLY A 719 -23.83 -27.54 -0.28
CA GLY A 719 -23.24 -28.72 -0.86
C GLY A 719 -24.16 -29.90 -0.73
N THR A 720 -23.83 -30.95 -1.46
CA THR A 720 -24.61 -32.17 -1.44
C THR A 720 -23.92 -33.21 -2.30
N VAL A 721 -24.37 -34.45 -2.15
CA VAL A 721 -23.95 -35.59 -2.96
C VAL A 721 -25.00 -36.67 -2.74
N TRP A 722 -25.33 -37.41 -3.79
CA TRP A 722 -26.21 -38.55 -3.62
C TRP A 722 -25.73 -39.68 -4.51
N ASP A 723 -26.58 -40.68 -4.68
CA ASP A 723 -26.24 -41.88 -5.45
C ASP A 723 -27.48 -42.28 -6.23
N THR A 724 -27.55 -41.88 -7.46
CA THR A 724 -28.76 -42.12 -8.22
C THR A 724 -29.00 -43.56 -8.50
N ASN A 725 -28.19 -44.47 -8.01
CA ASN A 725 -28.49 -45.89 -8.05
C ASN A 725 -28.75 -46.44 -6.66
N TRP A 726 -28.78 -45.60 -5.64
CA TRP A 726 -28.97 -46.07 -4.28
C TRP A 726 -30.39 -46.55 -4.12
N ASP A 727 -30.58 -47.86 -4.20
CA ASP A 727 -31.88 -48.43 -3.92
C ASP A 727 -32.28 -48.11 -2.48
N SER A 728 -33.58 -47.99 -2.25
CA SER A 728 -34.10 -47.72 -0.92
C SER A 728 -35.05 -48.78 -0.40
N SER A 729 -35.58 -49.64 -1.27
CA SER A 729 -36.58 -50.61 -0.84
C SER A 729 -36.02 -51.56 0.19
N GLN A 730 -35.04 -52.36 -0.19
CA GLN A 730 -34.52 -53.38 0.71
C GLN A 730 -33.59 -52.83 1.77
N TYR A 731 -33.26 -51.55 1.73
CA TYR A 731 -32.32 -50.97 2.69
C TYR A 731 -33.00 -49.88 3.50
N SER A 732 -34.20 -50.16 3.99
CA SER A 732 -35.06 -49.12 4.57
C SER A 732 -34.41 -48.40 5.74
N GLY A 733 -33.93 -49.16 6.72
CA GLY A 733 -33.57 -48.59 8.00
C GLY A 733 -32.31 -47.75 7.99
N TYR A 734 -31.94 -47.23 6.82
CA TYR A 734 -30.71 -46.49 6.61
C TYR A 734 -31.06 -45.20 5.89
N PRO A 735 -30.27 -44.14 6.08
CA PRO A 735 -30.63 -42.85 5.48
C PRO A 735 -30.70 -42.97 3.97
N ASP A 736 -31.76 -42.40 3.40
CA ASP A 736 -31.98 -42.53 1.98
C ASP A 736 -31.00 -41.66 1.22
N TYR A 737 -29.83 -42.21 0.90
CA TYR A 737 -28.81 -41.43 0.22
C TYR A 737 -29.31 -40.90 -1.12
N SER A 738 -30.20 -41.63 -1.77
CA SER A 738 -30.74 -41.18 -3.05
C SER A 738 -31.45 -39.83 -2.96
N ASP A 739 -31.68 -39.32 -1.76
CA ASP A 739 -32.43 -38.07 -1.61
C ASP A 739 -31.47 -36.90 -1.66
N PRO A 740 -31.56 -36.03 -2.66
CA PRO A 740 -30.69 -34.85 -2.71
C PRO A 740 -31.02 -33.82 -1.65
N SER A 741 -32.22 -33.82 -1.09
CA SER A 741 -32.68 -32.72 -0.26
C SER A 741 -32.00 -32.79 1.12
N ASN A 742 -30.68 -32.69 1.11
CA ASN A 742 -29.89 -32.78 2.33
C ASN A 742 -28.78 -31.74 2.32
N ILE A 743 -29.13 -30.51 1.97
CA ILE A 743 -28.16 -29.43 1.92
C ILE A 743 -27.39 -29.35 3.22
N ARG A 744 -26.09 -29.06 3.12
CA ARG A 744 -25.24 -28.86 4.28
C ARG A 744 -24.51 -27.54 4.12
N MET A 745 -24.95 -26.52 4.82
CA MET A 745 -24.50 -25.16 4.56
C MET A 745 -23.27 -24.85 5.40
N SER A 746 -22.88 -23.59 5.37
CA SER A 746 -21.86 -23.05 6.27
C SER A 746 -21.80 -21.54 6.07
N ALA A 747 -20.83 -20.92 6.74
CA ALA A 747 -20.51 -19.51 6.56
C ALA A 747 -19.20 -19.25 7.30
N GLY A 748 -18.69 -18.04 7.14
CA GLY A 748 -17.44 -17.69 7.82
C GLY A 748 -16.73 -16.56 7.08
N ILE A 749 -15.45 -16.40 7.40
CA ILE A 749 -14.65 -15.38 6.76
C ILE A 749 -13.53 -16.05 5.98
N ALA A 750 -12.70 -15.25 5.32
CA ALA A 750 -11.57 -15.78 4.56
C ALA A 750 -10.58 -14.66 4.28
N LEU A 751 -9.31 -15.00 4.27
CA LEU A 751 -8.25 -14.05 3.93
C LEU A 751 -7.29 -14.74 3.00
N GLN A 752 -6.73 -14.00 2.04
CA GLN A 752 -5.79 -14.57 1.09
C GLN A 752 -4.54 -13.72 1.01
N TRP A 753 -3.44 -14.34 0.60
CA TRP A 753 -2.16 -13.66 0.53
C TRP A 753 -1.36 -14.22 -0.63
N MET A 754 -0.82 -13.36 -1.47
CA MET A 754 0.00 -13.79 -2.60
C MET A 754 1.48 -13.74 -2.25
N SER A 755 1.82 -14.48 -1.21
CA SER A 755 3.18 -14.53 -0.70
C SER A 755 4.07 -15.35 -1.62
N PRO A 756 5.39 -15.11 -1.59
CA PRO A 756 6.30 -15.81 -2.51
C PRO A 756 6.16 -17.32 -2.52
N LEU A 757 5.44 -17.92 -1.59
CA LEU A 757 5.08 -19.31 -1.78
C LEU A 757 3.93 -19.48 -2.74
N GLY A 758 3.33 -18.40 -3.21
CA GLY A 758 2.14 -18.48 -4.00
C GLY A 758 0.92 -18.19 -3.17
N PRO A 759 -0.26 -18.54 -3.66
CA PRO A 759 -1.49 -18.19 -2.95
C PRO A 759 -1.60 -18.97 -1.66
N LEU A 760 -1.57 -18.26 -0.55
CA LEU A 760 -1.98 -18.84 0.72
C LEU A 760 -3.48 -18.63 0.89
N VAL A 761 -4.00 -19.10 2.01
CA VAL A 761 -5.42 -18.94 2.30
C VAL A 761 -5.62 -19.23 3.78
N PHE A 762 -6.59 -18.56 4.38
CA PHE A 762 -6.99 -18.84 5.75
C PHE A 762 -8.48 -18.58 5.84
N SER A 763 -9.19 -19.45 6.54
CA SER A 763 -10.62 -19.33 6.58
C SER A 763 -11.17 -19.95 7.84
N TYR A 764 -11.91 -19.15 8.60
CA TYR A 764 -12.68 -19.62 9.74
C TYR A 764 -14.11 -19.81 9.27
N ALA A 765 -14.73 -20.91 9.66
CA ALA A 765 -16.06 -21.24 9.17
C ALA A 765 -16.90 -21.82 10.30
N GLN A 766 -18.15 -22.13 9.98
CA GLN A 766 -19.08 -22.69 10.95
C GLN A 766 -20.13 -23.51 10.20
N PRO A 767 -20.26 -24.78 10.50
CA PRO A 767 -21.30 -25.58 9.84
C PRO A 767 -22.71 -25.28 10.34
N PHE A 768 -23.38 -24.31 9.71
CA PHE A 768 -24.74 -23.94 10.07
C PHE A 768 -25.71 -25.10 9.91
N LYS A 769 -25.22 -26.25 9.49
CA LYS A 769 -26.06 -27.44 9.44
C LYS A 769 -25.13 -28.64 9.30
N LYS A 770 -25.67 -29.83 9.57
CA LYS A 770 -24.89 -31.05 9.53
C LYS A 770 -25.84 -32.21 9.22
N TYR A 771 -25.31 -33.42 9.33
CA TYR A 771 -26.07 -34.66 9.24
C TYR A 771 -25.35 -35.70 10.09
N ASP A 772 -25.69 -36.97 9.90
CA ASP A 772 -25.03 -38.03 10.65
C ASP A 772 -23.53 -38.04 10.36
N GLY A 773 -22.73 -37.73 11.37
CA GLY A 773 -21.29 -37.90 11.26
C GLY A 773 -20.61 -37.09 10.19
N ASP A 774 -20.52 -35.77 10.39
CA ASP A 774 -19.80 -34.88 9.48
C ASP A 774 -18.78 -34.10 10.30
N LYS A 775 -17.51 -34.49 10.21
CA LYS A 775 -16.47 -33.87 11.00
C LYS A 775 -16.24 -32.45 10.54
N ALA A 776 -16.45 -31.49 11.44
CA ALA A 776 -16.27 -30.09 11.10
C ALA A 776 -14.82 -29.68 11.27
N GLU A 777 -14.50 -28.50 10.74
CA GLU A 777 -13.14 -27.96 10.82
C GLU A 777 -13.24 -26.44 10.74
N GLN A 778 -13.16 -25.78 11.88
CA GLN A 778 -13.38 -24.35 11.92
C GLN A 778 -12.14 -23.55 11.59
N PHE A 779 -11.13 -24.14 10.96
CA PHE A 779 -9.90 -23.44 10.62
C PHE A 779 -9.14 -24.22 9.57
N GLN A 780 -8.79 -23.56 8.48
CA GLN A 780 -8.11 -24.25 7.38
C GLN A 780 -7.12 -23.32 6.70
N PHE A 781 -6.08 -23.90 6.10
CA PHE A 781 -5.04 -23.15 5.42
C PHE A 781 -4.21 -24.12 4.60
N ASN A 782 -3.25 -23.59 3.82
CA ASN A 782 -2.48 -24.44 2.92
C ASN A 782 -0.99 -24.06 2.93
N CYS A 783 -0.43 -23.87 4.12
CA CYS A 783 1.02 -23.86 4.33
C CYS A 783 1.51 -25.20 4.85
N GLY A 784 0.61 -26.16 5.01
CA GLY A 784 0.92 -27.45 5.57
C GLY A 784 -0.27 -28.37 5.54
N LYS A 785 -0.55 -29.05 6.64
CA LYS A 785 -1.72 -29.91 6.75
C LYS A 785 -2.72 -29.25 7.68
N THR A 786 -4.01 -29.37 7.35
CA THR A 786 -5.09 -28.65 7.99
C THR A 786 -5.25 -29.01 9.47
N TRP A 787 -6.08 -28.23 10.15
CA TRP A 787 -6.47 -28.40 11.57
C TRP A 787 -6.41 -29.85 12.07
N LEU B 2 -8.87 2.41 21.64
CA LEU B 2 -8.00 3.30 20.86
C LEU B 2 -8.66 4.66 20.65
N PHE B 3 -9.93 4.64 20.23
CA PHE B 3 -10.61 5.87 19.80
C PHE B 3 -10.59 6.95 20.88
N ASN B 4 -10.62 6.56 22.15
CA ASN B 4 -10.76 7.54 23.22
C ASN B 4 -9.43 8.23 23.54
N SER B 5 -8.32 7.52 23.42
CA SER B 5 -7.01 8.02 23.83
C SER B 5 -6.26 8.77 22.74
N GLU B 6 -6.95 9.35 21.75
CA GLU B 6 -6.29 10.03 20.65
C GLU B 6 -6.60 11.52 20.56
N GLU B 7 -7.18 12.11 21.60
CA GLU B 7 -7.48 13.53 21.60
C GLU B 7 -6.61 14.27 22.60
N ASP B 8 -6.23 15.50 22.25
CA ASP B 8 -5.46 16.36 23.14
C ASP B 8 -5.80 17.81 22.83
N VAL B 9 -6.35 18.53 23.81
CA VAL B 9 -6.72 19.93 23.62
C VAL B 9 -6.28 20.73 24.84
N VAL B 10 -6.62 22.02 24.84
CA VAL B 10 -6.41 22.85 26.01
C VAL B 10 -7.56 22.67 26.99
N LYS B 11 -7.27 22.87 28.28
CA LYS B 11 -8.21 22.62 29.36
C LYS B 11 -8.83 23.90 29.87
N MET B 12 -9.64 23.79 30.92
CA MET B 12 -10.42 24.89 31.45
C MET B 12 -10.59 24.70 32.96
N SER B 13 -10.27 25.72 33.73
CA SER B 13 -10.43 25.65 35.18
C SER B 13 -11.92 25.50 35.51
N PRO B 14 -12.32 24.45 36.24
CA PRO B 14 -13.75 24.11 36.30
C PRO B 14 -14.66 25.11 36.99
N LEU B 15 -14.43 25.40 38.28
CA LEU B 15 -15.41 26.18 39.01
C LEU B 15 -14.82 26.71 40.32
N PRO B 16 -14.09 27.80 40.29
CA PRO B 16 -13.34 28.24 41.46
C PRO B 16 -14.22 28.95 42.48
N THR B 17 -13.78 28.87 43.74
CA THR B 17 -14.11 29.84 44.80
C THR B 17 -15.62 30.07 44.90
N VAL B 18 -16.33 29.06 45.36
CA VAL B 18 -17.78 29.19 45.56
C VAL B 18 -18.03 30.24 46.63
N GLU B 19 -18.58 31.38 46.22
CA GLU B 19 -19.16 32.35 47.14
C GLU B 19 -20.58 32.61 46.68
N ASN B 20 -21.52 32.59 47.63
CA ASN B 20 -22.95 32.58 47.32
C ASN B 20 -23.72 33.52 48.24
N GLN B 21 -23.22 34.75 48.37
CA GLN B 21 -23.76 35.73 49.31
C GLN B 21 -25.28 35.73 49.38
N PHE B 22 -25.94 35.73 48.23
CA PHE B 22 -27.38 35.91 48.18
C PHE B 22 -28.05 34.60 47.78
N THR B 23 -29.36 34.65 47.60
CA THR B 23 -30.18 33.48 47.30
C THR B 23 -30.65 33.52 45.85
N PRO B 24 -29.99 32.81 44.95
CA PRO B 24 -30.42 32.81 43.54
C PRO B 24 -31.71 32.01 43.38
N THR B 25 -32.66 32.59 42.67
CA THR B 25 -34.00 32.01 42.51
C THR B 25 -34.32 31.77 41.05
N THR B 26 -35.22 30.83 40.81
CA THR B 26 -35.74 30.54 39.48
C THR B 26 -37.26 30.66 39.53
N ALA B 27 -37.80 31.73 38.94
CA ALA B 27 -39.24 31.96 38.97
C ALA B 27 -39.98 30.83 38.26
N TRP B 28 -39.72 30.64 36.97
CA TRP B 28 -40.35 29.56 36.24
C TRP B 28 -39.33 28.94 35.30
N SER B 29 -39.65 27.74 34.83
CA SER B 29 -38.77 26.97 33.96
C SER B 29 -39.55 26.39 32.79
N THR B 30 -40.34 27.24 32.13
CA THR B 30 -41.11 26.83 30.97
C THR B 30 -40.19 26.19 29.92
N SER B 31 -40.75 25.35 29.05
CA SER B 31 -39.99 24.42 28.23
C SER B 31 -40.35 24.56 26.76
N VAL B 32 -40.23 25.77 26.24
CA VAL B 32 -40.60 26.12 24.86
C VAL B 32 -40.03 25.13 23.85
N GLY B 33 -39.01 24.37 24.25
CA GLY B 33 -38.67 23.18 23.51
C GLY B 33 -37.28 23.17 22.92
N SER B 34 -36.52 22.12 23.22
CA SER B 34 -35.20 21.95 22.63
C SER B 34 -35.36 21.60 21.16
N GLY B 35 -34.87 22.47 20.29
CA GLY B 35 -34.17 23.67 20.72
C GLY B 35 -32.93 23.93 19.89
N ILE B 36 -32.08 24.84 20.35
CA ILE B 36 -30.88 25.21 19.63
C ILE B 36 -29.91 24.05 19.49
N GLY B 37 -30.17 22.93 20.14
CA GLY B 37 -29.32 21.76 19.98
C GLY B 37 -27.89 22.11 20.34
N ASN B 38 -26.99 21.90 19.38
CA ASN B 38 -25.61 22.31 19.53
C ASN B 38 -25.16 23.24 18.41
N PHE B 39 -26.02 23.53 17.45
CA PHE B 39 -25.65 24.45 16.38
C PHE B 39 -25.54 25.87 16.92
N TYR B 40 -24.47 26.56 16.54
CA TYR B 40 -24.28 27.94 16.98
C TYR B 40 -25.26 28.85 16.24
N SER B 41 -25.81 29.81 16.96
CA SER B 41 -26.85 30.68 16.44
C SER B 41 -26.95 31.91 17.32
N ASN B 42 -28.03 32.67 17.17
CA ASN B 42 -28.22 33.89 17.94
C ASN B 42 -29.60 33.98 18.57
N LEU B 43 -30.25 32.85 18.85
CA LEU B 43 -31.62 32.91 19.33
C LEU B 43 -31.69 33.47 20.75
N HIS B 44 -31.85 34.77 20.88
CA HIS B 44 -31.89 35.38 22.21
C HIS B 44 -33.31 35.85 22.53
N PRO B 45 -34.08 35.04 23.23
CA PRO B 45 -35.47 35.42 23.53
C PRO B 45 -35.57 36.75 24.25
N ALA B 46 -36.41 37.63 23.72
CA ALA B 46 -36.54 38.98 24.22
C ALA B 46 -37.89 39.12 24.92
N LEU B 47 -38.16 40.34 25.37
CA LEU B 47 -39.25 40.59 26.30
C LEU B 47 -39.80 41.99 26.10
N ALA B 48 -41.13 42.10 26.07
CA ALA B 48 -41.77 43.40 25.99
C ALA B 48 -43.15 43.32 26.64
N ASP B 49 -43.44 44.31 27.49
CA ASP B 49 -44.73 44.46 28.14
C ASP B 49 -45.22 43.15 28.75
N ASN B 50 -44.37 42.56 29.60
CA ASN B 50 -44.72 41.39 30.38
C ASN B 50 -45.13 40.22 29.50
N VAL B 51 -44.56 40.11 28.31
CA VAL B 51 -44.82 38.97 27.43
C VAL B 51 -43.48 38.48 26.89
N VAL B 52 -43.26 37.17 27.01
CA VAL B 52 -42.02 36.55 26.57
C VAL B 52 -42.27 35.80 25.28
N TYR B 53 -41.39 35.99 24.29
CA TYR B 53 -41.52 35.35 23.00
C TYR B 53 -40.22 34.64 22.68
N ALA B 54 -40.23 33.32 22.80
CA ALA B 54 -39.01 32.56 22.54
C ALA B 54 -39.17 31.75 21.28
N ALA B 55 -38.18 30.93 20.96
CA ALA B 55 -38.29 30.07 19.79
C ALA B 55 -37.28 28.95 19.93
N ASP B 56 -37.51 27.90 19.15
CA ASP B 56 -36.57 26.81 19.07
C ASP B 56 -35.67 27.04 17.87
N ARG B 57 -34.93 26.00 17.49
CA ARG B 57 -34.27 26.04 16.19
C ARG B 57 -35.24 25.67 15.07
N ALA B 58 -35.86 24.50 15.15
CA ALA B 58 -36.47 23.87 13.99
C ALA B 58 -37.97 24.07 13.88
N GLY B 59 -38.60 24.72 14.85
CA GLY B 59 -40.04 24.69 14.94
C GLY B 59 -40.70 25.94 15.44
N LEU B 60 -41.54 25.75 16.46
CA LEU B 60 -42.55 26.69 16.92
C LEU B 60 -42.02 28.02 17.42
N VAL B 61 -42.96 28.91 17.77
CA VAL B 61 -42.68 30.22 18.31
C VAL B 61 -43.75 30.48 19.37
N LYS B 62 -43.35 30.49 20.64
CA LYS B 62 -44.31 30.54 21.73
C LYS B 62 -44.40 31.94 22.31
N ALA B 63 -45.56 32.26 22.88
CA ALA B 63 -45.80 33.53 23.55
C ALA B 63 -46.06 33.24 25.03
N LEU B 64 -45.14 33.68 25.88
CA LEU B 64 -45.12 33.28 27.28
C LEU B 64 -45.54 34.43 28.18
N ASN B 65 -46.41 34.13 29.14
CA ASN B 65 -46.82 35.12 30.13
C ASN B 65 -45.66 35.37 31.09
N ALA B 66 -45.11 36.58 31.02
CA ALA B 66 -43.84 36.87 31.68
C ALA B 66 -43.96 37.05 33.19
N ASP B 67 -45.06 36.64 33.79
CA ASP B 67 -45.17 36.63 35.24
C ASP B 67 -45.08 35.23 35.82
N ASP B 68 -45.58 34.23 35.09
CA ASP B 68 -45.52 32.85 35.53
C ASP B 68 -45.07 31.88 34.46
N GLY B 69 -45.21 32.21 33.19
CA GLY B 69 -44.84 31.33 32.11
C GLY B 69 -46.00 30.69 31.36
N LYS B 70 -47.16 31.34 31.28
CA LYS B 70 -48.28 30.77 30.58
C LYS B 70 -48.14 30.97 29.08
N GLU B 71 -48.56 29.96 28.31
CA GLU B 71 -48.50 30.01 26.86
C GLU B 71 -49.71 30.78 26.35
N ILE B 72 -49.49 32.02 25.90
CA ILE B 72 -50.58 32.78 25.30
C ILE B 72 -51.02 32.14 24.00
N TRP B 73 -50.06 31.63 23.22
CA TRP B 73 -50.35 30.91 21.98
C TRP B 73 -49.05 30.33 21.47
N SER B 74 -49.17 29.23 20.72
CA SER B 74 -47.98 28.52 20.26
C SER B 74 -48.20 28.11 18.81
N VAL B 75 -47.82 28.98 17.89
CA VAL B 75 -47.90 28.69 16.47
C VAL B 75 -46.73 27.81 16.08
N SER B 76 -46.79 27.25 14.88
CA SER B 76 -45.70 26.42 14.35
C SER B 76 -45.45 26.87 12.91
N LEU B 77 -44.40 27.66 12.70
CA LEU B 77 -44.20 28.30 11.41
C LEU B 77 -43.70 27.33 10.36
N ALA B 78 -42.84 26.39 10.73
CA ALA B 78 -42.41 25.37 9.79
C ALA B 78 -43.63 24.75 9.10
N GLU B 79 -43.58 24.68 7.78
CA GLU B 79 -44.79 24.43 7.00
C GLU B 79 -45.39 23.08 7.34
N LYS B 80 -46.71 23.09 7.58
CA LYS B 80 -47.47 21.86 7.76
C LYS B 80 -47.23 20.92 6.58
N ASP B 81 -47.37 21.42 5.36
CA ASP B 81 -47.00 20.68 4.17
C ASP B 81 -45.49 20.74 4.00
N GLY B 82 -45.00 20.31 2.85
CA GLY B 82 -43.58 20.32 2.60
C GLY B 82 -43.16 19.06 1.87
N TRP B 83 -41.89 18.72 2.05
CA TRP B 83 -41.31 17.62 1.29
C TRP B 83 -40.97 16.41 2.16
N PHE B 84 -40.30 16.62 3.29
CA PHE B 84 -39.79 15.49 4.07
C PHE B 84 -40.53 15.29 5.38
N SER B 85 -40.51 16.27 6.28
CA SER B 85 -41.36 16.24 7.48
C SER B 85 -41.43 17.67 8.01
N LYS B 86 -42.51 18.37 7.68
CA LYS B 86 -42.78 19.71 8.20
C LYS B 86 -41.72 20.72 7.74
N GLU B 87 -40.70 20.23 7.02
CA GLU B 87 -39.63 21.07 6.49
C GLU B 87 -39.04 21.97 7.57
N PRO B 88 -38.20 21.42 8.47
CA PRO B 88 -37.74 22.20 9.63
C PRO B 88 -37.25 23.59 9.25
N ALA B 89 -37.98 24.60 9.71
CA ALA B 89 -37.76 25.96 9.24
C ALA B 89 -36.38 26.49 9.59
N LEU B 90 -35.72 25.91 10.59
CA LEU B 90 -34.38 26.33 10.97
C LEU B 90 -34.35 27.82 11.31
N LEU B 91 -35.08 28.18 12.36
CA LEU B 91 -35.04 29.55 12.82
C LEU B 91 -33.70 29.84 13.46
N SER B 92 -32.92 30.74 12.85
CA SER B 92 -31.63 31.12 13.39
C SER B 92 -31.47 32.62 13.57
N GLY B 93 -32.51 33.41 13.31
CA GLY B 93 -32.46 34.81 13.61
C GLY B 93 -32.57 35.04 15.10
N GLY B 94 -32.94 36.26 15.47
CA GLY B 94 -33.12 36.57 16.86
C GLY B 94 -34.43 37.29 17.13
N VAL B 95 -35.27 36.70 17.96
CA VAL B 95 -36.59 37.25 18.22
C VAL B 95 -36.48 38.71 18.62
N THR B 96 -37.45 39.53 18.23
CA THR B 96 -37.39 40.95 18.47
C THR B 96 -38.82 41.43 18.70
N VAL B 97 -39.00 42.72 18.90
CA VAL B 97 -40.31 43.28 19.20
C VAL B 97 -40.39 44.69 18.65
N SER B 98 -41.53 45.02 18.05
CA SER B 98 -41.94 46.39 17.78
C SER B 98 -43.35 46.37 17.23
N GLY B 99 -44.11 47.42 17.55
CA GLY B 99 -45.49 47.47 17.12
C GLY B 99 -46.24 46.26 17.66
N GLY B 100 -46.56 45.32 16.77
CA GLY B 100 -47.18 44.08 17.18
C GLY B 100 -46.60 42.87 16.49
N HIS B 101 -45.31 42.94 16.17
CA HIS B 101 -44.67 41.91 15.37
C HIS B 101 -43.40 41.42 16.05
N VAL B 102 -43.02 40.19 15.75
CA VAL B 102 -41.82 39.59 16.29
C VAL B 102 -41.01 39.00 15.14
N TYR B 103 -40.10 39.79 14.60
CA TYR B 103 -39.33 39.37 13.44
C TYR B 103 -38.43 38.22 13.84
N ILE B 104 -38.38 37.19 13.01
CA ILE B 104 -37.61 35.99 13.34
C ILE B 104 -36.83 35.58 12.12
N GLY B 105 -35.54 35.86 12.11
CA GLY B 105 -34.72 35.48 10.98
C GLY B 105 -34.70 33.97 10.79
N SER B 106 -34.61 33.57 9.53
CA SER B 106 -34.63 32.16 9.22
C SER B 106 -33.29 31.70 8.66
N GLU B 107 -33.24 30.43 8.27
CA GLU B 107 -32.06 29.87 7.64
C GLU B 107 -32.31 29.49 6.19
N LYS B 108 -33.55 29.40 5.76
CA LYS B 108 -33.89 29.20 4.37
C LYS B 108 -33.99 30.50 3.62
N ALA B 109 -33.31 31.53 4.11
CA ALA B 109 -33.22 32.83 3.45
C ALA B 109 -34.55 33.58 3.48
N GLN B 110 -35.39 33.29 4.46
CA GLN B 110 -36.65 33.99 4.59
C GLN B 110 -36.67 34.74 5.91
N VAL B 111 -37.57 35.71 6.02
CA VAL B 111 -37.65 36.60 7.17
C VAL B 111 -39.12 36.66 7.56
N TYR B 112 -39.52 35.82 8.50
CA TYR B 112 -40.92 35.83 8.88
C TYR B 112 -41.26 37.15 9.56
N ALA B 113 -42.55 37.34 9.84
CA ALA B 113 -43.01 38.52 10.55
C ALA B 113 -44.35 38.15 11.18
N LEU B 114 -44.36 37.97 12.48
CA LEU B 114 -45.49 37.36 13.15
C LEU B 114 -46.33 38.44 13.80
N ASN B 115 -47.35 38.04 14.55
CA ASN B 115 -48.24 38.98 15.20
C ASN B 115 -48.39 38.63 16.67
N THR B 116 -48.54 39.66 17.50
CA THR B 116 -48.58 39.44 18.94
C THR B 116 -49.81 38.64 19.34
N SER B 117 -50.97 39.00 18.80
CA SER B 117 -52.23 38.42 19.28
C SER B 117 -52.29 36.92 19.01
N ASP B 118 -52.24 36.53 17.75
CA ASP B 118 -52.48 35.12 17.39
C ASP B 118 -51.28 34.44 16.76
N GLY B 119 -50.72 35.00 15.71
CA GLY B 119 -49.66 34.34 14.98
C GLY B 119 -49.88 34.42 13.48
N THR B 120 -50.88 35.19 13.08
CA THR B 120 -51.14 35.42 11.67
C THR B 120 -49.95 36.12 11.03
N VAL B 121 -49.27 35.40 10.13
CA VAL B 121 -48.08 35.95 9.49
C VAL B 121 -48.44 37.25 8.79
N ALA B 122 -47.86 38.35 9.25
CA ALA B 122 -48.19 39.65 8.66
C ALA B 122 -47.65 39.76 7.24
N TRP B 123 -46.47 39.22 7.00
CA TRP B 123 -45.96 39.00 5.66
C TRP B 123 -44.74 38.10 5.79
N GLN B 124 -44.14 37.77 4.67
CA GLN B 124 -42.99 36.87 4.67
C GLN B 124 -42.23 37.08 3.37
N THR B 125 -40.97 37.47 3.48
CA THR B 125 -40.18 37.83 2.32
C THR B 125 -39.14 36.74 2.08
N LYS B 126 -38.38 36.92 1.01
CA LYS B 126 -37.17 36.16 0.76
C LYS B 126 -36.03 37.15 0.63
N VAL B 127 -34.84 36.76 1.10
CA VAL B 127 -33.67 37.63 1.07
C VAL B 127 -32.48 36.82 0.63
N ALA B 128 -31.65 37.41 -0.23
CA ALA B 128 -30.46 36.74 -0.72
C ALA B 128 -29.63 36.22 0.44
N GLY B 129 -29.36 34.92 0.42
CA GLY B 129 -28.63 34.29 1.50
C GLY B 129 -29.46 34.19 2.77
N GLU B 130 -28.95 33.41 3.72
CA GLU B 130 -29.69 33.18 4.95
C GLU B 130 -29.45 34.31 5.93
N ALA B 131 -30.50 34.65 6.67
CA ALA B 131 -30.33 35.57 7.78
C ALA B 131 -29.63 34.86 8.92
N LEU B 132 -28.80 35.61 9.65
CA LEU B 132 -28.20 35.08 10.85
C LEU B 132 -28.10 36.13 11.95
N SER B 133 -28.69 37.29 11.76
CA SER B 133 -28.49 38.37 12.71
C SER B 133 -29.82 38.80 13.31
N ARG B 134 -29.77 39.25 14.55
CA ARG B 134 -30.96 39.79 15.17
C ARG B 134 -31.43 40.98 14.36
N PRO B 135 -32.58 40.89 13.74
CA PRO B 135 -33.08 42.02 12.94
C PRO B 135 -33.39 43.19 13.85
N VAL B 136 -33.15 44.38 13.33
CA VAL B 136 -33.28 45.60 14.11
C VAL B 136 -34.43 46.43 13.55
N VAL B 137 -35.09 47.16 14.43
CA VAL B 137 -36.20 48.03 14.08
C VAL B 137 -35.72 49.48 14.15
N SER B 138 -36.06 50.27 13.14
CA SER B 138 -35.81 51.70 13.19
C SER B 138 -36.51 52.36 12.01
N ASP B 139 -37.17 53.47 12.28
CA ASP B 139 -37.83 54.33 11.27
C ASP B 139 -38.46 53.50 10.15
N GLY B 140 -39.33 52.59 10.55
CA GLY B 140 -40.00 51.72 9.60
C GLY B 140 -39.10 50.61 9.08
N LEU B 141 -37.89 50.96 8.69
CA LEU B 141 -36.98 49.98 8.12
C LEU B 141 -36.69 48.86 9.10
N VAL B 142 -36.36 47.70 8.55
CA VAL B 142 -36.02 46.52 9.34
C VAL B 142 -34.76 45.94 8.71
N LEU B 143 -33.60 46.33 9.22
CA LEU B 143 -32.37 45.83 8.63
C LEU B 143 -32.17 44.37 8.99
N ILE B 144 -31.38 43.69 8.19
CA ILE B 144 -30.93 42.33 8.44
C ILE B 144 -29.62 42.12 7.70
N HIS B 145 -28.63 41.60 8.39
CA HIS B 145 -27.33 41.35 7.81
C HIS B 145 -27.19 39.85 7.58
N THR B 146 -27.32 39.43 6.34
CA THR B 146 -27.36 38.01 6.04
C THR B 146 -25.97 37.41 6.17
N SER B 147 -25.84 36.16 5.73
CA SER B 147 -24.56 35.47 5.73
C SER B 147 -23.92 35.46 4.35
N ASN B 148 -24.29 36.41 3.50
CA ASN B 148 -23.59 36.68 2.25
C ASN B 148 -22.96 38.05 2.26
N GLY B 149 -22.96 38.73 3.40
CA GLY B 149 -22.58 40.12 3.45
C GLY B 149 -23.50 40.95 2.59
N GLN B 150 -24.81 40.83 2.82
CA GLN B 150 -25.81 41.52 2.00
C GLN B 150 -26.82 42.13 2.98
N LEU B 151 -26.59 43.38 3.37
CA LEU B 151 -27.52 44.04 4.28
C LEU B 151 -28.77 44.44 3.49
N GLN B 152 -29.68 43.50 3.29
CA GLN B 152 -30.90 43.73 2.53
C GLN B 152 -31.94 44.33 3.46
N ALA B 153 -32.09 45.65 3.42
CA ALA B 153 -33.08 46.32 4.26
C ALA B 153 -34.48 45.85 3.87
N LEU B 154 -35.42 45.96 4.79
CA LEU B 154 -36.79 45.52 4.58
C LEU B 154 -37.77 46.57 5.05
N ASN B 155 -38.80 46.83 4.24
CA ASN B 155 -39.86 47.71 4.70
C ASN B 155 -40.76 46.95 5.67
N GLU B 156 -41.48 47.71 6.50
CA GLU B 156 -42.08 47.12 7.69
C GLU B 156 -43.40 46.41 7.40
N ALA B 157 -44.41 47.14 6.99
CA ALA B 157 -45.75 46.54 6.91
C ALA B 157 -45.97 45.75 5.63
N ASP B 158 -44.94 45.57 4.81
CA ASP B 158 -45.12 44.86 3.55
C ASP B 158 -43.98 43.95 3.18
N GLY B 159 -42.96 43.81 4.02
CA GLY B 159 -41.80 43.01 3.65
C GLY B 159 -41.16 43.45 2.35
N ALA B 160 -41.31 44.73 2.02
CA ALA B 160 -40.75 45.23 0.77
C ALA B 160 -39.26 45.44 0.89
N VAL B 161 -38.52 44.93 -0.10
CA VAL B 161 -37.07 45.08 -0.14
C VAL B 161 -36.76 46.50 -0.61
N LYS B 162 -36.25 47.33 0.29
CA LYS B 162 -36.06 48.73 -0.04
C LYS B 162 -34.73 48.96 -0.76
N TRP B 163 -33.67 48.26 -0.37
CA TRP B 163 -32.41 48.34 -1.10
C TRP B 163 -31.63 47.05 -0.84
N THR B 164 -30.36 47.05 -1.23
CA THR B 164 -29.43 46.00 -0.83
C THR B 164 -28.02 46.54 -0.99
N VAL B 165 -27.35 46.79 0.10
CA VAL B 165 -25.94 47.15 0.11
C VAL B 165 -25.15 45.88 -0.09
N ASN B 166 -23.86 45.99 -0.39
CA ASN B 166 -23.02 44.83 -0.56
C ASN B 166 -21.76 44.95 0.28
N LEU B 167 -21.27 43.81 0.75
CA LEU B 167 -20.05 43.73 1.54
C LEU B 167 -19.20 42.59 1.01
N ASP B 168 -17.95 42.54 1.47
CA ASP B 168 -17.04 41.50 1.05
C ASP B 168 -17.23 40.23 1.87
N MET B 169 -16.55 39.17 1.46
CA MET B 169 -16.64 37.91 2.18
C MET B 169 -15.41 37.06 1.97
N PRO B 170 -14.52 36.98 2.95
CA PRO B 170 -13.34 36.12 2.80
C PRO B 170 -13.72 34.65 2.82
N SER B 171 -12.72 33.76 2.78
CA SER B 171 -13.01 32.34 2.71
C SER B 171 -13.46 31.80 4.06
N LEU B 172 -12.60 31.84 5.08
CA LEU B 172 -12.92 31.30 6.39
C LEU B 172 -13.37 32.43 7.29
N SER B 173 -14.64 32.78 7.18
CA SER B 173 -15.23 33.75 8.08
C SER B 173 -15.68 33.08 9.36
N LEU B 174 -15.68 33.86 10.44
CA LEU B 174 -16.47 33.46 11.58
C LEU B 174 -17.93 33.43 11.19
N ARG B 175 -18.77 32.88 12.06
CA ARG B 175 -20.17 32.77 11.69
C ARG B 175 -20.73 34.17 11.62
N GLY B 176 -20.83 34.72 10.40
CA GLY B 176 -20.87 36.14 10.21
C GLY B 176 -22.19 36.72 10.67
N GLU B 177 -22.13 37.37 11.82
CA GLU B 177 -23.28 37.67 12.65
C GLU B 177 -23.41 39.16 12.92
N SER B 178 -22.89 39.99 12.03
CA SER B 178 -22.68 41.41 12.35
C SER B 178 -24.03 42.09 12.39
N ALA B 179 -24.61 42.13 13.57
CA ALA B 179 -25.82 42.91 13.76
C ALA B 179 -25.56 44.36 13.39
N PRO B 180 -26.56 45.07 12.91
CA PRO B 180 -26.45 46.51 12.73
C PRO B 180 -26.93 47.25 13.96
N THR B 181 -26.82 48.56 13.89
CA THR B 181 -27.43 49.45 14.86
C THR B 181 -27.88 50.73 14.17
N THR B 182 -28.29 51.71 14.96
CA THR B 182 -28.75 52.98 14.42
C THR B 182 -28.24 54.11 15.30
N ALA B 183 -28.07 55.27 14.68
CA ALA B 183 -27.70 56.48 15.40
C ALA B 183 -27.97 57.68 14.51
N PHE B 184 -28.85 58.58 14.95
CA PHE B 184 -29.15 59.81 14.24
C PHE B 184 -29.49 59.56 12.78
N GLY B 185 -30.38 58.60 12.57
CA GLY B 185 -30.74 58.21 11.21
C GLY B 185 -29.56 57.74 10.39
N ALA B 186 -28.51 57.27 11.03
CA ALA B 186 -27.35 56.74 10.33
C ALA B 186 -27.07 55.34 10.83
N ALA B 187 -26.92 54.40 9.91
CA ALA B 187 -26.82 52.99 10.23
C ALA B 187 -25.35 52.59 10.33
N VAL B 188 -24.98 52.04 11.46
CA VAL B 188 -23.66 51.44 11.65
C VAL B 188 -23.81 49.93 11.54
N VAL B 189 -22.77 49.26 11.09
CA VAL B 189 -22.87 47.83 10.82
C VAL B 189 -21.49 47.23 10.87
N GLY B 190 -21.40 46.04 11.44
CA GLY B 190 -20.15 45.31 11.44
C GLY B 190 -19.81 44.78 10.07
N GLY B 191 -18.94 43.78 10.01
CA GLY B 191 -18.55 43.21 8.73
C GLY B 191 -17.83 41.90 8.96
N ASP B 192 -17.46 41.28 7.84
CA ASP B 192 -16.79 39.99 7.87
C ASP B 192 -15.31 40.08 7.51
N ASN B 193 -14.75 41.29 7.53
CA ASN B 193 -13.33 41.46 7.25
C ASN B 193 -12.69 42.46 8.18
N GLY B 194 -13.23 42.62 9.38
CA GLY B 194 -12.70 43.63 10.28
C GLY B 194 -12.87 45.03 9.75
N ARG B 195 -13.96 45.29 9.03
CA ARG B 195 -14.19 46.56 8.37
C ARG B 195 -15.53 47.10 8.85
N VAL B 196 -15.50 48.00 9.84
CA VAL B 196 -16.73 48.57 10.33
C VAL B 196 -17.22 49.57 9.30
N SER B 197 -18.13 49.15 8.46
CA SER B 197 -18.71 50.04 7.47
C SER B 197 -19.83 50.86 8.11
N ALA B 198 -20.58 51.53 7.26
CA ALA B 198 -21.73 52.33 7.66
C ALA B 198 -22.52 52.63 6.42
N VAL B 199 -23.78 53.01 6.59
CA VAL B 199 -24.63 53.38 5.48
C VAL B 199 -25.67 54.39 5.97
N LEU B 200 -25.99 55.36 5.11
CA LEU B 200 -27.12 56.22 5.41
C LEU B 200 -28.40 55.41 5.31
N MET B 201 -29.19 55.44 6.38
CA MET B 201 -30.31 54.51 6.54
C MET B 201 -31.52 54.90 5.72
N GLU B 202 -31.35 55.76 4.73
CA GLU B 202 -32.47 56.19 3.91
C GLU B 202 -32.38 55.70 2.47
N GLN B 203 -31.18 55.63 1.90
CA GLN B 203 -31.06 55.31 0.49
C GLN B 203 -30.12 54.14 0.23
N GLY B 204 -29.04 54.05 0.97
CA GLY B 204 -28.07 53.01 0.70
C GLY B 204 -26.70 53.58 0.40
N GLN B 205 -26.51 54.86 0.69
CA GLN B 205 -25.23 55.51 0.48
C GLN B 205 -24.20 54.91 1.44
N MET B 206 -23.21 54.21 0.89
CA MET B 206 -22.12 53.70 1.71
C MET B 206 -21.26 54.87 2.13
N ILE B 207 -21.55 55.44 3.31
CA ILE B 207 -20.91 56.69 3.72
C ILE B 207 -19.40 56.54 3.76
N TRP B 208 -18.91 55.47 4.40
CA TRP B 208 -17.48 55.22 4.40
C TRP B 208 -17.20 53.83 4.97
N GLN B 209 -16.24 53.14 4.37
CA GLN B 209 -15.69 51.90 4.89
C GLN B 209 -14.42 52.21 5.66
N GLN B 210 -14.03 51.31 6.55
CA GLN B 210 -12.81 51.48 7.33
C GLN B 210 -12.42 50.17 7.96
N ARG B 211 -11.16 49.79 7.80
CA ARG B 211 -10.64 48.60 8.46
C ARG B 211 -10.30 48.91 9.91
N ILE B 212 -10.79 48.06 10.82
CA ILE B 212 -10.59 48.28 12.25
C ILE B 212 -9.38 47.49 12.75
N SER B 213 -9.38 46.18 12.55
CA SER B 213 -8.33 45.39 13.17
C SER B 213 -8.15 44.10 12.37
N GLN B 214 -7.46 43.14 12.96
CA GLN B 214 -7.06 41.90 12.30
C GLN B 214 -8.22 40.91 12.41
N ALA B 215 -8.99 40.77 11.33
CA ALA B 215 -10.01 39.75 11.23
C ALA B 215 -9.42 38.44 10.72
N THR B 216 -10.02 37.33 11.14
CA THR B 216 -9.50 36.02 10.75
C THR B 216 -9.47 35.89 9.23
N GLY B 217 -8.30 35.51 8.70
CA GLY B 217 -8.14 35.31 7.28
C GLY B 217 -7.04 36.12 6.64
N SER B 218 -6.03 35.42 6.11
CA SER B 218 -4.91 35.97 5.35
C SER B 218 -4.00 36.84 6.22
N THR B 219 -4.45 37.13 7.43
CA THR B 219 -3.64 37.64 8.54
C THR B 219 -4.12 36.97 9.82
N GLU B 220 -4.37 35.66 9.72
CA GLU B 220 -5.22 34.95 10.67
C GLU B 220 -4.77 35.11 12.10
N ILE B 221 -5.69 35.58 12.94
CA ILE B 221 -5.64 35.34 14.36
C ILE B 221 -6.18 33.94 14.60
N ASP B 222 -5.89 33.37 15.77
CA ASP B 222 -6.19 31.97 16.03
C ASP B 222 -7.65 31.63 15.76
N ARG B 223 -7.91 30.34 15.53
CA ARG B 223 -9.23 29.87 15.15
C ARG B 223 -10.28 30.06 16.24
N LEU B 224 -9.91 30.65 17.37
CA LEU B 224 -10.84 30.92 18.45
C LEU B 224 -11.22 32.39 18.54
N SER B 225 -11.07 33.14 17.45
CA SER B 225 -11.53 34.53 17.43
C SER B 225 -13.05 34.59 17.44
N ASP B 226 -13.65 34.38 18.62
CA ASP B 226 -15.07 34.04 18.80
C ASP B 226 -15.84 35.27 19.25
N VAL B 227 -16.35 36.06 18.31
CA VAL B 227 -16.78 37.41 18.64
C VAL B 227 -18.08 37.73 17.92
N ASP B 228 -18.77 38.76 18.43
CA ASP B 228 -19.85 39.41 17.72
C ASP B 228 -19.38 40.80 17.34
N THR B 229 -19.53 41.14 16.07
CA THR B 229 -19.02 42.44 15.65
C THR B 229 -19.94 43.59 16.07
N THR B 230 -20.93 43.35 16.90
CA THR B 230 -21.95 44.36 17.18
C THR B 230 -21.32 45.60 17.80
N PRO B 231 -21.43 46.75 17.17
CA PRO B 231 -20.90 47.98 17.76
C PRO B 231 -21.90 48.58 18.72
N VAL B 232 -21.54 49.74 19.26
CA VAL B 232 -22.39 50.47 20.19
C VAL B 232 -22.11 51.96 20.03
N VAL B 233 -23.09 52.76 20.41
CA VAL B 233 -23.00 54.20 20.28
C VAL B 233 -22.91 54.80 21.68
N VAL B 234 -22.29 55.98 21.75
CA VAL B 234 -22.20 56.75 22.98
C VAL B 234 -22.73 58.13 22.63
N ASN B 235 -22.67 59.08 23.57
CA ASN B 235 -23.20 60.42 23.36
C ASN B 235 -22.90 60.97 21.96
N GLY B 236 -21.62 60.95 21.58
CA GLY B 236 -21.25 61.42 20.25
C GLY B 236 -20.13 60.60 19.63
N VAL B 237 -19.67 59.59 20.36
CA VAL B 237 -18.54 58.77 19.93
C VAL B 237 -19.04 57.33 19.76
N VAL B 238 -18.44 56.62 18.81
CA VAL B 238 -18.84 55.26 18.48
C VAL B 238 -17.70 54.31 18.82
N PHE B 239 -18.00 53.30 19.61
CA PHE B 239 -17.06 52.24 19.92
C PHE B 239 -17.40 51.02 19.08
N ALA B 240 -16.49 50.05 19.08
CA ALA B 240 -16.72 48.81 18.37
C ALA B 240 -15.59 47.86 18.68
N LEU B 241 -15.91 46.57 18.76
CA LEU B 241 -14.88 45.56 18.73
C LEU B 241 -14.43 45.36 17.29
N ALA B 242 -13.70 44.28 17.08
CA ALA B 242 -13.33 43.88 15.74
C ALA B 242 -13.81 42.46 15.50
N TYR B 243 -13.80 42.06 14.24
CA TYR B 243 -14.18 40.71 13.86
C TYR B 243 -13.26 39.70 14.52
N ASN B 244 -12.23 40.19 15.20
CA ASN B 244 -11.61 39.47 16.28
C ASN B 244 -11.77 40.16 17.62
N GLY B 245 -11.90 41.49 17.61
CA GLY B 245 -12.17 42.21 18.84
C GLY B 245 -11.13 43.23 19.26
N ASN B 246 -10.14 43.50 18.40
CA ASN B 246 -9.09 44.43 18.80
C ASN B 246 -9.68 45.82 18.87
N LEU B 247 -10.19 46.17 20.06
CA LEU B 247 -11.13 47.27 20.25
C LEU B 247 -10.64 48.54 19.58
N THR B 248 -11.59 49.36 19.16
CA THR B 248 -11.29 50.64 18.53
C THR B 248 -12.41 51.60 18.88
N ALA B 249 -12.13 52.89 18.69
CA ALA B 249 -13.12 53.94 18.92
C ALA B 249 -12.99 54.93 17.78
N LEU B 250 -14.08 55.64 17.50
CA LEU B 250 -14.14 56.54 16.36
C LEU B 250 -15.42 57.36 16.45
N ASP B 251 -15.58 58.27 15.49
CA ASP B 251 -16.74 59.14 15.44
C ASP B 251 -17.57 58.83 14.20
N LEU B 252 -18.85 59.24 14.26
CA LEU B 252 -19.81 58.88 13.22
C LEU B 252 -19.31 59.26 11.83
N ARG B 253 -19.10 60.55 11.61
CA ARG B 253 -18.76 61.03 10.28
C ARG B 253 -17.36 60.64 9.87
N SER B 254 -16.42 60.63 10.82
CA SER B 254 -15.01 60.50 10.45
C SER B 254 -14.58 59.05 10.34
N GLY B 255 -14.72 58.28 11.41
CA GLY B 255 -14.07 57.00 11.51
C GLY B 255 -12.60 57.08 11.83
N GLN B 256 -12.02 58.28 11.85
CA GLN B 256 -10.65 58.44 12.31
C GLN B 256 -10.52 57.88 13.71
N ILE B 257 -9.69 56.85 13.86
CA ILE B 257 -9.69 56.08 15.10
C ILE B 257 -9.23 56.97 16.26
N MET B 258 -10.02 56.97 17.33
CA MET B 258 -9.66 57.78 18.48
C MET B 258 -8.54 57.16 19.28
N TRP B 259 -8.44 55.83 19.28
CA TRP B 259 -7.34 55.12 19.91
C TRP B 259 -7.43 53.67 19.48
N LYS B 260 -6.56 52.84 20.04
CA LYS B 260 -6.46 51.44 19.66
C LYS B 260 -5.96 50.63 20.83
N ARG B 261 -6.47 49.41 20.95
CA ARG B 261 -6.09 48.53 22.04
C ARG B 261 -5.88 47.10 21.54
N GLU B 262 -5.08 46.94 20.49
CA GLU B 262 -4.96 45.63 19.86
C GLU B 262 -4.21 44.69 20.78
N LEU B 263 -4.80 44.40 21.93
CA LEU B 263 -4.35 43.31 22.80
C LEU B 263 -5.47 42.41 23.27
N GLY B 264 -6.68 42.93 23.48
CA GLY B 264 -7.80 42.10 23.84
C GLY B 264 -8.77 41.94 22.68
N SER B 265 -8.76 40.76 22.05
CA SER B 265 -9.64 40.48 20.93
C SER B 265 -11.03 40.10 21.47
N VAL B 266 -11.74 41.13 21.94
CA VAL B 266 -12.98 40.94 22.68
C VAL B 266 -14.08 40.38 21.77
N ASN B 267 -15.13 39.83 22.39
CA ASN B 267 -16.06 38.95 21.71
C ASN B 267 -17.47 39.50 21.58
N ASP B 268 -18.20 39.74 22.69
CA ASP B 268 -19.62 40.13 22.64
C ASP B 268 -19.85 41.18 23.74
N PHE B 269 -19.68 42.45 23.40
CA PHE B 269 -19.35 43.43 24.43
C PHE B 269 -20.55 44.30 24.77
N ILE B 270 -20.38 45.09 25.84
CA ILE B 270 -21.35 46.06 26.30
C ILE B 270 -20.58 47.29 26.78
N VAL B 271 -21.32 48.37 27.07
CA VAL B 271 -20.78 49.53 27.77
C VAL B 271 -21.87 50.06 28.70
N ASP B 272 -21.47 51.00 29.57
CA ASP B 272 -22.42 51.75 30.37
C ASP B 272 -21.75 53.02 30.88
N GLY B 273 -22.16 54.16 30.35
CA GLY B 273 -21.88 55.43 30.99
C GLY B 273 -20.43 55.86 30.97
N ASN B 274 -19.59 55.15 31.72
CA ASN B 274 -18.21 55.57 31.94
C ASN B 274 -17.18 54.48 31.76
N ARG B 275 -17.56 53.21 31.86
CA ARG B 275 -16.57 52.14 31.87
C ARG B 275 -17.10 50.96 31.08
N ILE B 276 -16.21 50.36 30.30
CA ILE B 276 -16.57 49.20 29.50
C ILE B 276 -16.69 47.98 30.40
N TYR B 277 -17.35 46.95 29.89
CA TYR B 277 -17.46 45.65 30.51
C TYR B 277 -17.59 44.67 29.37
N LEU B 278 -16.85 43.57 29.40
CA LEU B 278 -16.86 42.71 28.23
C LEU B 278 -16.23 41.37 28.55
N VAL B 279 -16.27 40.49 27.57
CA VAL B 279 -15.67 39.18 27.67
C VAL B 279 -14.56 39.07 26.65
N ASP B 280 -13.40 38.59 27.10
CA ASP B 280 -12.22 38.54 26.27
C ASP B 280 -12.26 37.34 25.33
N GLN B 281 -11.47 37.44 24.27
CA GLN B 281 -11.13 36.33 23.39
C GLN B 281 -11.01 35.02 24.16
N ASN B 282 -10.28 35.05 25.27
CA ASN B 282 -10.10 33.86 26.10
C ASN B 282 -10.66 34.08 27.50
N ASP B 283 -11.86 34.64 27.59
CA ASP B 283 -12.69 34.61 28.79
C ASP B 283 -12.18 35.54 29.89
N ARG B 284 -11.27 36.46 29.58
CA ARG B 284 -10.70 37.36 30.57
C ARG B 284 -11.60 38.58 30.70
N VAL B 285 -12.68 38.42 31.44
CA VAL B 285 -13.60 39.51 31.74
C VAL B 285 -12.81 40.68 32.31
N MET B 286 -12.89 41.84 31.67
CA MET B 286 -12.06 42.96 32.06
C MET B 286 -12.85 44.25 31.96
N ALA B 287 -12.75 45.08 32.98
CA ALA B 287 -13.29 46.43 32.88
C ALA B 287 -12.35 47.28 32.02
N LEU B 288 -12.73 48.53 31.82
CA LEU B 288 -11.94 49.49 31.05
C LEU B 288 -12.58 50.87 31.11
N THR B 289 -11.80 51.92 30.93
CA THR B 289 -12.32 53.29 30.99
C THR B 289 -12.53 53.82 29.58
N ILE B 290 -13.66 54.51 29.38
CA ILE B 290 -14.10 54.85 28.02
C ILE B 290 -13.04 55.66 27.29
N ASP B 291 -12.58 56.76 27.90
CA ASP B 291 -11.72 57.72 27.24
C ASP B 291 -10.48 57.10 26.61
N GLY B 292 -10.02 55.97 27.11
CA GLY B 292 -8.84 55.34 26.57
C GLY B 292 -8.69 53.93 27.09
N GLY B 293 -8.13 53.03 26.29
CA GLY B 293 -8.13 51.63 26.67
C GLY B 293 -7.19 51.32 27.82
N VAL B 294 -7.51 51.84 28.99
CA VAL B 294 -6.72 51.62 30.20
C VAL B 294 -7.47 50.59 31.03
N THR B 295 -6.81 49.47 31.31
CA THR B 295 -7.45 48.42 32.10
C THR B 295 -7.78 48.95 33.49
N LEU B 296 -8.81 48.35 34.10
CA LEU B 296 -9.20 48.66 35.46
C LEU B 296 -8.96 47.48 36.41
N TRP B 297 -9.35 46.30 35.98
CA TRP B 297 -9.15 45.05 36.70
C TRP B 297 -9.58 43.94 35.77
N THR B 298 -8.97 42.79 35.92
CA THR B 298 -9.30 41.66 35.05
C THR B 298 -9.83 40.51 35.90
N GLN B 299 -9.99 39.37 35.26
CA GLN B 299 -10.29 38.11 35.94
C GLN B 299 -10.03 37.00 34.94
N SER B 300 -9.58 35.85 35.44
CA SER B 300 -9.24 34.77 34.53
C SER B 300 -9.69 33.43 35.06
N ASP B 301 -10.82 33.41 35.76
CA ASP B 301 -11.32 32.15 36.31
C ASP B 301 -11.72 31.18 35.22
N LEU B 302 -12.32 31.70 34.15
CA LEU B 302 -13.15 30.90 33.25
C LEU B 302 -12.46 30.57 31.94
N LEU B 303 -11.12 30.54 31.91
CA LEU B 303 -10.39 30.34 30.67
C LEU B 303 -10.87 29.08 29.95
N HIS B 304 -11.13 29.23 28.66
CA HIS B 304 -11.60 28.16 27.78
C HIS B 304 -12.94 27.59 28.19
N ARG B 305 -13.69 28.29 29.04
CA ARG B 305 -15.09 27.96 29.27
C ARG B 305 -15.94 28.80 28.32
N LEU B 306 -16.73 28.13 27.47
CA LEU B 306 -17.54 28.84 26.50
C LEU B 306 -18.55 29.72 27.23
N LEU B 307 -18.43 31.02 27.09
CA LEU B 307 -19.28 31.97 27.81
C LEU B 307 -20.36 32.52 26.90
N THR B 308 -21.11 33.49 27.42
CA THR B 308 -22.04 34.30 26.64
C THR B 308 -21.83 35.74 27.01
N SER B 309 -22.42 36.64 26.24
CA SER B 309 -22.19 38.05 26.46
C SER B 309 -22.74 38.46 27.82
N PRO B 310 -22.17 39.47 28.44
CA PRO B 310 -22.60 39.83 29.79
C PRO B 310 -23.74 40.82 29.82
N VAL B 311 -24.21 41.13 31.03
CA VAL B 311 -25.42 41.91 31.25
C VAL B 311 -25.25 42.73 32.52
N LEU B 312 -25.76 43.96 32.50
CA LEU B 312 -25.89 44.74 33.73
C LEU B 312 -27.19 44.36 34.42
N TYR B 313 -27.17 44.31 35.74
CA TYR B 313 -28.39 43.97 36.48
C TYR B 313 -28.22 44.32 37.95
N ASN B 314 -29.09 45.19 38.47
CA ASN B 314 -29.09 45.60 39.88
C ASN B 314 -27.68 45.81 40.41
N GLY B 315 -26.96 46.72 39.78
CA GLY B 315 -25.59 47.00 40.19
C GLY B 315 -24.65 45.84 40.13
N ASN B 316 -25.02 44.76 39.44
CA ASN B 316 -24.18 43.59 39.29
C ASN B 316 -24.08 43.22 37.82
N LEU B 317 -23.02 42.50 37.49
CA LEU B 317 -22.80 42.01 36.13
C LEU B 317 -22.99 40.51 36.10
N VAL B 318 -23.55 40.01 35.00
CA VAL B 318 -23.92 38.61 34.87
C VAL B 318 -23.16 38.02 33.71
N VAL B 319 -22.89 36.72 33.77
CA VAL B 319 -22.26 35.99 32.68
C VAL B 319 -22.86 34.60 32.64
N GLY B 320 -22.89 33.99 31.46
CA GLY B 320 -23.29 32.61 31.31
C GLY B 320 -22.09 31.73 31.01
N ASP B 321 -22.36 30.44 30.82
CA ASP B 321 -21.29 29.51 30.51
C ASP B 321 -21.86 28.25 29.86
N SER B 322 -20.97 27.48 29.24
CA SER B 322 -21.35 26.23 28.61
C SER B 322 -21.56 25.11 29.60
N GLU B 323 -21.57 25.38 30.89
CA GLU B 323 -21.74 24.35 31.88
C GLU B 323 -23.00 24.53 32.72
N GLY B 324 -23.82 25.53 32.42
CA GLY B 324 -25.09 25.70 33.08
C GLY B 324 -25.03 26.53 34.35
N TYR B 325 -23.90 27.15 34.65
CA TYR B 325 -23.77 27.95 35.84
C TYR B 325 -24.04 29.42 35.50
N LEU B 326 -23.86 30.30 36.47
CA LEU B 326 -24.21 31.71 36.29
C LEU B 326 -23.43 32.51 37.33
N HIS B 327 -22.46 33.30 36.88
CA HIS B 327 -21.42 33.81 37.76
C HIS B 327 -21.59 35.31 37.94
N TRP B 328 -22.39 35.70 38.93
CA TRP B 328 -22.50 37.10 39.30
C TRP B 328 -21.12 37.70 39.53
N ILE B 329 -20.98 38.99 39.21
CA ILE B 329 -19.69 39.68 39.30
C ILE B 329 -19.91 41.13 39.69
N ASN B 330 -18.97 41.69 40.45
CA ASN B 330 -19.04 43.08 40.87
C ASN B 330 -18.74 44.00 39.69
N VAL B 331 -19.20 45.25 39.82
CA VAL B 331 -18.94 46.26 38.81
C VAL B 331 -17.57 46.93 39.00
N GLU B 332 -17.17 47.18 40.24
CA GLU B 332 -15.79 47.58 40.54
C GLU B 332 -14.94 46.31 40.56
N ASP B 333 -13.73 46.41 41.11
CA ASP B 333 -12.96 45.20 41.37
C ASP B 333 -13.82 44.21 42.14
N GLY B 334 -14.16 43.08 41.52
CA GLY B 334 -13.62 42.71 40.22
C GLY B 334 -13.48 41.22 40.21
N ARG B 335 -13.74 40.63 41.37
CA ARG B 335 -13.77 39.19 41.54
C ARG B 335 -15.23 38.74 41.66
N PHE B 336 -15.44 37.46 41.95
CA PHE B 336 -16.78 36.93 42.08
C PHE B 336 -17.58 37.71 43.12
N VAL B 337 -18.91 37.66 42.98
CA VAL B 337 -19.82 38.08 44.02
C VAL B 337 -20.74 36.94 44.45
N ALA B 338 -21.24 36.17 43.50
CA ALA B 338 -22.11 35.04 43.82
C ALA B 338 -21.81 33.91 42.84
N GLN B 339 -22.65 32.89 42.87
CA GLN B 339 -22.53 31.74 41.97
C GLN B 339 -23.82 30.94 42.07
N GLN B 340 -24.04 30.11 41.06
CA GLN B 340 -25.22 29.24 41.00
C GLN B 340 -25.02 28.27 39.84
N LYS B 341 -26.00 27.41 39.65
CA LYS B 341 -26.20 26.69 38.41
C LYS B 341 -27.68 26.37 38.31
N VAL B 342 -28.18 26.31 37.09
CA VAL B 342 -29.60 26.05 36.90
C VAL B 342 -29.81 24.83 36.03
N ASP B 343 -29.34 24.90 34.78
CA ASP B 343 -29.55 23.84 33.82
C ASP B 343 -28.28 23.03 33.62
N SER B 344 -28.45 21.82 33.10
CA SER B 344 -27.34 20.92 32.83
C SER B 344 -27.09 20.73 31.35
N SER B 345 -27.70 21.56 30.50
CA SER B 345 -27.44 21.51 29.07
C SER B 345 -26.57 22.68 28.59
N GLY B 346 -26.32 23.66 29.43
CA GLY B 346 -25.45 24.76 29.09
C GLY B 346 -26.20 25.89 28.41
N PHE B 347 -25.79 27.11 28.70
CA PHE B 347 -26.28 28.28 27.99
C PHE B 347 -25.41 28.50 26.75
N GLN B 348 -26.00 29.11 25.73
CA GLN B 348 -25.22 29.48 24.55
C GLN B 348 -25.65 30.81 23.94
N THR B 349 -26.58 31.53 24.53
CA THR B 349 -27.15 32.71 23.90
C THR B 349 -27.13 33.88 24.84
N GLU B 350 -27.25 35.07 24.28
CA GLU B 350 -27.21 36.28 25.06
C GLU B 350 -28.45 36.38 25.95
N PRO B 351 -28.30 36.53 27.24
CA PRO B 351 -29.47 36.78 28.09
C PRO B 351 -30.05 38.16 27.85
N VAL B 352 -31.05 38.55 28.62
CA VAL B 352 -31.68 39.85 28.47
C VAL B 352 -31.86 40.46 29.84
N ALA B 353 -32.46 41.65 29.87
CA ALA B 353 -32.63 42.38 31.13
C ALA B 353 -33.72 43.41 30.93
N ALA B 354 -34.80 43.30 31.68
CA ALA B 354 -35.86 44.30 31.62
C ALA B 354 -36.77 44.14 32.81
N ASP B 355 -37.37 45.27 33.23
CA ASP B 355 -38.35 45.30 34.32
C ASP B 355 -37.88 44.50 35.53
N GLY B 356 -36.57 44.54 35.78
CA GLY B 356 -36.00 43.76 36.86
C GLY B 356 -35.91 42.31 36.50
N LYS B 357 -36.71 41.87 35.53
CA LYS B 357 -36.69 40.48 35.13
C LYS B 357 -35.40 40.16 34.39
N LEU B 358 -34.93 38.94 34.59
CA LEU B 358 -33.77 38.42 33.89
C LEU B 358 -34.19 37.12 33.24
N LEU B 359 -33.67 36.87 32.03
CA LEU B 359 -34.08 35.69 31.28
C LEU B 359 -32.89 35.17 30.51
N ILE B 360 -32.94 33.89 30.19
CA ILE B 360 -31.95 33.29 29.32
C ILE B 360 -32.50 31.95 28.85
N GLN B 361 -32.04 31.48 27.71
CA GLN B 361 -32.50 30.21 27.17
C GLN B 361 -31.31 29.28 27.03
N ALA B 362 -31.42 28.10 27.63
CA ALA B 362 -30.42 27.08 27.42
C ALA B 362 -30.82 26.22 26.22
N LYS B 363 -29.94 25.29 25.85
CA LYS B 363 -30.19 24.49 24.67
C LYS B 363 -31.44 23.63 24.82
N ASP B 364 -31.78 23.24 26.04
CA ASP B 364 -32.94 22.38 26.24
C ASP B 364 -34.02 23.01 27.10
N GLY B 365 -33.68 23.47 28.31
CA GLY B 365 -34.70 24.09 29.16
C GLY B 365 -35.33 25.30 28.51
N THR B 366 -34.56 26.01 27.69
CA THR B 366 -35.03 27.05 26.77
C THR B 366 -35.62 28.28 27.45
N VAL B 367 -35.75 28.26 28.78
CA VAL B 367 -36.12 29.45 29.55
C VAL B 367 -35.77 29.19 31.01
N TYR B 368 -35.19 30.20 31.66
CA TYR B 368 -35.09 30.21 33.12
C TYR B 368 -35.13 31.65 33.59
N SER B 369 -36.32 32.13 33.94
CA SER B 369 -36.43 33.44 34.57
C SER B 369 -35.76 33.39 35.93
N ILE B 370 -34.95 34.40 36.24
CA ILE B 370 -34.10 34.35 37.43
C ILE B 370 -34.10 35.71 38.10
N THR B 371 -34.25 35.71 39.43
CA THR B 371 -34.15 36.92 40.23
C THR B 371 -33.37 36.62 41.49
N ARG B 372 -32.44 37.51 41.83
CA ARG B 372 -31.66 37.38 43.05
C ARG B 372 -32.00 38.49 44.04
N SER C 4 9.74 -15.46 -7.28
CA SER C 4 10.58 -16.16 -8.24
C SER C 4 10.77 -15.29 -9.48
N ARG C 5 11.34 -14.10 -9.28
CA ARG C 5 11.49 -13.12 -10.35
C ARG C 5 12.94 -12.75 -10.63
N TYR C 6 13.69 -12.32 -9.62
CA TYR C 6 14.90 -11.55 -9.89
C TYR C 6 15.87 -11.68 -8.70
N LYS C 7 16.98 -12.38 -8.93
CA LYS C 7 17.92 -12.77 -7.88
C LYS C 7 19.36 -12.56 -8.39
N ARG C 8 19.63 -11.38 -8.93
CA ARG C 8 20.90 -11.14 -9.59
C ARG C 8 22.08 -11.37 -8.65
N GLN C 9 23.24 -11.61 -9.25
CA GLN C 9 24.49 -11.81 -8.50
C GLN C 9 25.64 -11.55 -9.46
N VAL C 10 26.38 -10.48 -9.20
CA VAL C 10 27.38 -10.00 -10.16
C VAL C 10 28.73 -9.83 -9.47
N SER C 11 29.02 -10.70 -8.50
CA SER C 11 30.30 -10.64 -7.80
C SER C 11 31.48 -10.90 -8.72
N GLY C 12 31.25 -11.14 -10.01
CA GLY C 12 32.31 -11.37 -10.98
C GLY C 12 31.86 -12.35 -12.03
N ASP C 13 32.03 -11.99 -13.30
CA ASP C 13 31.45 -12.75 -14.40
C ASP C 13 32.32 -12.58 -15.63
N GLU C 14 32.43 -13.64 -16.42
CA GLU C 14 33.43 -13.72 -17.48
C GLU C 14 32.82 -14.28 -18.75
N ALA C 15 31.67 -13.75 -19.16
CA ALA C 15 31.07 -14.13 -20.43
C ALA C 15 31.25 -13.07 -21.51
N TYR C 16 32.07 -12.05 -21.27
CA TYR C 16 32.19 -10.91 -22.16
C TYR C 16 33.58 -10.77 -22.74
N LEU C 17 34.26 -11.89 -22.97
CA LEU C 17 35.51 -11.91 -23.70
C LEU C 17 35.44 -12.82 -24.91
N GLU C 18 34.24 -13.24 -25.29
CA GLU C 18 34.08 -14.33 -26.24
C GLU C 18 33.08 -14.02 -27.34
N ALA C 19 32.35 -12.92 -27.23
CA ALA C 19 31.39 -12.58 -28.27
C ALA C 19 32.06 -12.50 -29.62
N ALA C 20 31.36 -12.95 -30.65
CA ALA C 20 31.93 -12.97 -31.98
C ALA C 20 32.35 -11.57 -32.39
N PRO C 21 33.62 -11.38 -32.74
CA PRO C 21 34.07 -10.05 -33.16
C PRO C 21 33.29 -9.56 -34.37
N LEU C 22 33.20 -8.25 -34.48
CA LEU C 22 32.37 -7.63 -35.50
C LEU C 22 33.02 -7.82 -36.85
N ALA C 23 32.42 -8.68 -37.67
CA ALA C 23 32.84 -8.87 -39.05
C ALA C 23 32.01 -7.95 -39.93
N GLU C 24 32.66 -6.95 -40.53
CA GLU C 24 31.94 -5.93 -41.27
C GLU C 24 31.14 -6.56 -42.41
N LEU C 25 30.07 -5.88 -42.80
CA LEU C 25 29.14 -6.37 -43.79
C LEU C 25 29.45 -5.77 -45.15
N HIS C 26 30.15 -6.52 -45.99
CA HIS C 26 30.42 -6.10 -47.35
C HIS C 26 29.12 -5.94 -48.11
N ALA C 27 29.18 -5.24 -49.25
CA ALA C 27 28.00 -5.00 -50.06
C ALA C 27 28.37 -4.99 -51.53
N PRO C 28 27.54 -5.56 -52.40
CA PRO C 28 27.91 -5.68 -53.82
C PRO C 28 27.65 -4.42 -54.62
N ALA C 29 27.85 -4.50 -55.93
CA ALA C 29 27.89 -3.34 -56.81
C ALA C 29 26.47 -2.79 -57.03
N GLY C 30 26.18 -1.64 -56.42
CA GLY C 30 24.95 -0.90 -56.64
C GLY C 30 24.15 -0.64 -55.37
N MET C 31 24.26 -1.52 -54.38
CA MET C 31 23.36 -1.52 -53.23
C MET C 31 24.10 -0.99 -52.01
N ILE C 32 24.03 0.32 -51.82
CA ILE C 32 24.56 0.95 -50.63
C ILE C 32 23.54 0.77 -49.50
N LEU C 33 23.94 1.10 -48.28
CA LEU C 33 23.06 1.08 -47.12
C LEU C 33 23.38 2.29 -46.26
N PRO C 34 22.37 2.98 -45.76
CA PRO C 34 22.59 4.27 -45.08
C PRO C 34 22.77 4.15 -43.57
N VAL C 35 23.94 3.66 -43.14
CA VAL C 35 24.20 3.52 -41.71
C VAL C 35 24.14 4.83 -40.97
N THR C 36 24.00 5.94 -41.71
CA THR C 36 24.18 7.29 -41.17
C THR C 36 23.46 7.51 -39.84
N SER C 37 22.44 6.73 -39.53
CA SER C 37 21.94 6.87 -38.18
C SER C 37 22.78 6.15 -37.20
N GLY C 38 23.99 5.77 -37.57
CA GLY C 38 24.83 5.05 -36.65
C GLY C 38 25.19 5.85 -35.42
N ASP C 39 24.55 5.52 -34.31
CA ASP C 39 25.03 5.89 -33.00
C ASP C 39 25.57 4.70 -32.24
N TYR C 40 25.11 3.50 -32.58
CA TYR C 40 25.69 2.27 -32.05
C TYR C 40 26.95 1.99 -32.86
N ALA C 41 27.98 2.80 -32.59
CA ALA C 41 29.21 2.78 -33.35
C ALA C 41 30.38 2.77 -32.38
N ILE C 42 31.14 1.69 -32.40
CA ILE C 42 32.26 1.52 -31.48
C ILE C 42 33.50 2.11 -32.10
N PRO C 43 33.93 3.30 -31.71
CA PRO C 43 35.10 3.89 -32.33
C PRO C 43 36.34 3.10 -31.96
N VAL C 44 37.29 3.05 -32.88
CA VAL C 44 38.50 2.26 -32.68
C VAL C 44 39.47 3.08 -31.84
N THR C 45 40.06 2.42 -30.83
CA THR C 45 40.97 3.07 -29.90
C THR C 45 42.02 2.06 -29.46
N ASN C 46 43.28 2.48 -29.45
CA ASN C 46 44.39 1.56 -29.27
C ASN C 46 44.39 1.00 -27.86
N GLY C 47 44.42 -0.33 -27.76
CA GLY C 47 44.47 -1.04 -26.49
C GLY C 47 43.61 -0.40 -25.42
N SER C 48 44.19 -0.08 -24.28
CA SER C 48 45.52 -0.52 -23.87
C SER C 48 45.48 -0.71 -22.37
N GLY C 49 45.13 -1.93 -21.92
CA GLY C 49 44.97 -2.15 -20.50
C GLY C 49 44.61 -3.59 -20.19
N ALA C 50 43.76 -3.78 -19.19
CA ALA C 50 43.38 -5.12 -18.77
C ALA C 50 41.97 -5.45 -19.23
N VAL C 51 41.56 -6.68 -18.95
CA VAL C 51 40.23 -7.17 -19.28
C VAL C 51 39.75 -8.05 -18.14
N GLY C 52 38.45 -8.01 -17.87
CA GLY C 52 37.87 -8.90 -16.89
C GLY C 52 38.43 -8.69 -15.51
N LYS C 53 38.88 -9.77 -14.88
CA LYS C 53 39.33 -9.75 -13.50
C LYS C 53 40.76 -9.26 -13.34
N ALA C 54 41.39 -8.79 -14.41
CA ALA C 54 42.71 -8.19 -14.33
C ALA C 54 42.64 -6.69 -14.13
N LEU C 55 41.44 -6.14 -14.02
CA LEU C 55 41.25 -4.73 -13.76
C LEU C 55 41.11 -4.50 -12.26
N ASP C 56 41.17 -3.24 -11.87
CA ASP C 56 41.00 -2.84 -10.47
C ASP C 56 39.81 -1.91 -10.38
N ILE C 57 38.62 -2.52 -10.23
CA ILE C 57 37.42 -1.76 -9.91
C ILE C 57 37.57 -1.02 -8.60
N ARG C 58 38.50 -1.45 -7.74
CA ARG C 58 38.77 -0.77 -6.49
C ARG C 58 39.05 0.70 -6.74
N PRO C 59 38.38 1.62 -6.06
CA PRO C 59 38.33 3.00 -6.51
C PRO C 59 39.70 3.63 -6.46
N PRO C 60 39.91 4.74 -7.17
CA PRO C 60 41.23 5.37 -7.14
C PRO C 60 41.51 5.89 -5.75
N ALA C 61 42.79 5.94 -5.41
CA ALA C 61 43.19 6.37 -4.09
C ALA C 61 42.79 7.83 -3.87
N GLN C 62 42.25 8.10 -2.68
CA GLN C 62 41.98 9.44 -2.16
C GLN C 62 42.05 9.37 -0.63
N PRO C 63 43.04 10.01 -0.01
CA PRO C 63 43.29 9.75 1.42
C PRO C 63 42.30 10.50 2.30
N LEU C 64 42.43 10.24 3.60
CA LEU C 64 41.58 10.86 4.62
C LEU C 64 42.32 11.97 5.35
N ALA C 65 41.61 13.05 5.63
CA ALA C 65 42.20 14.20 6.28
C ALA C 65 42.42 13.91 7.76
N LEU C 66 43.61 14.21 8.25
CA LEU C 66 43.90 14.15 9.67
C LEU C 66 43.47 15.42 10.39
N VAL C 67 43.68 16.58 9.78
CA VAL C 67 43.26 17.86 10.32
C VAL C 67 42.12 18.40 9.45
N SER C 68 41.17 19.07 10.09
CA SER C 68 40.13 19.76 9.34
C SER C 68 40.73 20.96 8.62
N GLY C 69 40.46 21.05 7.32
CA GLY C 69 41.10 22.04 6.47
C GLY C 69 42.34 21.50 5.80
N ALA C 70 42.27 20.23 5.37
CA ALA C 70 43.37 19.54 4.71
C ALA C 70 42.87 18.92 3.42
N ARG C 71 43.35 19.44 2.29
CA ARG C 71 42.91 18.95 0.99
C ARG C 71 43.51 17.57 0.73
N THR C 72 42.94 16.58 1.43
CA THR C 72 43.43 15.21 1.43
C THR C 72 43.04 14.52 0.12
N GLN C 73 43.68 14.96 -0.96
CA GLN C 73 43.33 14.53 -2.30
C GLN C 73 44.45 13.66 -2.88
N PHE C 74 44.05 12.61 -3.60
CA PHE C 74 44.98 11.70 -4.27
C PHE C 74 44.51 11.51 -5.70
N THR C 75 45.39 11.78 -6.65
CA THR C 75 45.16 11.49 -8.06
C THR C 75 46.38 10.79 -8.63
N GLY C 76 46.15 9.77 -9.44
CA GLY C 76 47.25 9.01 -10.02
C GLY C 76 48.03 8.24 -8.97
N ASP C 77 49.25 8.70 -8.68
CA ASP C 77 50.11 8.06 -7.70
C ASP C 77 50.65 9.07 -6.69
N THR C 78 50.00 10.22 -6.56
CA THR C 78 50.42 11.26 -5.64
C THR C 78 49.27 11.63 -4.71
N ALA C 79 49.60 11.95 -3.46
CA ALA C 79 48.65 12.32 -2.44
C ALA C 79 48.75 13.82 -2.16
N SER C 80 47.97 14.28 -1.18
CA SER C 80 48.06 15.67 -0.74
C SER C 80 47.51 15.75 0.69
N LEU C 81 48.13 16.63 1.47
CA LEU C 81 47.65 16.98 2.81
C LEU C 81 47.77 18.48 3.03
N LEU C 82 47.42 19.26 2.02
CA LEU C 82 47.61 20.71 2.05
C LEU C 82 46.75 21.36 3.12
N VAL C 83 47.39 22.07 4.04
CA VAL C 83 46.71 22.80 5.12
C VAL C 83 47.09 24.27 5.01
N GLU C 84 46.14 25.15 5.35
CA GLU C 84 46.32 26.60 5.25
C GLU C 84 45.93 27.22 6.59
N ASN C 85 46.90 27.32 7.50
CA ASN C 85 46.68 27.85 8.83
C ASN C 85 47.08 29.33 8.89
N GLY C 86 47.11 29.89 10.10
CA GLY C 86 47.42 31.30 10.24
C GLY C 86 48.83 31.65 9.81
N ARG C 87 49.83 30.93 10.33
CA ARG C 87 51.22 31.18 10.00
C ARG C 87 51.86 29.91 9.46
N GLY C 88 52.87 30.11 8.62
CA GLY C 88 53.59 28.99 8.02
C GLY C 88 54.81 28.59 8.82
N ASN C 89 54.72 28.74 10.14
CA ASN C 89 55.78 28.38 11.06
C ASN C 89 55.24 27.45 12.14
N THR C 90 54.25 26.63 11.77
CA THR C 90 53.60 25.73 12.71
C THR C 90 53.69 24.26 12.31
N LEU C 91 53.68 23.95 11.02
CA LEU C 91 53.61 22.56 10.59
C LEU C 91 54.95 21.84 10.72
N TRP C 92 56.06 22.55 10.55
CA TRP C 92 57.38 21.92 10.61
C TRP C 92 57.67 21.24 11.94
N PRO C 93 57.46 21.88 13.11
CA PRO C 93 57.70 21.16 14.36
C PRO C 93 56.76 19.98 14.56
N GLN C 94 55.50 20.08 14.13
CA GLN C 94 54.58 18.96 14.28
C GLN C 94 55.03 17.76 13.44
N VAL C 95 55.44 18.02 12.20
CA VAL C 95 55.83 16.89 11.35
C VAL C 95 57.16 16.31 11.80
N VAL C 96 58.08 17.14 12.29
CA VAL C 96 59.33 16.56 12.79
C VAL C 96 59.08 15.79 14.08
N SER C 97 58.11 16.22 14.89
CA SER C 97 57.75 15.45 16.08
C SER C 97 57.13 14.12 15.69
N VAL C 98 56.28 14.12 14.67
CA VAL C 98 55.72 12.86 14.17
C VAL C 98 56.83 11.92 13.73
N LEU C 99 57.73 12.40 12.87
CA LEU C 99 58.80 11.56 12.35
C LEU C 99 59.76 11.12 13.45
N GLN C 100 59.86 11.88 14.54
CA GLN C 100 60.76 11.50 15.63
C GLN C 100 60.11 10.47 16.55
N ALA C 101 58.96 10.82 17.14
CA ALA C 101 58.35 9.96 18.15
C ALA C 101 57.64 8.75 17.57
N LYS C 102 57.22 8.80 16.31
CA LYS C 102 56.52 7.66 15.71
C LYS C 102 57.47 6.65 15.08
N ASN C 103 58.78 6.91 15.12
CA ASN C 103 59.82 5.96 14.70
C ASN C 103 59.65 5.55 13.24
N TYR C 104 59.79 6.54 12.35
CA TYR C 104 60.00 6.31 10.93
C TYR C 104 61.45 6.57 10.59
N THR C 105 61.98 5.81 9.64
CA THR C 105 63.38 5.91 9.25
C THR C 105 63.53 6.75 7.99
N ILE C 106 64.58 7.57 7.97
CA ILE C 106 64.91 8.44 6.85
C ILE C 106 66.43 8.51 6.74
N THR C 107 66.97 8.34 5.55
CA THR C 107 68.42 8.30 5.38
C THR C 107 69.04 9.68 5.58
N GLN C 108 68.67 10.63 4.74
CA GLN C 108 69.28 11.95 4.78
C GLN C 108 68.21 13.01 5.02
N ARG C 109 68.54 13.98 5.89
CA ARG C 109 67.66 15.10 6.16
C ARG C 109 68.53 16.31 6.50
N ASP C 110 68.55 17.29 5.59
CA ASP C 110 69.27 18.54 5.81
C ASP C 110 68.42 19.36 6.79
N ASP C 111 68.71 19.18 8.08
CA ASP C 111 67.92 19.85 9.11
C ASP C 111 68.03 21.37 9.07
N ALA C 112 68.98 21.91 8.31
CA ALA C 112 69.00 23.34 8.04
C ALA C 112 67.99 23.72 6.97
N GLY C 113 67.45 22.73 6.24
CA GLY C 113 66.40 22.95 5.27
C GLY C 113 65.13 22.19 5.62
N GLN C 114 64.29 21.98 4.61
CA GLN C 114 63.03 21.28 4.80
C GLN C 114 62.78 20.28 3.69
N THR C 115 63.80 19.92 2.92
CA THR C 115 63.69 18.94 1.84
C THR C 115 64.28 17.62 2.33
N LEU C 116 63.43 16.60 2.44
CA LEU C 116 63.80 15.34 3.06
C LEU C 116 63.59 14.18 2.09
N THR C 117 64.64 13.39 1.90
CA THR C 117 64.59 12.18 1.09
C THR C 117 64.66 10.98 2.02
N THR C 118 63.67 10.09 1.92
CA THR C 118 63.49 9.00 2.87
C THR C 118 63.82 7.66 2.21
N ASP C 119 63.67 6.60 3.01
CA ASP C 119 63.67 5.24 2.52
C ASP C 119 62.23 4.77 2.34
N TRP C 120 62.08 3.52 1.91
CA TRP C 120 60.76 3.01 1.56
C TRP C 120 59.95 2.66 2.81
N VAL C 121 58.62 2.70 2.66
CA VAL C 121 57.69 2.39 3.73
C VAL C 121 56.66 1.39 3.23
N GLN C 122 56.26 0.47 4.09
CA GLN C 122 55.33 -0.59 3.76
C GLN C 122 54.01 -0.39 4.50
N TRP C 123 52.91 -0.68 3.81
CA TRP C 123 51.58 -0.63 4.41
C TRP C 123 50.86 -1.95 4.12
N ASN C 124 49.91 -2.28 4.98
CA ASN C 124 49.14 -3.52 4.87
C ASN C 124 47.66 -3.19 4.70
N ARG C 125 47.00 -3.94 3.83
CA ARG C 125 45.60 -3.68 3.47
C ARG C 125 44.98 -4.98 2.98
N LEU C 126 44.09 -5.55 3.80
CA LEU C 126 43.44 -6.82 3.48
C LEU C 126 42.22 -6.63 2.56
N ASP C 127 42.10 -5.44 1.94
CA ASP C 127 40.97 -5.19 1.06
C ASP C 127 40.96 -6.18 -0.09
N GLU C 128 42.00 -6.16 -0.92
CA GLU C 128 42.26 -7.22 -1.87
C GLU C 128 43.26 -8.20 -1.25
N ASP C 129 43.82 -9.10 -2.05
CA ASP C 129 44.78 -10.09 -1.57
C ASP C 129 46.20 -9.74 -1.97
N GLU C 130 46.51 -8.43 -1.98
CA GLU C 130 47.86 -7.96 -2.29
C GLU C 130 48.26 -6.91 -1.28
N GLN C 131 49.56 -6.59 -1.27
CA GLN C 131 50.13 -5.61 -0.35
C GLN C 131 50.95 -4.59 -1.14
N TYR C 132 51.41 -3.56 -0.44
CA TYR C 132 52.08 -2.43 -1.08
C TYR C 132 53.32 -2.03 -0.28
N ARG C 133 54.24 -1.35 -0.96
CA ARG C 133 55.39 -0.73 -0.31
C ARG C 133 55.90 0.36 -1.24
N GLY C 134 56.36 1.47 -0.64
CA GLY C 134 56.83 2.59 -1.44
C GLY C 134 57.65 3.56 -0.62
N ARG C 135 58.20 4.55 -1.30
CA ARG C 135 59.06 5.57 -0.70
C ARG C 135 58.39 6.93 -0.86
N TYR C 136 58.03 7.56 0.25
CA TYR C 136 57.34 8.84 0.25
C TYR C 136 58.32 9.98 0.48
N GLN C 137 58.05 11.11 -0.17
CA GLN C 137 58.91 12.28 -0.11
C GLN C 137 58.04 13.51 -0.02
N ILE C 138 57.91 14.08 1.17
CA ILE C 138 57.21 15.33 1.37
C ILE C 138 58.19 16.48 1.18
N SER C 139 57.84 17.42 0.31
CA SER C 139 58.67 18.59 0.03
C SER C 139 57.89 19.81 0.49
N VAL C 140 58.23 20.31 1.67
CA VAL C 140 57.52 21.42 2.29
C VAL C 140 58.37 22.67 2.09
N LYS C 141 57.91 23.55 1.20
CA LYS C 141 58.60 24.82 0.93
C LYS C 141 57.66 25.98 1.18
N PRO C 142 58.01 26.92 2.07
CA PRO C 142 57.09 28.02 2.41
C PRO C 142 57.01 29.11 1.35
N GLN C 143 56.12 28.94 0.36
CA GLN C 143 55.88 29.99 -0.62
C GLN C 143 55.47 31.31 0.01
N GLY C 144 54.98 31.28 1.25
CA GLY C 144 54.56 32.47 1.96
C GLY C 144 53.88 32.12 3.27
N TYR C 145 52.71 32.71 3.53
CA TYR C 145 51.89 32.28 4.66
C TYR C 145 51.13 31.00 4.34
N GLN C 146 51.47 30.33 3.25
CA GLN C 146 50.97 29.04 2.84
C GLN C 146 52.11 28.02 2.91
N GLN C 147 51.84 26.79 2.47
CA GLN C 147 52.85 25.75 2.53
C GLN C 147 52.65 24.81 1.34
N ALA C 148 53.56 24.85 0.38
CA ALA C 148 53.50 23.95 -0.78
C ALA C 148 53.96 22.56 -0.37
N VAL C 149 53.01 21.63 -0.28
CA VAL C 149 53.29 20.25 0.09
C VAL C 149 53.09 19.38 -1.14
N THR C 150 54.09 18.55 -1.44
CA THR C 150 54.00 17.62 -2.56
C THR C 150 54.67 16.31 -2.15
N VAL C 151 54.15 15.20 -2.65
CA VAL C 151 54.67 13.87 -2.35
C VAL C 151 54.97 13.17 -3.67
N LYS C 152 56.19 12.65 -3.80
CA LYS C 152 56.62 11.95 -5.00
C LYS C 152 57.12 10.55 -4.63
N LEU C 153 56.51 9.53 -5.23
CA LEU C 153 56.86 8.14 -4.97
C LEU C 153 57.82 7.68 -6.05
N LEU C 154 59.03 7.25 -5.65
CA LEU C 154 60.05 6.90 -6.62
C LEU C 154 59.90 5.45 -7.08
N ASN C 155 59.87 4.51 -6.14
CA ASN C 155 59.67 3.09 -6.45
C ASN C 155 58.55 2.54 -5.57
N LEU C 156 57.63 1.82 -6.19
CA LEU C 156 56.54 1.11 -5.49
C LEU C 156 56.80 -0.38 -5.66
N GLU C 157 57.29 -1.02 -4.60
CA GLU C 157 57.59 -2.44 -4.61
C GLU C 157 56.45 -3.19 -3.93
N GLN C 158 55.97 -4.26 -4.57
CA GLN C 158 54.93 -5.10 -3.99
C GLN C 158 55.62 -6.29 -3.30
N ALA C 159 55.76 -6.19 -1.98
CA ALA C 159 56.44 -7.19 -1.17
C ALA C 159 57.86 -7.47 -1.68
N GLY C 160 58.50 -6.43 -2.21
CA GLY C 160 59.87 -6.52 -2.68
C GLY C 160 60.04 -6.47 -4.18
N LYS C 161 58.97 -6.32 -4.95
CA LYS C 161 59.06 -6.29 -6.40
C LYS C 161 58.55 -4.96 -6.93
N PRO C 162 59.41 -4.10 -7.49
CA PRO C 162 58.95 -2.80 -7.98
C PRO C 162 58.02 -2.94 -9.18
N VAL C 163 56.82 -2.39 -9.05
CA VAL C 163 55.83 -2.37 -10.12
C VAL C 163 55.25 -0.96 -10.20
N ALA C 164 55.08 -0.46 -11.42
CA ALA C 164 54.56 0.89 -11.65
C ALA C 164 53.17 1.05 -11.05
N GLU D 6 23.00 3.46 14.95
CA GLU D 6 23.95 2.73 15.77
C GLU D 6 25.35 3.30 15.55
N VAL D 7 25.42 4.59 15.28
CA VAL D 7 26.69 5.22 14.92
C VAL D 7 27.56 5.35 16.18
N PRO D 8 28.80 4.85 16.15
CA PRO D 8 29.75 5.16 17.23
C PRO D 8 30.40 6.52 16.98
N ASP D 9 30.11 7.49 17.84
CA ASP D 9 30.64 8.83 17.66
C ASP D 9 32.13 8.85 17.98
N ASN D 10 32.96 8.86 16.95
CA ASN D 10 34.41 8.76 17.10
C ASN D 10 35.12 9.80 16.25
N PRO D 11 36.44 9.92 16.34
CA PRO D 11 37.18 10.73 15.37
C PRO D 11 36.99 10.20 13.96
N PRO D 12 37.04 11.09 12.95
CA PRO D 12 36.66 10.65 11.60
C PRO D 12 37.61 9.62 11.00
N ASN D 13 38.92 9.88 11.05
CA ASN D 13 39.86 8.96 10.43
C ASN D 13 39.81 7.58 11.10
N GLU D 14 39.41 7.53 12.36
CA GLU D 14 39.13 6.24 13.00
C GLU D 14 38.01 5.52 12.28
N ILE D 15 36.90 6.23 12.04
CA ILE D 15 35.78 5.67 11.30
C ILE D 15 36.26 5.18 9.94
N TYR D 16 37.14 5.93 9.28
CA TYR D 16 37.58 5.51 7.97
C TYR D 16 38.46 4.27 8.07
N ALA D 17 39.36 4.23 9.04
CA ALA D 17 40.19 3.04 9.22
C ALA D 17 39.33 1.80 9.40
N THR D 18 38.36 1.87 10.31
CA THR D 18 37.54 0.70 10.55
C THR D 18 36.66 0.37 9.35
N ALA D 19 36.18 1.40 8.63
CA ALA D 19 35.39 1.13 7.44
C ALA D 19 36.23 0.46 6.36
N GLN D 20 37.47 0.91 6.21
CA GLN D 20 38.37 0.27 5.26
C GLN D 20 38.61 -1.18 5.63
N GLN D 21 38.78 -1.44 6.92
CA GLN D 21 38.95 -2.83 7.34
C GLN D 21 37.68 -3.64 7.09
N LYS D 22 36.52 -3.00 7.20
CA LYS D 22 35.26 -3.68 6.91
C LYS D 22 35.15 -4.03 5.44
N LEU D 23 35.60 -3.13 4.56
CA LEU D 23 35.77 -3.49 3.16
C LEU D 23 36.70 -4.67 3.03
N GLN D 24 37.85 -4.62 3.71
CA GLN D 24 38.83 -5.69 3.66
C GLN D 24 38.17 -7.05 3.90
N ASP D 25 37.50 -7.19 5.04
CA ASP D 25 36.91 -8.46 5.44
C ASP D 25 35.78 -8.92 4.54
N GLY D 26 35.40 -8.14 3.53
CA GLY D 26 34.20 -8.47 2.78
C GLY D 26 32.98 -8.22 3.65
N ASN D 27 33.17 -7.42 4.69
CA ASN D 27 32.10 -7.06 5.63
C ASN D 27 31.43 -5.80 5.10
N TRP D 28 30.72 -5.97 3.98
CA TRP D 28 30.16 -4.82 3.27
C TRP D 28 29.09 -4.10 4.08
N ARG D 29 28.39 -4.81 4.96
CA ARG D 29 27.26 -4.21 5.65
C ARG D 29 27.73 -3.20 6.70
N GLN D 30 28.55 -3.64 7.64
CA GLN D 30 29.16 -2.68 8.57
C GLN D 30 29.95 -1.63 7.82
N ALA D 31 30.55 -2.02 6.69
CA ALA D 31 31.29 -1.06 5.87
C ALA D 31 30.39 0.09 5.45
N ILE D 32 29.33 -0.22 4.70
CA ILE D 32 28.40 0.80 4.25
C ILE D 32 27.81 1.55 5.43
N THR D 33 27.63 0.88 6.57
CA THR D 33 27.11 1.57 7.74
C THR D 33 28.03 2.71 8.14
N GLN D 34 29.28 2.36 8.46
CA GLN D 34 30.25 3.37 8.90
C GLN D 34 30.45 4.44 7.84
N LEU D 35 30.50 4.03 6.57
CA LEU D 35 30.72 4.99 5.51
C LEU D 35 29.57 5.96 5.40
N GLU D 36 28.34 5.44 5.34
CA GLU D 36 27.16 6.27 5.30
C GLU D 36 27.18 7.28 6.43
N ALA D 37 27.53 6.82 7.63
CA ALA D 37 27.55 7.72 8.78
C ALA D 37 28.59 8.82 8.58
N LEU D 38 29.85 8.40 8.40
CA LEU D 38 30.94 9.36 8.21
C LEU D 38 30.63 10.36 7.12
N ASP D 39 29.87 9.94 6.12
CA ASP D 39 29.58 10.81 4.98
C ASP D 39 28.46 11.80 5.32
N ASN D 40 27.27 11.30 5.66
CA ASN D 40 26.15 12.19 5.83
C ASN D 40 26.32 13.11 7.04
N ARG D 41 27.04 12.67 8.07
CA ARG D 41 27.21 13.53 9.23
C ARG D 41 28.41 14.45 9.13
N TYR D 42 29.22 14.33 8.08
CA TYR D 42 30.30 15.26 7.77
C TYR D 42 30.07 15.80 6.36
N PRO D 43 29.01 16.59 6.17
CA PRO D 43 28.56 16.91 4.81
C PRO D 43 29.50 17.83 4.06
N PHE D 44 30.63 18.19 4.66
CA PHE D 44 31.65 18.91 3.90
C PHE D 44 33.06 18.44 4.26
N GLY D 45 33.20 17.22 4.76
CA GLY D 45 34.49 16.65 5.06
C GLY D 45 35.48 16.88 3.93
N PRO D 46 36.74 17.09 4.27
CA PRO D 46 37.75 17.37 3.24
C PRO D 46 38.04 16.16 2.37
N TYR D 47 37.31 15.08 2.60
CA TYR D 47 37.48 13.83 1.90
C TYR D 47 36.17 13.27 1.38
N SER D 48 35.07 14.04 1.50
CA SER D 48 33.76 13.57 1.06
C SER D 48 33.82 12.94 -0.32
N GLN D 49 34.71 13.44 -1.18
CA GLN D 49 34.92 12.80 -2.46
C GLN D 49 35.32 11.34 -2.29
N GLN D 50 36.33 11.09 -1.44
CA GLN D 50 36.81 9.72 -1.26
C GLN D 50 35.73 8.82 -0.68
N VAL D 51 35.00 9.32 0.31
CA VAL D 51 34.01 8.47 0.95
C VAL D 51 32.85 8.21 0.00
N GLN D 52 32.49 9.20 -0.82
CA GLN D 52 31.47 9.00 -1.84
C GLN D 52 31.89 7.91 -2.81
N LEU D 53 33.11 8.02 -3.34
CA LEU D 53 33.59 7.01 -4.29
C LEU D 53 33.53 5.63 -3.67
N ASP D 54 34.12 5.46 -2.49
CA ASP D 54 34.07 4.12 -1.91
C ASP D 54 32.66 3.71 -1.56
N LEU D 55 31.77 4.67 -1.32
CA LEU D 55 30.38 4.33 -1.06
C LEU D 55 29.74 3.71 -2.29
N ILE D 56 30.00 4.29 -3.46
CA ILE D 56 29.51 3.71 -4.70
C ILE D 56 30.08 2.31 -4.87
N TYR D 57 31.38 2.16 -4.64
CA TYR D 57 32.01 0.85 -4.74
C TYR D 57 31.29 -0.15 -3.84
N ALA D 58 30.97 0.27 -2.62
CA ALA D 58 30.25 -0.59 -1.70
C ALA D 58 28.90 -0.99 -2.28
N TYR D 59 28.05 0.01 -2.56
CA TYR D 59 26.75 -0.22 -3.16
C TYR D 59 26.81 -1.27 -4.25
N TYR D 60 27.65 -1.02 -5.25
CA TYR D 60 27.77 -1.98 -6.34
C TYR D 60 28.16 -3.36 -5.84
N LYS D 61 29.34 -3.48 -5.22
CA LYS D 61 29.81 -4.81 -4.86
C LYS D 61 28.85 -5.54 -3.94
N ASN D 62 27.97 -4.82 -3.25
CA ASN D 62 26.97 -5.45 -2.41
C ASN D 62 25.74 -5.89 -3.19
N ALA D 63 25.68 -5.56 -4.47
CA ALA D 63 24.60 -5.97 -5.35
C ALA D 63 23.24 -5.49 -4.83
N ASP D 64 23.11 -4.17 -4.76
CA ASP D 64 21.81 -3.52 -4.63
C ASP D 64 21.90 -2.22 -5.40
N LEU D 65 21.49 -2.26 -6.64
CA LEU D 65 21.93 -1.31 -7.64
C LEU D 65 21.27 0.07 -7.56
N PRO D 66 19.94 0.17 -7.45
CA PRO D 66 19.32 1.50 -7.60
C PRO D 66 19.95 2.57 -6.73
N LEU D 67 20.33 2.22 -5.51
CA LEU D 67 21.05 3.17 -4.67
C LEU D 67 22.36 3.57 -5.31
N ALA D 68 23.06 2.61 -5.92
CA ALA D 68 24.31 2.93 -6.58
C ALA D 68 24.09 3.93 -7.71
N GLN D 69 23.06 3.69 -8.52
CA GLN D 69 22.79 4.64 -9.59
C GLN D 69 22.46 6.02 -9.05
N ALA D 70 21.66 6.09 -7.99
CA ALA D 70 21.32 7.38 -7.41
C ALA D 70 22.56 8.12 -6.92
N ALA D 71 23.44 7.39 -6.23
CA ALA D 71 24.66 8.01 -5.72
C ALA D 71 25.53 8.51 -6.86
N ILE D 72 25.72 7.68 -7.89
CA ILE D 72 26.50 8.11 -9.05
C ILE D 72 25.92 9.37 -9.66
N ASP D 73 24.59 9.41 -9.76
CA ASP D 73 23.95 10.55 -10.41
C ASP D 73 24.16 11.83 -9.62
N ARG D 74 23.92 11.78 -8.30
CA ARG D 74 24.12 13.00 -7.52
C ARG D 74 25.59 13.39 -7.50
N PHE D 75 26.49 12.40 -7.53
CA PHE D 75 27.91 12.70 -7.62
C PHE D 75 28.20 13.50 -8.88
N ILE D 76 27.64 13.06 -10.01
CA ILE D 76 27.80 13.83 -11.23
C ILE D 76 27.24 15.24 -11.07
N ARG D 77 26.05 15.35 -10.47
CA ARG D 77 25.39 16.64 -10.42
C ARG D 77 26.19 17.65 -9.61
N LEU D 78 26.65 17.26 -8.43
CA LEU D 78 27.25 18.25 -7.54
C LEU D 78 28.76 18.35 -7.68
N ASN D 79 29.37 17.55 -8.54
CA ASN D 79 30.81 17.60 -8.79
C ASN D 79 31.08 17.47 -10.29
N PRO D 80 30.55 18.40 -11.09
CA PRO D 80 30.47 18.15 -12.54
C PRO D 80 31.83 18.14 -13.23
N THR D 81 32.90 18.22 -12.46
CA THR D 81 34.23 18.01 -13.00
C THR D 81 35.05 17.30 -11.96
N HIS D 82 36.12 16.66 -12.40
CA HIS D 82 36.99 15.94 -11.48
C HIS D 82 38.22 15.39 -12.18
N PRO D 83 39.29 15.13 -11.44
CA PRO D 83 40.39 14.34 -12.00
C PRO D 83 40.08 12.87 -12.08
N ASN D 84 38.96 12.41 -11.54
CA ASN D 84 38.62 10.99 -11.50
C ASN D 84 37.17 10.78 -11.90
N ILE D 85 36.74 11.43 -12.98
CA ILE D 85 35.38 11.24 -13.42
C ILE D 85 35.22 9.91 -14.16
N ASP D 86 36.28 9.45 -14.82
CA ASP D 86 36.18 8.25 -15.63
C ASP D 86 35.73 7.07 -14.79
N TYR D 87 36.18 6.99 -13.55
CA TYR D 87 35.72 5.94 -12.69
C TYR D 87 34.23 6.05 -12.43
N VAL D 88 33.72 7.27 -12.26
CA VAL D 88 32.30 7.45 -12.06
C VAL D 88 31.52 6.94 -13.26
N MET D 89 31.95 7.34 -14.46
CA MET D 89 31.21 6.94 -15.65
C MET D 89 31.26 5.43 -15.85
N TYR D 90 32.46 4.85 -15.77
CA TYR D 90 32.58 3.40 -15.87
C TYR D 90 31.69 2.71 -14.86
N MET D 91 31.57 3.25 -13.65
CA MET D 91 30.79 2.55 -12.65
C MET D 91 29.30 2.64 -12.97
N ARG D 92 28.85 3.79 -13.45
CA ARG D 92 27.47 3.88 -13.91
C ARG D 92 27.20 2.84 -14.98
N GLY D 93 28.11 2.74 -15.94
CA GLY D 93 27.95 1.76 -17.00
C GLY D 93 27.88 0.34 -16.48
N LEU D 94 28.79 -0.01 -15.59
CA LEU D 94 28.80 -1.39 -15.15
C LEU D 94 27.60 -1.68 -14.25
N THR D 95 27.11 -0.66 -13.55
CA THR D 95 25.84 -0.77 -12.86
C THR D 95 24.75 -1.20 -13.81
N ASN D 96 24.57 -0.47 -14.90
CA ASN D 96 23.54 -0.86 -15.86
C ASN D 96 23.77 -2.28 -16.36
N MET D 97 24.94 -2.53 -16.93
CA MET D 97 25.16 -3.85 -17.53
C MET D 97 24.96 -4.97 -16.53
N ALA D 98 25.18 -4.72 -15.24
CA ALA D 98 24.87 -5.76 -14.28
C ALA D 98 23.38 -5.88 -14.06
N LEU D 99 22.65 -4.76 -14.15
CA LEU D 99 21.21 -4.85 -14.14
C LEU D 99 20.69 -5.67 -15.31
N ASP D 100 21.45 -5.75 -16.40
CA ASP D 100 20.99 -6.38 -17.63
C ASP D 100 20.55 -7.83 -17.48
N ASP D 101 21.50 -8.74 -17.22
CA ASP D 101 21.14 -10.15 -17.09
C ASP D 101 22.04 -10.77 -16.02
N SER D 102 21.48 -10.95 -14.82
CA SER D 102 22.22 -11.64 -13.77
C SER D 102 21.34 -12.59 -12.96
N ALA D 103 20.14 -12.92 -13.41
CA ALA D 103 19.37 -13.97 -12.75
C ALA D 103 20.08 -15.30 -12.97
N LEU D 104 20.68 -15.85 -11.91
CA LEU D 104 21.49 -17.06 -12.01
C LEU D 104 20.68 -18.28 -12.43
N GLN D 105 19.38 -18.13 -12.68
CA GLN D 105 18.58 -19.21 -13.24
C GLN D 105 19.13 -19.71 -14.58
N GLY D 106 20.11 -19.00 -15.14
CA GLY D 106 20.80 -19.43 -16.36
C GLY D 106 21.47 -20.78 -16.25
N PHE D 107 21.52 -21.38 -15.05
CA PHE D 107 22.04 -22.73 -14.90
C PHE D 107 21.38 -23.69 -15.87
N PHE D 108 20.11 -23.49 -16.18
CA PHE D 108 19.44 -24.29 -17.19
C PHE D 108 19.81 -23.89 -18.61
N GLY D 109 20.64 -22.87 -18.77
CA GLY D 109 21.05 -22.43 -20.10
C GLY D 109 19.98 -21.67 -20.82
N VAL D 110 19.52 -20.58 -20.23
CA VAL D 110 18.45 -19.77 -20.81
C VAL D 110 19.07 -18.57 -21.51
N ASP D 111 19.05 -18.58 -22.84
CA ASP D 111 19.54 -17.46 -23.62
C ASP D 111 18.65 -16.25 -23.36
N ARG D 112 19.17 -15.26 -22.66
CA ARG D 112 18.35 -14.17 -22.14
C ARG D 112 18.30 -12.99 -23.09
N SER D 113 18.36 -13.25 -24.39
CA SER D 113 18.43 -12.16 -25.34
C SER D 113 17.09 -11.48 -25.60
N ASP D 114 15.99 -11.97 -25.05
CA ASP D 114 14.68 -11.44 -25.39
C ASP D 114 14.06 -10.54 -24.34
N ARG D 115 14.33 -10.78 -23.07
CA ARG D 115 13.87 -9.86 -22.03
C ARG D 115 14.32 -8.45 -22.37
N ASP D 116 13.59 -7.45 -21.90
CA ASP D 116 13.61 -6.13 -22.53
C ASP D 116 15.04 -5.63 -22.74
N PRO D 117 15.32 -5.05 -23.85
CA PRO D 117 16.63 -4.42 -24.09
C PRO D 117 16.64 -2.96 -23.68
N GLN D 118 16.25 -2.67 -22.46
CA GLN D 118 16.33 -1.29 -22.02
C GLN D 118 17.63 -1.03 -21.28
N HIS D 119 17.92 -1.88 -20.30
CA HIS D 119 19.14 -1.73 -19.52
C HIS D 119 20.37 -1.85 -20.41
N ALA D 120 20.35 -2.79 -21.35
CA ALA D 120 21.47 -2.88 -22.27
C ALA D 120 21.63 -1.60 -23.07
N ARG D 121 20.52 -1.00 -23.48
CA ARG D 121 20.61 0.23 -24.27
C ARG D 121 21.24 1.34 -23.46
N ALA D 122 20.80 1.51 -22.21
CA ALA D 122 21.37 2.57 -21.38
C ALA D 122 22.86 2.30 -21.12
N ALA D 123 23.22 1.05 -20.86
CA ALA D 123 24.62 0.74 -20.64
C ALA D 123 25.45 1.08 -21.87
N PHE D 124 24.90 0.84 -23.05
CA PHE D 124 25.66 1.16 -24.26
C PHE D 124 25.87 2.64 -24.38
N SER D 125 24.81 3.43 -24.19
CA SER D 125 24.97 4.88 -24.23
C SER D 125 26.06 5.32 -23.27
N ASP D 126 26.04 4.78 -22.05
CA ASP D 126 27.00 5.20 -21.03
C ASP D 126 28.43 4.86 -21.43
N PHE D 127 28.72 3.57 -21.63
CA PHE D 127 30.07 3.19 -22.01
C PHE D 127 30.55 3.92 -23.24
N SER D 128 29.66 4.21 -24.20
CA SER D 128 30.10 4.93 -25.38
C SER D 128 30.50 6.34 -25.03
N LYS D 129 29.69 7.01 -24.20
CA LYS D 129 30.08 8.33 -23.73
C LYS D 129 31.46 8.27 -23.09
N LEU D 130 31.72 7.23 -22.31
CA LEU D 130 33.04 7.09 -21.71
C LEU D 130 34.11 6.98 -22.77
N VAL D 131 34.06 5.93 -23.59
CA VAL D 131 35.15 5.65 -24.51
C VAL D 131 35.35 6.79 -25.49
N ARG D 132 34.34 7.63 -25.70
CA ARG D 132 34.55 8.81 -26.52
C ARG D 132 34.95 10.03 -25.70
N GLY D 133 34.94 9.93 -24.37
CA GLY D 133 35.40 11.03 -23.55
C GLY D 133 36.88 10.99 -23.23
N TYR D 134 37.35 9.89 -22.65
CA TYR D 134 38.71 9.77 -22.13
C TYR D 134 39.34 8.50 -22.67
N PRO D 135 39.55 8.42 -23.98
CA PRO D 135 39.95 7.15 -24.59
C PRO D 135 41.23 6.57 -24.03
N ASN D 136 42.21 7.40 -23.70
CA ASN D 136 43.51 6.93 -23.25
C ASN D 136 43.57 6.70 -21.75
N SER D 137 42.43 6.50 -21.11
CA SER D 137 42.39 6.24 -19.68
C SER D 137 42.80 4.79 -19.41
N GLN D 138 42.63 4.36 -18.17
CA GLN D 138 42.87 2.97 -17.84
C GLN D 138 41.63 2.11 -17.97
N TYR D 139 40.45 2.72 -17.94
CA TYR D 139 39.21 1.98 -18.14
C TYR D 139 38.75 2.15 -19.59
N THR D 140 39.52 1.61 -20.51
CA THR D 140 39.13 1.66 -21.91
C THR D 140 38.89 0.29 -22.51
N THR D 141 39.87 -0.61 -22.46
CA THR D 141 39.74 -1.86 -23.18
C THR D 141 38.56 -2.68 -22.68
N ASP D 142 38.35 -2.69 -21.37
CA ASP D 142 37.16 -3.33 -20.83
C ASP D 142 35.90 -2.69 -21.41
N ALA D 143 35.91 -1.36 -21.53
CA ALA D 143 34.76 -0.69 -22.10
C ALA D 143 34.52 -1.12 -23.55
N THR D 144 35.58 -1.23 -24.34
CA THR D 144 35.40 -1.62 -25.73
C THR D 144 34.85 -3.04 -25.83
N LYS D 145 35.38 -3.96 -25.03
CA LYS D 145 34.86 -5.32 -25.07
C LYS D 145 33.38 -5.33 -24.72
N ARG D 146 33.00 -4.61 -23.68
CA ARG D 146 31.59 -4.62 -23.30
C ARG D 146 30.73 -3.94 -24.36
N LEU D 147 31.27 -2.96 -25.08
CA LEU D 147 30.49 -2.36 -26.16
C LEU D 147 30.22 -3.35 -27.26
N VAL D 148 31.24 -4.12 -27.66
CA VAL D 148 31.03 -5.15 -28.67
C VAL D 148 29.92 -6.10 -28.22
N PHE D 149 30.03 -6.57 -26.98
CA PHE D 149 29.03 -7.51 -26.49
C PHE D 149 27.64 -6.89 -26.53
N LEU D 150 27.50 -5.66 -26.06
CA LEU D 150 26.18 -5.06 -25.98
C LEU D 150 25.56 -4.86 -27.35
N LYS D 151 26.34 -4.36 -28.31
CA LYS D 151 25.79 -4.26 -29.64
C LYS D 151 25.27 -5.60 -30.12
N ASP D 152 26.04 -6.66 -29.91
CA ASP D 152 25.54 -7.95 -30.37
C ASP D 152 24.25 -8.31 -29.68
N ARG D 153 24.11 -7.96 -28.41
CA ARG D 153 22.92 -8.36 -27.67
C ARG D 153 21.68 -7.63 -28.18
N LEU D 154 21.77 -6.31 -28.35
CA LEU D 154 20.63 -5.59 -28.92
C LEU D 154 20.24 -6.15 -30.28
N ALA D 155 21.24 -6.41 -31.13
CA ALA D 155 20.92 -6.97 -32.43
C ALA D 155 20.17 -8.28 -32.29
N LYS D 156 20.57 -9.13 -31.35
CA LYS D 156 19.86 -10.38 -31.23
C LYS D 156 18.43 -10.17 -30.76
N TYR D 157 18.17 -9.13 -29.97
CA TYR D 157 16.78 -8.88 -29.59
C TYR D 157 15.93 -8.52 -30.79
N GLU D 158 16.40 -7.55 -31.57
CA GLU D 158 15.63 -7.18 -32.74
C GLU D 158 15.44 -8.36 -33.68
N TYR D 159 16.42 -9.23 -33.80
CA TYR D 159 16.21 -10.40 -34.65
C TYR D 159 15.13 -11.30 -34.06
N SER D 160 15.06 -11.42 -32.74
CA SER D 160 14.01 -12.24 -32.17
C SER D 160 12.64 -11.74 -32.56
N VAL D 161 12.43 -10.43 -32.49
CA VAL D 161 11.11 -9.92 -32.87
C VAL D 161 10.86 -10.13 -34.36
N ALA D 162 11.86 -9.91 -35.20
CA ALA D 162 11.65 -10.14 -36.63
C ALA D 162 11.25 -11.58 -36.88
N GLU D 163 11.87 -12.52 -36.18
CA GLU D 163 11.54 -13.92 -36.37
C GLU D 163 10.10 -14.20 -35.97
N TYR D 164 9.68 -13.69 -34.82
CA TYR D 164 8.29 -13.94 -34.43
C TYR D 164 7.32 -13.40 -35.46
N TYR D 165 7.55 -12.19 -35.96
CA TYR D 165 6.60 -11.67 -36.95
C TYR D 165 6.60 -12.52 -38.21
N THR D 166 7.75 -12.95 -38.70
CA THR D 166 7.64 -13.79 -39.89
C THR D 166 6.97 -15.11 -39.58
N GLU D 167 6.93 -15.51 -38.31
CA GLU D 167 6.10 -16.66 -37.98
C GLU D 167 4.63 -16.32 -38.16
N ARG D 168 4.18 -15.23 -37.56
CA ARG D 168 2.74 -14.94 -37.57
C ARG D 168 2.23 -14.64 -38.96
N GLY D 169 2.92 -13.79 -39.70
CA GLY D 169 2.46 -13.49 -41.05
C GLY D 169 2.62 -12.04 -41.47
N ALA D 170 2.56 -11.12 -40.52
CA ALA D 170 2.47 -9.72 -40.91
C ALA D 170 3.78 -9.28 -41.52
N TRP D 171 3.90 -9.39 -42.84
CA TRP D 171 5.21 -9.30 -43.45
C TRP D 171 5.76 -7.87 -43.43
N VAL D 172 4.92 -6.85 -43.58
CA VAL D 172 5.46 -5.50 -43.60
C VAL D 172 6.24 -5.20 -42.34
N ALA D 173 5.77 -5.68 -41.20
CA ALA D 173 6.52 -5.47 -39.98
C ALA D 173 7.88 -6.17 -40.03
N VAL D 174 7.94 -7.32 -40.70
CA VAL D 174 9.23 -7.97 -40.87
C VAL D 174 10.17 -7.10 -41.66
N VAL D 175 9.69 -6.59 -42.79
CA VAL D 175 10.58 -5.78 -43.61
C VAL D 175 11.06 -4.57 -42.85
N ASN D 176 10.22 -4.00 -41.99
CA ASN D 176 10.68 -2.82 -41.26
C ASN D 176 11.68 -3.18 -40.15
N ARG D 177 11.42 -4.23 -39.37
CA ARG D 177 12.36 -4.54 -38.31
C ARG D 177 13.72 -4.94 -38.87
N VAL D 178 13.74 -5.63 -40.01
CA VAL D 178 15.05 -5.93 -40.56
C VAL D 178 15.65 -4.73 -41.27
N GLU D 179 14.84 -3.80 -41.78
CA GLU D 179 15.41 -2.52 -42.17
C GLU D 179 16.13 -1.88 -41.00
N GLY D 180 15.55 -1.95 -39.82
CA GLY D 180 16.24 -1.47 -38.64
C GLY D 180 17.59 -2.16 -38.42
N MET D 181 17.54 -3.47 -38.17
CA MET D 181 18.76 -4.20 -37.90
C MET D 181 19.73 -4.19 -39.06
N LEU D 182 19.38 -3.58 -40.17
CA LEU D 182 20.33 -3.39 -41.25
C LEU D 182 20.70 -1.94 -41.42
N ARG D 183 20.08 -1.05 -40.64
CA ARG D 183 20.45 0.35 -40.63
C ARG D 183 21.28 0.74 -39.41
N ASP D 184 21.12 0.07 -38.28
CA ASP D 184 21.84 0.47 -37.09
C ASP D 184 22.93 -0.50 -36.66
N TYR D 185 22.86 -1.76 -37.03
CA TYR D 185 23.83 -2.73 -36.54
C TYR D 185 24.50 -3.44 -37.69
N PRO D 186 24.93 -2.76 -38.73
CA PRO D 186 25.30 -3.49 -39.94
C PRO D 186 26.66 -4.13 -39.83
N ASP D 187 26.92 -4.75 -38.72
CA ASP D 187 28.19 -5.43 -38.50
C ASP D 187 28.01 -6.81 -37.93
N THR D 188 27.00 -6.99 -37.09
CA THR D 188 26.98 -8.10 -36.15
C THR D 188 26.65 -9.40 -36.85
N GLN D 189 26.40 -10.43 -36.05
CA GLN D 189 26.00 -11.72 -36.58
C GLN D 189 24.49 -11.83 -36.74
N ALA D 190 23.74 -11.10 -35.92
CA ALA D 190 22.29 -11.11 -36.05
C ALA D 190 21.87 -10.76 -37.47
N THR D 191 22.30 -9.60 -37.97
CA THR D 191 21.81 -9.14 -39.26
C THR D 191 22.16 -10.11 -40.38
N ARG D 192 23.32 -10.76 -40.29
CA ARG D 192 23.68 -11.76 -41.29
C ARG D 192 22.84 -13.01 -41.16
N ASP D 193 22.33 -13.30 -39.96
CA ASP D 193 21.35 -14.36 -39.83
C ASP D 193 19.95 -13.90 -40.20
N ALA D 194 19.75 -12.59 -40.34
CA ALA D 194 18.42 -12.05 -40.57
C ALA D 194 18.09 -11.93 -42.04
N LEU D 195 19.02 -11.42 -42.85
CA LEU D 195 18.71 -11.11 -44.25
C LEU D 195 17.78 -12.08 -44.97
N PRO D 196 17.94 -13.39 -44.83
CA PRO D 196 16.95 -14.29 -45.44
C PRO D 196 15.52 -14.01 -45.03
N LEU D 197 15.28 -13.51 -43.82
CA LEU D 197 13.93 -13.11 -43.46
C LEU D 197 13.43 -12.01 -44.38
N MET D 198 14.27 -11.03 -44.68
CA MET D 198 13.84 -9.99 -45.60
C MET D 198 13.61 -10.56 -46.99
N GLU D 199 14.44 -11.53 -47.41
CA GLU D 199 14.19 -12.16 -48.69
C GLU D 199 12.80 -12.79 -48.74
N ASN D 200 12.51 -13.64 -47.76
CA ASN D 200 11.21 -14.27 -47.67
C ASN D 200 10.09 -13.25 -47.71
N ALA D 201 10.12 -12.28 -46.79
CA ALA D 201 9.01 -11.37 -46.67
C ALA D 201 8.99 -10.31 -47.75
N TYR D 202 9.95 -10.30 -48.67
CA TYR D 202 9.68 -9.63 -49.93
C TYR D 202 9.02 -10.56 -50.92
N ARG D 203 9.35 -11.85 -50.88
CA ARG D 203 8.74 -12.74 -51.85
C ARG D 203 7.24 -12.88 -51.60
N GLN D 204 6.82 -13.02 -50.33
CA GLN D 204 5.40 -13.23 -50.07
C GLN D 204 4.55 -12.08 -50.59
N MET D 205 5.05 -10.86 -50.50
CA MET D 205 4.28 -9.72 -50.98
C MET D 205 4.32 -9.58 -52.50
N GLN D 206 5.01 -10.47 -53.19
CA GLN D 206 5.14 -10.37 -54.65
C GLN D 206 5.72 -9.02 -55.05
N MET D 207 6.96 -8.77 -54.61
CA MET D 207 7.70 -7.59 -55.01
C MET D 207 9.04 -8.04 -55.58
N ASN D 208 8.98 -8.95 -56.55
CA ASN D 208 10.10 -9.82 -56.87
C ASN D 208 11.43 -9.08 -56.98
N ALA D 209 11.49 -8.00 -57.76
CA ALA D 209 12.77 -7.35 -58.01
C ALA D 209 13.51 -7.05 -56.72
N GLN D 210 12.79 -6.59 -55.70
CA GLN D 210 13.42 -6.34 -54.42
C GLN D 210 13.96 -7.64 -53.81
N ALA D 211 13.24 -8.74 -54.01
CA ALA D 211 13.76 -10.02 -53.53
C ALA D 211 15.04 -10.37 -54.24
N GLU D 212 15.15 -10.06 -55.54
CA GLU D 212 16.39 -10.34 -56.25
C GLU D 212 17.53 -9.48 -55.73
N LYS D 213 17.23 -8.22 -55.38
CA LYS D 213 18.24 -7.37 -54.77
C LYS D 213 18.77 -7.99 -53.48
N VAL D 214 17.86 -8.31 -52.56
CA VAL D 214 18.32 -8.88 -51.29
C VAL D 214 19.01 -10.20 -51.53
N ALA D 215 18.66 -10.91 -52.60
CA ALA D 215 19.34 -12.15 -52.94
C ALA D 215 20.80 -11.87 -53.30
N LYS D 216 21.02 -10.88 -54.16
CA LYS D 216 22.39 -10.46 -54.46
C LYS D 216 23.16 -10.19 -53.18
N ILE D 217 22.55 -9.43 -52.27
CA ILE D 217 23.27 -9.03 -51.07
C ILE D 217 23.59 -10.24 -50.20
N ILE D 218 22.67 -11.19 -50.11
CA ILE D 218 22.98 -12.42 -49.37
C ILE D 218 24.16 -13.12 -50.02
N ALA D 219 24.15 -13.21 -51.35
CA ALA D 219 25.22 -13.93 -52.04
C ALA D 219 26.58 -13.29 -51.82
N ALA D 220 26.67 -11.97 -51.89
CA ALA D 220 27.96 -11.30 -51.83
C ALA D 220 28.65 -11.43 -50.47
N ASN D 221 27.90 -11.66 -49.40
CA ASN D 221 28.48 -11.82 -48.07
C ASN D 221 28.19 -13.20 -47.51
N SER D 222 28.07 -14.17 -48.41
CA SER D 222 27.83 -15.56 -48.03
C SER D 222 29.16 -16.31 -48.08
N SER D 223 29.52 -16.94 -46.96
CA SER D 223 30.79 -17.63 -46.85
C SER D 223 30.75 -18.68 -45.75
N GLU E 4 -6.98 -32.57 -42.34
CA GLU E 4 -7.03 -31.55 -41.30
C GLU E 4 -7.99 -30.43 -41.68
N ARG E 5 -8.75 -29.95 -40.71
CA ARG E 5 -9.67 -28.84 -40.91
C ARG E 5 -9.44 -27.81 -39.81
N VAL E 6 -9.57 -26.54 -40.18
CA VAL E 6 -9.14 -25.44 -39.33
C VAL E 6 -10.34 -24.58 -38.97
N VAL E 7 -10.23 -23.86 -37.85
CA VAL E 7 -11.38 -23.09 -37.37
C VAL E 7 -11.07 -21.62 -37.14
N TYR E 8 -10.14 -21.27 -36.25
CA TYR E 8 -10.01 -19.85 -35.89
C TYR E 8 -8.64 -19.26 -36.15
N ARG E 9 -8.63 -17.96 -36.52
CA ARG E 9 -7.48 -17.06 -36.70
C ARG E 9 -8.00 -15.62 -36.67
N PRO E 10 -7.33 -14.70 -35.98
CA PRO E 10 -7.78 -13.30 -36.00
C PRO E 10 -7.45 -12.66 -37.33
N ASP E 11 -7.69 -11.36 -37.47
CA ASP E 11 -7.43 -10.66 -38.72
C ASP E 11 -6.04 -10.05 -38.73
N ILE E 12 -5.53 -9.82 -39.94
CA ILE E 12 -4.19 -9.33 -40.17
C ILE E 12 -4.28 -8.08 -41.03
N ASN E 13 -3.56 -7.04 -40.65
CA ASN E 13 -3.58 -5.78 -41.36
C ASN E 13 -2.15 -5.30 -41.61
N GLN E 14 -1.87 -4.87 -42.82
CA GLN E 14 -0.57 -4.35 -43.17
C GLN E 14 -0.76 -3.02 -43.89
N GLY E 15 0.05 -2.03 -43.52
CA GLY E 15 -0.31 -0.63 -43.62
C GLY E 15 -0.64 -0.07 -44.99
N ASN E 16 -0.78 1.26 -45.06
CA ASN E 16 -1.10 1.99 -46.29
C ASN E 16 -2.53 1.74 -46.79
N TYR E 17 -3.51 1.98 -45.92
CA TYR E 17 -4.90 2.00 -46.33
C TYR E 17 -5.07 2.83 -47.60
N LEU E 18 -5.91 2.36 -48.50
CA LEU E 18 -6.09 3.04 -49.77
C LEU E 18 -7.56 3.02 -50.15
N THR E 19 -8.13 4.20 -50.37
CA THR E 19 -9.41 4.29 -51.05
C THR E 19 -9.16 4.16 -52.54
N ALA E 20 -10.14 4.48 -53.37
CA ALA E 20 -9.91 4.55 -54.81
C ALA E 20 -9.67 5.97 -55.28
N ASN E 21 -10.45 6.94 -54.80
CA ASN E 21 -10.29 8.32 -55.24
C ASN E 21 -8.90 8.85 -54.96
N ASP E 22 -8.37 8.58 -53.76
CA ASP E 22 -7.04 9.09 -53.42
C ASP E 22 -6.00 8.61 -54.39
N VAL E 23 -6.00 7.31 -54.70
CA VAL E 23 -5.11 6.82 -55.75
C VAL E 23 -5.38 7.54 -57.05
N SER E 24 -6.64 7.82 -57.35
CA SER E 24 -6.92 8.57 -58.57
C SER E 24 -6.51 10.03 -58.51
N LYS E 25 -5.87 10.47 -57.43
CA LYS E 25 -5.46 11.86 -57.32
C LYS E 25 -4.03 12.08 -57.78
N ILE E 26 -3.09 11.28 -57.27
CA ILE E 26 -1.68 11.54 -57.50
C ILE E 26 -1.30 11.20 -58.94
N ARG E 27 -0.84 12.23 -59.66
CA ARG E 27 -0.47 12.08 -61.06
C ARG E 27 1.02 12.31 -61.22
N VAL E 28 1.52 12.34 -62.46
CA VAL E 28 2.94 12.59 -62.67
C VAL E 28 3.24 14.06 -62.40
N GLY E 29 4.53 14.36 -62.26
CA GLY E 29 4.98 15.72 -62.08
C GLY E 29 4.96 16.25 -60.66
N MET E 30 4.38 15.51 -59.71
CA MET E 30 4.25 16.02 -58.36
C MET E 30 5.59 15.96 -57.62
N THR E 31 5.55 16.38 -56.36
CA THR E 31 6.72 16.42 -55.50
C THR E 31 6.49 15.55 -54.28
N GLN E 32 7.59 15.05 -53.70
CA GLN E 32 7.53 14.20 -52.52
C GLN E 32 6.51 14.71 -51.52
N GLN E 33 6.68 15.97 -51.10
CA GLN E 33 5.80 16.52 -50.08
C GLN E 33 4.34 16.39 -50.47
N GLN E 34 4.03 16.64 -51.74
CA GLN E 34 2.63 16.63 -52.17
C GLN E 34 2.02 15.25 -52.00
N VAL E 35 2.67 14.22 -52.53
CA VAL E 35 2.14 12.87 -52.40
C VAL E 35 2.04 12.48 -50.93
N ALA E 36 3.09 12.77 -50.16
CA ALA E 36 3.04 12.46 -48.74
C ALA E 36 1.84 13.11 -48.08
N TYR E 37 1.50 14.32 -48.50
CA TYR E 37 0.36 15.01 -47.92
C TYR E 37 -0.95 14.41 -48.40
N ALA E 38 -0.95 13.82 -49.58
CA ALA E 38 -2.20 13.32 -50.15
C ALA E 38 -2.52 11.90 -49.73
N LEU E 39 -1.54 11.12 -49.25
CA LEU E 39 -1.82 9.75 -48.84
C LEU E 39 -1.30 9.35 -47.48
N GLY E 40 -0.27 10.01 -46.96
CA GLY E 40 0.35 9.63 -45.71
C GLY E 40 1.84 9.50 -45.87
N THR E 41 2.46 8.79 -44.94
CA THR E 41 3.89 8.52 -45.03
C THR E 41 4.08 7.08 -45.40
N PRO E 42 4.71 6.78 -46.53
CA PRO E 42 4.83 5.38 -46.95
C PRO E 42 5.65 4.59 -45.96
N LEU E 43 5.01 3.65 -45.28
CA LEU E 43 5.67 2.93 -44.21
C LEU E 43 6.41 1.71 -44.71
N MET E 44 6.78 1.70 -45.98
CA MET E 44 7.71 0.71 -46.49
C MET E 44 8.49 1.37 -47.61
N SER E 45 9.66 1.90 -47.28
CA SER E 45 10.48 2.57 -48.28
C SER E 45 11.46 1.57 -48.88
N ASP E 46 12.29 2.06 -49.79
CA ASP E 46 13.28 1.24 -50.47
C ASP E 46 14.67 1.79 -50.23
N PRO E 47 15.47 1.20 -49.38
CA PRO E 47 16.74 1.82 -48.99
C PRO E 47 17.85 1.58 -49.99
N PHE E 48 17.83 0.46 -50.65
CA PHE E 48 19.03 -0.09 -51.28
C PHE E 48 19.49 0.67 -52.46
N GLY E 49 19.06 1.88 -52.75
CA GLY E 49 19.36 2.46 -54.04
C GLY E 49 18.42 3.58 -54.42
N THR E 50 17.75 3.41 -55.55
CA THR E 50 16.85 4.41 -56.09
C THR E 50 15.80 4.85 -55.10
N ASN E 51 15.08 5.91 -55.43
CA ASN E 51 14.27 6.65 -54.46
C ASN E 51 12.80 6.30 -54.53
N THR E 52 12.46 5.03 -54.73
CA THR E 52 11.07 4.63 -54.88
C THR E 52 10.40 4.47 -53.53
N TRP E 53 9.12 4.80 -53.49
CA TRP E 53 8.27 4.54 -52.34
C TRP E 53 7.37 3.35 -52.66
N PHE E 54 6.93 2.65 -51.62
CA PHE E 54 6.12 1.46 -51.79
C PHE E 54 4.83 1.62 -51.00
N TYR E 55 3.73 1.81 -51.70
CA TYR E 55 2.41 1.81 -51.08
C TYR E 55 1.77 0.46 -51.30
N VAL E 56 1.71 -0.37 -50.26
CA VAL E 56 1.14 -1.70 -50.36
C VAL E 56 0.00 -1.81 -49.37
N PHE E 57 -1.17 -2.18 -49.85
CA PHE E 57 -2.39 -2.30 -49.05
C PHE E 57 -2.79 -3.76 -49.01
N ARG E 58 -2.53 -4.42 -47.89
CA ARG E 58 -2.73 -5.85 -47.75
C ARG E 58 -3.64 -6.14 -46.57
N GLN E 59 -4.79 -6.74 -46.86
CA GLN E 59 -5.78 -7.07 -45.85
C GLN E 59 -6.01 -8.58 -45.89
N GLN E 60 -6.01 -9.21 -44.72
CA GLN E 60 -6.09 -10.66 -44.62
C GLN E 60 -7.29 -11.05 -43.76
N PRO E 61 -8.42 -11.32 -44.35
CA PRO E 61 -9.65 -11.51 -43.59
C PRO E 61 -9.91 -12.96 -43.15
N GLY E 62 -9.11 -13.45 -42.21
CA GLY E 62 -9.46 -14.61 -41.42
C GLY E 62 -10.04 -15.81 -42.15
N HIS E 63 -9.25 -16.49 -42.97
CA HIS E 63 -9.72 -17.56 -43.83
C HIS E 63 -10.73 -17.06 -44.85
N GLU E 64 -10.37 -16.01 -45.57
CA GLU E 64 -11.10 -15.59 -46.77
C GLU E 64 -10.11 -15.20 -47.86
N GLY E 65 -9.07 -16.00 -48.04
CA GLY E 65 -8.07 -15.64 -49.02
C GLY E 65 -7.22 -14.46 -48.57
N VAL E 66 -6.86 -13.62 -49.53
CA VAL E 66 -6.02 -12.46 -49.25
C VAL E 66 -6.16 -11.42 -50.34
N THR E 67 -6.28 -10.16 -49.94
CA THR E 67 -6.43 -9.06 -50.88
C THR E 67 -5.26 -8.09 -50.75
N GLN E 68 -4.83 -7.53 -51.87
CA GLN E 68 -3.63 -6.71 -51.86
C GLN E 68 -3.65 -5.81 -53.08
N GLN E 69 -3.54 -4.51 -52.88
CA GLN E 69 -3.43 -3.56 -53.98
C GLN E 69 -2.04 -2.95 -53.89
N THR E 70 -1.07 -3.60 -54.51
CA THR E 70 0.28 -3.10 -54.50
C THR E 70 0.37 -1.84 -55.35
N LEU E 71 1.16 -0.88 -54.89
CA LEU E 71 1.32 0.37 -55.61
C LEU E 71 2.72 0.89 -55.35
N THR E 72 3.51 1.07 -56.41
CA THR E 72 4.90 1.50 -56.28
C THR E 72 5.08 2.84 -56.97
N LEU E 73 5.45 3.85 -56.20
CA LEU E 73 5.77 5.17 -56.73
C LEU E 73 7.28 5.29 -56.81
N THR E 74 7.80 5.59 -58.00
CA THR E 74 9.22 5.82 -58.20
C THR E 74 9.45 7.31 -58.45
N PHE E 75 10.16 7.95 -57.53
CA PHE E 75 10.49 9.36 -57.65
C PHE E 75 11.70 9.52 -58.57
N ASN E 76 12.28 10.72 -58.56
CA ASN E 76 13.43 11.07 -59.36
C ASN E 76 14.61 11.39 -58.45
N SER E 77 15.69 11.90 -59.04
CA SER E 77 16.89 12.21 -58.26
C SER E 77 16.64 13.35 -57.30
N SER E 78 16.09 14.46 -57.80
CA SER E 78 15.89 15.64 -56.98
C SER E 78 14.67 15.55 -56.08
N GLY E 79 13.69 14.74 -56.44
CA GLY E 79 12.47 14.60 -55.66
C GLY E 79 11.20 14.68 -56.47
N VAL E 80 11.27 15.07 -57.74
CA VAL E 80 10.07 15.06 -58.56
C VAL E 80 9.67 13.63 -58.86
N LEU E 81 8.45 13.48 -59.38
CA LEU E 81 7.91 12.16 -59.68
C LEU E 81 8.00 11.89 -61.18
N THR E 82 8.25 10.64 -61.53
CA THR E 82 8.45 10.27 -62.92
C THR E 82 7.63 9.08 -63.39
N ASN E 83 7.14 8.23 -62.50
CA ASN E 83 6.39 7.06 -62.94
C ASN E 83 5.68 6.45 -61.76
N ILE E 84 4.46 5.96 -61.99
CA ILE E 84 3.69 5.22 -61.00
C ILE E 84 3.32 3.88 -61.59
N ASP E 85 3.38 2.84 -60.76
CA ASP E 85 3.04 1.49 -61.17
C ASP E 85 1.96 0.96 -60.25
N ASN E 86 0.74 0.92 -60.76
CA ASN E 86 -0.42 0.53 -59.97
C ASN E 86 -0.80 -0.91 -60.26
N LYS E 87 -1.35 -1.58 -59.26
CA LYS E 87 -1.67 -2.98 -59.45
C LYS E 87 -2.79 -3.42 -58.53
N PRO E 88 -3.88 -3.91 -59.09
CA PRO E 88 -4.95 -4.50 -58.26
C PRO E 88 -4.52 -5.85 -57.70
N ALA E 89 -5.47 -6.59 -57.14
CA ALA E 89 -5.22 -7.84 -56.42
C ALA E 89 -4.07 -8.65 -57.03
N LEU E 90 -3.18 -9.10 -56.16
CA LEU E 90 -1.90 -9.64 -56.56
C LEU E 90 -2.03 -10.74 -57.60
N SER E 91 -0.98 -10.88 -58.41
CA SER E 91 -0.96 -11.91 -59.43
C SER E 91 -0.71 -13.28 -58.80
N GLY E 92 -1.04 -14.31 -59.55
CA GLY E 92 -1.06 -15.64 -58.98
C GLY E 92 -2.20 -15.77 -58.00
N ASN E 93 -2.60 -17.00 -57.66
CA ASN E 93 -3.72 -17.18 -56.76
C ASN E 93 -3.29 -16.87 -55.32
N GLY E 94 -4.16 -16.17 -54.59
CA GLY E 94 -3.83 -15.77 -53.24
C GLY E 94 -3.85 -16.91 -52.24
N GLY E 95 -4.52 -18.00 -52.58
CA GLY E 95 -4.57 -19.15 -51.70
C GLY E 95 -5.96 -19.38 -51.14
N HIS E 96 -6.04 -19.92 -49.94
CA HIS E 96 -7.32 -20.17 -49.32
C HIS E 96 -7.17 -20.40 -47.82
N ALA F 53 -9.38 -49.08 51.92
CA ALA F 53 -8.26 -50.02 52.01
C ALA F 53 -7.76 -50.39 50.61
N ASN F 54 -8.01 -49.51 49.65
CA ASN F 54 -7.63 -49.76 48.26
C ASN F 54 -6.13 -49.52 48.10
N LYS F 55 -5.36 -50.61 48.12
CA LYS F 55 -3.91 -50.51 47.97
C LYS F 55 -3.46 -50.44 46.52
N GLU F 56 -4.35 -50.70 45.57
CA GLU F 56 -4.05 -50.48 44.15
C GLU F 56 -4.56 -49.13 43.67
N ALA F 57 -5.41 -48.46 44.45
CA ALA F 57 -5.69 -47.06 44.21
C ALA F 57 -4.41 -46.24 44.18
N THR F 58 -3.37 -46.73 44.86
CA THR F 58 -2.04 -46.12 44.74
C THR F 58 -1.60 -46.07 43.28
N ARG F 59 -1.50 -47.24 42.65
CA ARG F 59 -1.13 -47.29 41.22
C ARG F 59 -2.12 -46.52 40.36
N ASN F 60 -3.39 -46.52 40.71
CA ASN F 60 -4.39 -45.86 39.87
C ASN F 60 -4.23 -44.34 39.89
N ALA F 61 -4.21 -43.75 41.08
CA ALA F 61 -3.90 -42.34 41.19
C ALA F 61 -2.54 -42.03 40.61
N ALA F 62 -1.61 -42.97 40.68
CA ALA F 62 -0.32 -42.76 40.03
C ALA F 62 -0.48 -42.65 38.52
N ALA F 63 -1.37 -43.46 37.95
CA ALA F 63 -1.68 -43.33 36.53
C ALA F 63 -2.31 -42.00 36.22
N LEU F 64 -3.12 -41.47 37.14
CA LEU F 64 -3.73 -40.16 36.91
C LEU F 64 -2.66 -39.07 36.92
N PHE F 65 -1.77 -39.10 37.93
CA PHE F 65 -0.61 -38.21 37.90
C PHE F 65 0.16 -38.38 36.61
N SER F 66 0.24 -39.62 36.13
CA SER F 66 1.00 -39.89 34.91
C SER F 66 0.35 -39.24 33.71
N VAL F 67 -0.99 -39.23 33.64
CA VAL F 67 -1.63 -38.59 32.50
C VAL F 67 -1.53 -37.08 32.60
N ASP F 68 -1.51 -36.55 33.83
CA ASP F 68 -1.29 -35.11 34.01
C ASP F 68 0.08 -34.72 33.49
N TYR F 69 1.12 -35.36 34.02
CA TYR F 69 2.47 -35.12 33.52
C TYR F 69 2.57 -35.36 32.03
N LYS F 70 1.94 -36.43 31.54
CA LYS F 70 1.92 -36.72 30.12
C LYS F 70 1.47 -35.49 29.34
N ALA F 71 0.24 -35.06 29.57
CA ALA F 71 -0.27 -33.87 28.89
C ALA F 71 0.73 -32.72 28.97
N PHE F 72 1.03 -32.26 30.19
CA PHE F 72 1.73 -30.99 30.28
C PHE F 72 3.20 -31.11 29.94
N LEU F 73 3.94 -31.94 30.64
CA LEU F 73 5.33 -32.08 30.29
C LEU F 73 5.54 -32.87 29.03
N ASN F 74 4.50 -33.13 28.24
CA ASN F 74 4.68 -33.41 26.83
C ASN F 74 4.51 -32.15 26.01
N GLU F 75 3.65 -31.24 26.46
CA GLU F 75 3.44 -29.97 25.76
C GLU F 75 4.28 -28.88 26.42
N VAL F 76 5.59 -28.94 26.19
CA VAL F 76 6.52 -27.89 26.59
C VAL F 76 7.53 -27.71 25.47
N SER F 77 8.06 -26.49 25.35
CA SER F 77 8.94 -26.23 24.22
C SER F 77 9.74 -24.95 24.43
N ASN F 78 11.04 -25.04 24.23
CA ASN F 78 11.88 -23.87 24.10
C ASN F 78 11.54 -23.15 22.79
N LEU F 79 12.21 -22.04 22.51
CA LEU F 79 12.28 -21.61 21.13
C LEU F 79 13.10 -22.58 20.32
N ASN F 80 14.11 -23.18 20.96
CA ASN F 80 14.70 -24.41 20.46
C ASN F 80 13.67 -25.53 20.50
N LYS F 81 13.89 -26.55 19.68
CA LYS F 81 13.04 -27.73 19.56
C LYS F 81 11.74 -27.38 18.87
N ARG F 82 11.52 -26.09 18.62
CA ARG F 82 10.28 -25.61 18.03
C ARG F 82 10.49 -24.78 16.79
N MET F 83 11.55 -23.98 16.73
CA MET F 83 11.93 -23.38 15.47
C MET F 83 13.43 -23.49 15.23
N GLY F 84 14.15 -24.24 16.06
CA GLY F 84 15.59 -24.35 15.94
C GLY F 84 16.27 -23.08 16.38
N ASP F 85 16.16 -22.04 15.56
CA ASP F 85 16.70 -20.71 15.80
C ASP F 85 16.00 -19.74 14.86
N LEU F 86 16.06 -18.46 15.21
CA LEU F 86 15.68 -17.40 14.30
C LEU F 86 16.74 -16.31 14.22
N ARG F 87 17.93 -16.56 14.75
CA ARG F 87 19.02 -15.61 14.57
C ARG F 87 19.39 -15.55 13.10
N ASP F 88 19.46 -14.34 12.56
CA ASP F 88 19.90 -14.11 11.18
C ASP F 88 18.99 -14.83 10.19
N ILE F 89 17.74 -14.38 10.14
CA ILE F 89 16.77 -14.85 9.15
C ILE F 89 16.44 -13.68 8.23
N ASN F 90 16.12 -14.00 6.97
CA ASN F 90 15.61 -13.01 6.04
C ASN F 90 14.42 -13.59 5.28
N GLY F 91 13.51 -12.72 4.89
CA GLY F 91 12.29 -13.11 4.23
C GLY F 91 11.07 -12.53 4.90
N GLU F 92 9.95 -13.22 4.73
CA GLU F 92 8.69 -12.79 5.33
C GLU F 92 8.16 -13.78 6.34
N ALA F 93 8.01 -15.04 5.97
CA ALA F 93 7.41 -16.03 6.86
C ALA F 93 7.94 -17.41 6.49
N GLY F 94 7.33 -18.43 7.04
CA GLY F 94 7.73 -19.80 6.77
C GLY F 94 6.66 -20.81 7.03
N CYS F 95 7.07 -22.04 7.25
CA CYS F 95 6.15 -23.12 7.63
C CYS F 95 6.90 -23.99 8.64
N TRP F 96 6.75 -23.66 9.92
CA TRP F 96 7.59 -24.28 10.94
C TRP F 96 7.18 -25.71 11.26
N ALA F 97 7.42 -26.64 10.35
CA ALA F 97 7.07 -28.04 10.58
C ALA F 97 7.85 -28.62 11.76
N ARG F 98 7.32 -29.67 12.35
CA ARG F 98 7.96 -30.28 13.51
C ARG F 98 7.37 -31.67 13.77
N ILE F 99 8.21 -32.54 14.34
CA ILE F 99 7.86 -33.93 14.64
C ILE F 99 8.66 -34.34 15.87
N MET F 100 8.16 -35.29 16.65
CA MET F 100 9.00 -35.81 17.72
C MET F 100 8.57 -37.24 18.05
N SER F 101 9.13 -37.76 19.14
CA SER F 101 8.88 -39.06 19.73
C SER F 101 9.08 -38.85 21.22
N GLY F 102 9.46 -39.86 21.99
CA GLY F 102 9.65 -39.54 23.39
C GLY F 102 9.10 -40.45 24.46
N THR F 103 9.13 -41.76 24.21
CA THR F 103 8.78 -42.74 25.24
C THR F 103 9.29 -42.34 26.62
N GLY F 104 8.42 -42.47 27.60
CA GLY F 104 8.73 -42.11 28.97
C GLY F 104 9.37 -43.26 29.71
N SER F 105 9.85 -42.97 30.91
CA SER F 105 10.49 -43.98 31.75
C SER F 105 10.07 -43.85 33.20
N ALA F 106 8.86 -43.37 33.45
CA ALA F 106 8.36 -43.24 34.82
C ALA F 106 7.90 -44.61 35.31
N SER F 107 7.17 -44.61 36.43
CA SER F 107 6.71 -45.86 37.04
C SER F 107 5.73 -46.65 36.17
N GLY F 108 5.16 -46.03 35.13
CA GLY F 108 4.27 -46.76 34.24
C GLY F 108 4.95 -47.33 33.01
N GLY F 109 5.62 -46.48 32.24
CA GLY F 109 6.23 -46.87 30.98
C GLY F 109 5.39 -46.48 29.79
N PHE F 110 5.71 -45.37 29.14
CA PHE F 110 4.80 -44.73 28.20
C PHE F 110 5.45 -44.50 26.84
N SER F 111 4.79 -43.73 25.98
CA SER F 111 5.32 -43.43 24.66
C SER F 111 4.82 -42.05 24.24
N ASP F 112 5.16 -41.63 23.03
CA ASP F 112 4.92 -40.26 22.59
C ASP F 112 4.80 -40.24 21.08
N ASN F 113 4.22 -39.16 20.56
CA ASN F 113 4.33 -38.77 19.16
C ASN F 113 3.64 -37.42 18.99
N TYR F 114 4.15 -36.62 18.03
CA TYR F 114 3.70 -35.25 17.85
C TYR F 114 3.57 -34.92 16.38
N THR F 115 3.12 -33.68 16.14
CA THR F 115 3.27 -32.98 14.87
C THR F 115 2.79 -31.55 15.07
N HIS F 116 3.50 -30.59 14.51
CA HIS F 116 3.36 -29.21 14.93
C HIS F 116 3.43 -28.24 13.77
N VAL F 117 2.68 -28.50 12.69
CA VAL F 117 2.73 -27.58 11.55
C VAL F 117 2.35 -26.18 11.99
N GLN F 118 2.99 -25.18 11.38
CA GLN F 118 2.91 -23.79 11.83
C GLN F 118 2.91 -22.86 10.64
N VAL F 119 2.82 -21.56 10.92
CA VAL F 119 3.06 -20.52 9.92
C VAL F 119 3.16 -19.18 10.66
N GLY F 120 3.89 -18.21 10.09
CA GLY F 120 3.89 -16.88 10.66
C GLY F 120 4.87 -15.88 10.07
N VAL F 121 4.42 -14.64 9.84
CA VAL F 121 5.25 -13.57 9.31
C VAL F 121 5.95 -12.88 10.47
N ASP F 122 6.97 -12.08 10.15
CA ASP F 122 7.69 -11.31 11.17
C ASP F 122 8.23 -10.02 10.56
N LYS F 123 7.55 -8.91 10.83
CA LYS F 123 7.99 -7.62 10.32
C LYS F 123 9.17 -7.12 11.15
N LYS F 124 10.08 -6.42 10.48
CA LYS F 124 11.38 -6.06 11.06
C LYS F 124 11.30 -4.67 11.68
N HIS F 125 10.72 -4.60 12.86
CA HIS F 125 10.58 -3.36 13.63
C HIS F 125 11.66 -3.32 14.70
N GLU F 126 12.77 -2.64 14.40
CA GLU F 126 13.85 -2.43 15.35
C GLU F 126 13.48 -1.24 16.22
N LEU F 127 12.90 -1.52 17.39
CA LEU F 127 12.34 -0.46 18.24
C LEU F 127 13.04 -0.34 19.58
N ASP F 128 13.08 -1.40 20.38
CA ASP F 128 13.44 -1.29 21.79
C ASP F 128 14.58 -2.24 22.16
N GLY F 129 15.42 -1.78 23.10
CA GLY F 129 16.44 -2.63 23.68
C GLY F 129 17.42 -3.14 22.65
N LEU F 130 17.52 -4.47 22.56
CA LEU F 130 18.38 -5.15 21.61
C LEU F 130 17.52 -5.68 20.46
N ASP F 131 18.18 -6.04 19.35
CA ASP F 131 17.51 -6.19 18.05
C ASP F 131 16.21 -6.97 18.16
N LEU F 132 15.09 -6.31 17.91
CA LEU F 132 13.77 -6.91 18.10
C LEU F 132 13.15 -7.16 16.73
N PHE F 133 12.98 -8.43 16.39
CA PHE F 133 12.21 -8.84 15.21
C PHE F 133 10.96 -9.54 15.71
N THR F 134 9.89 -8.79 15.89
CA THR F 134 8.63 -9.35 16.33
C THR F 134 8.06 -10.23 15.23
N GLY F 135 7.34 -11.27 15.64
CA GLY F 135 6.75 -12.17 14.66
C GLY F 135 5.49 -12.82 15.17
N PHE F 136 4.73 -13.36 14.23
CA PHE F 136 3.48 -14.05 14.49
C PHE F 136 3.67 -15.55 14.30
N THR F 137 2.82 -16.33 14.97
CA THR F 137 2.92 -17.78 14.89
C THR F 137 1.60 -18.40 15.31
N VAL F 138 1.10 -19.34 14.51
CA VAL F 138 0.01 -20.22 14.91
C VAL F 138 0.51 -21.66 14.78
N THR F 139 -0.11 -22.56 15.53
CA THR F 139 0.35 -23.94 15.58
C THR F 139 -0.84 -24.89 15.52
N HIS F 140 -0.56 -26.17 15.36
CA HIS F 140 -1.59 -27.20 15.31
C HIS F 140 -1.00 -28.50 15.83
N THR F 141 -1.48 -28.96 16.97
CA THR F 141 -0.95 -30.15 17.62
C THR F 141 -1.89 -31.32 17.41
N ASP F 142 -1.33 -32.46 17.03
CA ASP F 142 -2.06 -33.72 16.90
C ASP F 142 -1.36 -34.81 17.70
N SER F 143 -1.08 -34.49 18.96
CA SER F 143 -0.37 -35.41 19.84
C SER F 143 -0.99 -36.80 19.83
N SER F 144 -0.15 -37.80 20.08
CA SER F 144 -0.59 -39.18 20.14
C SER F 144 0.31 -39.92 21.11
N ALA F 145 -0.29 -40.66 22.03
CA ALA F 145 0.48 -41.25 23.11
C ALA F 145 -0.10 -42.60 23.48
N SER F 146 0.41 -43.16 24.58
CA SER F 146 -0.04 -44.43 25.11
C SER F 146 0.38 -44.52 26.57
N ALA F 147 0.24 -45.70 27.14
CA ALA F 147 0.66 -45.96 28.51
C ALA F 147 0.71 -47.47 28.71
N ASP F 148 0.91 -47.89 29.96
CA ASP F 148 0.93 -49.31 30.29
C ASP F 148 -0.45 -49.87 30.56
N VAL F 149 -1.49 -49.04 30.48
CA VAL F 149 -2.87 -49.50 30.65
C VAL F 149 -3.70 -49.04 29.46
N PHE F 150 -3.65 -47.75 29.14
CA PHE F 150 -4.56 -47.12 28.20
C PHE F 150 -3.79 -46.35 27.13
N SER F 151 -4.52 -45.53 26.36
CA SER F 151 -3.94 -44.73 25.30
C SER F 151 -4.76 -43.45 25.14
N GLY F 152 -4.33 -42.59 24.24
CA GLY F 152 -5.07 -41.37 23.97
C GLY F 152 -4.38 -40.51 22.92
N LYS F 153 -5.15 -39.54 22.42
CA LYS F 153 -4.67 -38.57 21.43
C LYS F 153 -5.25 -37.20 21.77
N THR F 154 -4.93 -36.20 20.94
CA THR F 154 -5.44 -34.86 21.12
C THR F 154 -5.15 -34.01 19.89
N LYS F 155 -6.08 -33.12 19.56
CA LYS F 155 -5.90 -32.07 18.57
C LYS F 155 -5.82 -30.72 19.28
N SER F 156 -5.09 -29.78 18.69
CA SER F 156 -4.81 -28.56 19.44
C SER F 156 -4.25 -27.48 18.53
N VAL F 157 -4.30 -26.24 19.03
CA VAL F 157 -4.00 -25.06 18.23
C VAL F 157 -3.74 -23.91 19.20
N GLY F 158 -3.04 -22.88 18.72
CA GLY F 158 -2.86 -21.67 19.51
C GLY F 158 -1.97 -20.68 18.80
N ALA F 159 -1.73 -19.56 19.47
CA ALA F 159 -0.92 -18.48 18.93
C ALA F 159 0.47 -18.47 19.56
N GLY F 160 1.47 -18.08 18.77
CA GLY F 160 2.85 -18.28 19.17
C GLY F 160 3.83 -17.15 18.97
N LEU F 161 3.40 -15.90 19.20
CA LEU F 161 4.26 -14.75 18.98
C LEU F 161 5.55 -14.83 19.82
N TYR F 162 6.54 -14.02 19.44
CA TYR F 162 7.91 -14.14 19.94
C TYR F 162 8.65 -12.84 19.67
N ALA F 163 9.96 -12.85 19.90
CA ALA F 163 10.86 -11.77 19.53
C ALA F 163 12.25 -12.33 19.32
N SER F 164 13.21 -11.46 18.99
CA SER F 164 14.57 -11.94 18.77
C SER F 164 15.60 -10.96 19.36
N ALA F 165 15.33 -10.42 20.55
CA ALA F 165 16.25 -9.49 21.18
C ALA F 165 17.54 -10.19 21.63
N MET F 166 17.42 -11.09 22.61
CA MET F 166 18.48 -12.03 23.01
C MET F 166 19.86 -11.39 23.10
N PHE F 167 19.91 -10.13 23.56
CA PHE F 167 21.16 -9.36 23.61
C PHE F 167 21.82 -9.16 22.26
N ASP F 168 21.19 -9.65 21.19
CA ASP F 168 21.77 -9.68 19.85
C ASP F 168 23.04 -10.53 19.78
N SER F 169 23.33 -11.30 20.83
CA SER F 169 24.44 -12.24 20.83
C SER F 169 24.05 -13.61 21.37
N GLY F 170 22.81 -13.78 21.81
CA GLY F 170 22.32 -15.04 22.34
C GLY F 170 22.00 -14.97 23.82
N ALA F 171 20.72 -14.73 24.10
CA ALA F 171 20.19 -14.80 25.46
C ALA F 171 18.90 -15.59 25.51
N TYR F 172 18.14 -15.53 24.42
CA TYR F 172 16.74 -15.93 24.30
C TYR F 172 15.82 -14.99 25.07
N ILE F 173 16.30 -13.82 25.48
CA ILE F 173 15.38 -12.82 26.02
C ILE F 173 14.52 -12.38 24.85
N ASP F 174 13.26 -12.79 24.86
CA ASP F 174 12.35 -12.54 23.76
C ASP F 174 10.96 -12.39 24.34
N LEU F 175 9.95 -12.50 23.48
CA LEU F 175 8.56 -12.34 23.87
C LEU F 175 7.74 -13.56 23.46
N ILE F 176 8.20 -14.76 23.83
CA ILE F 176 7.46 -15.93 23.39
C ILE F 176 6.25 -16.05 24.30
N GLY F 177 5.16 -15.39 23.91
CA GLY F 177 3.92 -15.49 24.64
C GLY F 177 2.99 -16.55 24.08
N LYS F 178 3.43 -17.80 24.07
CA LYS F 178 2.63 -18.86 23.48
C LYS F 178 1.32 -19.03 24.24
N TYR F 179 0.23 -19.16 23.50
CA TYR F 179 -1.08 -19.48 24.05
C TYR F 179 -1.54 -20.76 23.37
N VAL F 180 -1.53 -21.86 24.11
CA VAL F 180 -2.00 -23.13 23.57
C VAL F 180 -3.11 -23.67 24.46
N HIS F 181 -3.85 -24.60 23.89
CA HIS F 181 -4.95 -25.26 24.57
C HIS F 181 -5.05 -26.67 24.03
N HIS F 182 -5.84 -27.50 24.70
CA HIS F 182 -6.04 -28.86 24.25
C HIS F 182 -7.48 -29.29 24.44
N ASP F 183 -7.76 -30.48 23.92
CA ASP F 183 -8.97 -31.22 24.25
C ASP F 183 -8.60 -32.69 24.12
N ASN F 184 -8.21 -33.31 25.22
CA ASN F 184 -7.65 -34.64 25.18
C ASN F 184 -8.75 -35.70 25.09
N GLU F 185 -8.57 -36.63 24.16
CA GLU F 185 -9.48 -37.76 23.98
C GLU F 185 -8.71 -39.02 24.37
N TYR F 186 -9.04 -39.60 25.51
CA TYR F 186 -8.28 -40.72 26.03
C TYR F 186 -9.20 -41.90 26.34
N THR F 187 -8.77 -43.08 25.90
CA THR F 187 -9.38 -44.34 26.27
C THR F 187 -8.82 -44.79 27.61
N ALA F 188 -9.50 -45.74 28.25
CA ALA F 188 -9.06 -46.26 29.54
C ALA F 188 -9.41 -47.73 29.63
N THR F 189 -8.40 -48.56 29.92
CA THR F 189 -8.57 -50.00 29.93
C THR F 189 -8.40 -50.60 31.32
N PHE F 190 -8.27 -49.79 32.35
CA PHE F 190 -8.26 -50.31 33.72
C PHE F 190 -9.70 -50.67 34.05
N ALA F 191 -10.12 -51.86 33.64
CA ALA F 191 -11.50 -52.31 33.68
C ALA F 191 -12.37 -51.72 32.58
N GLY F 192 -11.76 -51.22 31.51
CA GLY F 192 -12.50 -50.73 30.36
C GLY F 192 -13.32 -49.48 30.60
N LEU F 193 -13.06 -48.74 31.69
CA LEU F 193 -13.82 -47.54 31.97
C LEU F 193 -13.82 -46.58 30.78
N GLY F 194 -12.71 -46.55 30.05
CA GLY F 194 -12.68 -45.95 28.73
C GLY F 194 -12.54 -44.45 28.66
N THR F 195 -13.62 -43.72 28.89
CA THR F 195 -13.68 -42.33 28.46
C THR F 195 -13.74 -41.37 29.63
N ARG F 196 -12.92 -40.32 29.54
CA ARG F 196 -13.08 -39.09 30.32
C ARG F 196 -12.24 -38.04 29.62
N ASP F 197 -12.86 -36.93 29.24
CA ASP F 197 -12.21 -35.94 28.40
C ASP F 197 -12.50 -34.56 28.94
N TYR F 198 -11.87 -33.56 28.34
CA TYR F 198 -11.87 -32.21 28.92
C TYR F 198 -11.23 -31.26 27.91
N SER F 199 -11.07 -30.01 28.32
CA SER F 199 -10.15 -29.07 27.70
C SER F 199 -9.04 -28.78 28.69
N THR F 200 -8.16 -27.86 28.30
CA THR F 200 -7.11 -27.36 29.20
C THR F 200 -6.38 -26.22 28.51
N HIS F 201 -5.62 -25.47 29.30
CA HIS F 201 -4.90 -24.32 28.80
C HIS F 201 -3.47 -24.34 29.30
N SER F 202 -2.58 -23.70 28.54
CA SER F 202 -1.16 -23.66 28.87
C SER F 202 -0.62 -22.33 28.38
N TRP F 203 -0.55 -21.36 29.28
CA TRP F 203 -0.07 -20.02 28.95
C TRP F 203 1.42 -19.95 29.25
N TYR F 204 2.16 -19.33 28.35
N TYR F 204 2.16 -19.33 28.35
CA TYR F 204 3.62 -19.43 28.31
CA TYR F 204 3.62 -19.43 28.31
C TYR F 204 4.28 -18.16 28.84
C TYR F 204 4.28 -18.16 28.84
N ALA F 205 5.58 -18.25 29.05
CA ALA F 205 6.41 -17.11 29.45
C ALA F 205 7.39 -16.69 28.38
N GLY F 206 8.19 -17.62 27.86
CA GLY F 206 9.07 -17.28 26.76
C GLY F 206 10.53 -17.04 27.07
N ALA F 207 10.89 -15.77 27.22
CA ALA F 207 12.28 -15.33 27.29
C ALA F 207 13.12 -16.15 28.26
N GLU F 208 14.35 -16.44 27.86
CA GLU F 208 15.37 -16.99 28.73
C GLU F 208 16.55 -16.03 28.75
N ALA F 209 17.45 -16.21 29.71
CA ALA F 209 18.50 -15.23 30.00
C ALA F 209 19.87 -15.83 29.71
N GLY F 210 20.53 -15.35 28.66
CA GLY F 210 21.86 -15.81 28.31
C GLY F 210 22.85 -14.70 27.98
N TYR F 211 23.93 -14.62 28.75
CA TYR F 211 24.97 -13.62 28.49
C TYR F 211 26.09 -14.27 27.70
N ARG F 212 26.13 -13.98 26.40
CA ARG F 212 27.02 -14.67 25.48
C ARG F 212 28.45 -14.13 25.60
N TYR F 213 29.42 -15.03 25.50
CA TYR F 213 30.82 -14.65 25.49
C TYR F 213 31.35 -14.52 24.07
N HIS F 214 31.17 -15.58 23.27
CA HIS F 214 31.41 -15.52 21.82
C HIS F 214 32.86 -15.15 21.50
N VAL F 215 33.80 -15.63 22.32
CA VAL F 215 35.21 -15.28 22.14
C VAL F 215 35.69 -15.65 20.75
N THR F 216 35.06 -16.62 20.11
CA THR F 216 35.37 -17.00 18.74
C THR F 216 34.07 -17.12 17.96
N GLU F 217 34.19 -17.52 16.70
CA GLU F 217 33.03 -17.70 15.84
C GLU F 217 32.28 -18.99 16.13
N ASP F 218 32.56 -19.62 17.26
CA ASP F 218 32.05 -20.95 17.56
C ASP F 218 31.32 -21.05 18.89
N ALA F 219 31.65 -20.23 19.88
CA ALA F 219 31.09 -20.37 21.21
C ALA F 219 29.73 -19.72 21.30
N TRP F 220 28.70 -20.51 21.61
CA TRP F 220 27.37 -20.02 21.91
C TRP F 220 27.07 -20.46 23.34
N ILE F 221 27.50 -19.67 24.31
CA ILE F 221 27.25 -19.96 25.71
C ILE F 221 26.10 -19.09 26.19
N GLU F 222 25.09 -19.70 26.82
CA GLU F 222 23.99 -18.93 27.34
C GLU F 222 23.11 -19.76 28.25
N PRO F 223 22.69 -19.22 29.40
CA PRO F 223 21.71 -19.92 30.23
C PRO F 223 20.29 -19.74 29.74
N GLN F 224 19.42 -20.63 30.22
CA GLN F 224 18.00 -20.59 29.92
C GLN F 224 17.22 -20.52 31.22
N ALA F 225 16.00 -19.98 31.13
CA ALA F 225 15.12 -19.87 32.29
C ALA F 225 13.70 -19.67 31.80
N GLU F 226 12.81 -20.59 32.18
CA GLU F 226 11.42 -20.49 31.75
C GLU F 226 10.48 -21.05 32.80
N LEU F 227 9.22 -20.66 32.67
CA LEU F 227 8.18 -21.00 33.63
C LEU F 227 6.81 -20.83 33.00
N VAL F 228 6.06 -21.92 32.89
CA VAL F 228 4.77 -21.89 32.21
C VAL F 228 3.66 -22.07 33.23
N TYR F 229 2.43 -21.90 32.77
CA TYR F 229 1.29 -21.78 33.67
C TYR F 229 0.04 -22.26 32.95
N GLY F 230 -0.79 -23.01 33.65
CA GLY F 230 -2.01 -23.50 33.05
C GLY F 230 -2.95 -24.10 34.06
N SER F 231 -3.78 -25.01 33.57
CA SER F 231 -4.76 -25.74 34.36
C SER F 231 -5.35 -26.81 33.47
N VAL F 232 -5.94 -27.85 34.07
CA VAL F 232 -6.46 -28.90 33.22
C VAL F 232 -7.98 -29.00 33.21
N SER F 233 -8.61 -29.48 34.30
CA SER F 233 -10.07 -29.61 34.32
C SER F 233 -10.50 -30.24 35.63
N GLY F 234 -11.82 -30.22 35.84
CA GLY F 234 -12.46 -30.93 36.93
C GLY F 234 -12.98 -32.30 36.53
N LYS F 235 -12.15 -33.11 35.88
CA LYS F 235 -12.57 -34.41 35.37
C LYS F 235 -13.29 -35.21 36.46
N GLN F 236 -14.56 -35.51 36.22
CA GLN F 236 -15.43 -36.12 37.21
C GLN F 236 -16.07 -37.38 36.62
N PHE F 237 -15.88 -38.50 37.29
CA PHE F 237 -16.31 -39.79 36.78
C PHE F 237 -16.34 -40.78 37.95
N ALA F 238 -16.49 -42.06 37.61
CA ALA F 238 -16.43 -43.12 38.61
C ALA F 238 -15.97 -44.40 37.92
N TRP F 239 -14.93 -45.03 38.46
CA TRP F 239 -14.45 -46.30 37.93
C TRP F 239 -15.20 -47.43 38.63
N LYS F 240 -15.95 -48.20 37.85
CA LYS F 240 -16.87 -49.19 38.37
C LYS F 240 -16.30 -50.59 38.19
N ASP F 241 -15.91 -51.22 39.30
CA ASP F 241 -15.45 -52.60 39.30
C ASP F 241 -16.11 -53.43 40.40
N GLN F 242 -16.59 -52.79 41.46
CA GLN F 242 -17.11 -53.49 42.62
C GLN F 242 -18.52 -53.03 42.97
N GLY F 243 -19.37 -52.95 41.95
CA GLY F 243 -20.78 -52.60 42.16
C GLY F 243 -21.05 -51.15 42.48
N MET F 244 -20.62 -50.69 43.65
CA MET F 244 -20.67 -49.26 43.97
C MET F 244 -19.67 -48.55 43.07
N HIS F 245 -20.13 -47.55 42.33
CA HIS F 245 -19.28 -46.87 41.35
C HIS F 245 -18.20 -46.09 42.07
N LEU F 246 -17.00 -46.66 42.11
CA LEU F 246 -15.88 -46.02 42.76
C LEU F 246 -15.44 -44.82 41.94
N SER F 247 -15.44 -43.64 42.57
CA SER F 247 -15.31 -42.39 41.83
C SER F 247 -13.96 -41.72 42.05
N MET F 248 -13.59 -40.92 41.07
CA MET F 248 -12.42 -40.05 41.15
C MET F 248 -12.77 -38.73 40.46
N LYS F 249 -12.58 -37.64 41.18
CA LYS F 249 -12.99 -36.31 40.69
C LYS F 249 -11.83 -35.36 40.92
N ASP F 250 -10.98 -35.21 39.92
CA ASP F 250 -9.79 -34.36 40.01
C ASP F 250 -10.20 -32.93 39.74
N LYS F 251 -10.16 -32.09 40.78
CA LYS F 251 -10.68 -30.72 40.66
C LYS F 251 -9.90 -29.92 39.61
N ASP F 252 -8.57 -29.89 39.72
CA ASP F 252 -7.71 -29.21 38.77
C ASP F 252 -6.27 -29.48 39.16
N TYR F 253 -5.35 -28.99 38.32
CA TYR F 253 -3.93 -29.22 38.56
C TYR F 253 -3.11 -27.94 38.58
N ASN F 254 -3.48 -26.94 37.77
CA ASN F 254 -2.95 -25.58 37.71
C ASN F 254 -1.48 -25.48 38.09
N PRO F 255 -0.59 -26.21 37.43
CA PRO F 255 0.80 -26.28 37.87
C PRO F 255 1.62 -25.09 37.36
N LEU F 256 2.89 -25.09 37.75
CA LEU F 256 3.81 -24.00 37.42
C LEU F 256 5.18 -24.63 37.19
N ILE F 257 5.56 -24.76 35.92
CA ILE F 257 6.69 -25.60 35.53
C ILE F 257 7.87 -24.72 35.19
N GLY F 258 8.99 -24.92 35.89
CA GLY F 258 10.15 -24.07 35.71
C GLY F 258 11.39 -24.86 35.37
N ARG F 259 12.27 -24.22 34.62
CA ARG F 259 13.58 -24.77 34.31
C ARG F 259 14.61 -23.65 34.26
N THR F 260 15.86 -24.03 34.41
CA THR F 260 16.97 -23.08 34.52
C THR F 260 18.12 -23.53 33.63
N GLY F 261 17.82 -23.80 32.36
CA GLY F 261 18.79 -24.41 31.48
C GLY F 261 19.99 -23.53 31.21
N VAL F 262 21.01 -24.14 30.59
CA VAL F 262 22.23 -23.45 30.15
C VAL F 262 22.68 -24.07 28.84
N ASP F 263 23.12 -23.23 27.92
CA ASP F 263 23.46 -23.65 26.57
C ASP F 263 24.94 -23.43 26.31
N VAL F 264 25.54 -24.33 25.53
CA VAL F 264 26.95 -24.27 25.20
C VAL F 264 27.15 -24.39 23.69
N GLY F 265 26.19 -23.90 22.91
CA GLY F 265 26.21 -24.01 21.47
C GLY F 265 27.56 -23.84 20.81
N LYS F 266 27.90 -24.75 19.90
CA LYS F 266 29.19 -24.74 19.22
C LYS F 266 28.95 -24.60 17.73
N SER F 267 29.45 -23.52 17.14
CA SER F 267 29.16 -23.20 15.75
C SER F 267 30.07 -23.99 14.82
N PHE F 268 29.97 -23.69 13.53
CA PHE F 268 30.68 -24.40 12.48
C PHE F 268 30.39 -23.67 11.19
N SER F 269 30.96 -24.13 10.07
CA SER F 269 30.67 -23.46 8.80
C SER F 269 30.87 -24.43 7.65
N GLY F 270 30.15 -24.15 6.56
CA GLY F 270 30.41 -24.74 5.27
C GLY F 270 30.58 -23.61 4.28
N LYS F 271 30.52 -23.91 2.98
CA LYS F 271 30.53 -22.83 1.99
C LYS F 271 29.41 -21.84 2.28
N ASP F 272 28.17 -22.31 2.33
CA ASP F 272 27.04 -21.49 2.70
C ASP F 272 26.04 -22.23 3.57
N TRP F 273 26.46 -23.32 4.19
CA TRP F 273 25.62 -24.09 5.11
C TRP F 273 26.20 -24.03 6.50
N LYS F 274 25.47 -23.43 7.42
CA LYS F 274 25.90 -23.29 8.81
C LYS F 274 25.40 -24.49 9.60
N VAL F 275 26.32 -25.21 10.24
CA VAL F 275 25.98 -26.30 11.12
C VAL F 275 26.34 -25.86 12.55
N THR F 276 25.91 -26.63 13.53
CA THR F 276 26.16 -26.26 14.91
C THR F 276 26.25 -27.54 15.73
N ALA F 277 26.84 -27.44 16.92
CA ALA F 277 26.89 -28.55 17.87
C ALA F 277 26.11 -28.12 19.11
N ARG F 278 24.81 -28.32 19.07
CA ARG F 278 23.89 -27.77 20.07
C ARG F 278 23.85 -28.71 21.27
N ALA F 279 24.56 -28.34 22.34
CA ALA F 279 24.47 -29.06 23.60
C ALA F 279 23.93 -28.13 24.66
N GLY F 280 23.30 -28.71 25.68
CA GLY F 280 22.70 -27.91 26.73
C GLY F 280 22.44 -28.75 27.97
N LEU F 281 21.93 -28.07 28.99
CA LEU F 281 21.76 -28.67 30.31
C LEU F 281 21.02 -27.67 31.18
N GLY F 282 20.38 -28.18 32.23
CA GLY F 282 19.76 -27.31 33.21
C GLY F 282 18.66 -28.02 33.98
N TYR F 283 18.25 -27.39 35.08
CA TYR F 283 17.14 -27.89 35.88
C TYR F 283 15.85 -27.94 35.07
N GLN F 284 14.85 -28.57 35.69
CA GLN F 284 13.46 -28.49 35.22
C GLN F 284 12.59 -28.88 36.40
N PHE F 285 11.89 -27.92 36.99
CA PHE F 285 11.10 -28.16 38.19
C PHE F 285 9.67 -27.68 38.00
N ASP F 286 8.85 -27.97 39.00
CA ASP F 286 7.52 -27.40 39.15
C ASP F 286 7.47 -26.62 40.44
N LEU F 287 6.34 -25.94 40.66
CA LEU F 287 6.17 -25.15 41.88
C LEU F 287 4.89 -25.47 42.62
N LEU F 288 3.80 -25.77 41.92
CA LEU F 288 2.51 -26.07 42.54
C LEU F 288 1.97 -27.36 41.91
N ALA F 289 2.40 -28.50 42.44
CA ALA F 289 1.91 -29.80 41.98
C ALA F 289 0.83 -30.33 42.91
N ASN F 290 -0.28 -29.59 42.98
CA ASN F 290 -1.32 -29.93 43.95
C ASN F 290 -1.98 -31.26 43.62
N GLY F 291 -2.65 -31.34 42.46
CA GLY F 291 -3.26 -32.55 41.96
C GLY F 291 -3.96 -33.44 42.98
N GLU F 292 -4.67 -32.83 43.92
CA GLU F 292 -5.34 -33.59 44.97
C GLU F 292 -6.77 -33.88 44.53
N THR F 293 -7.14 -35.16 44.53
CA THR F 293 -8.42 -35.63 44.05
C THR F 293 -9.14 -36.39 45.17
N VAL F 294 -10.27 -37.00 44.82
CA VAL F 294 -11.05 -37.78 45.78
C VAL F 294 -10.64 -39.24 45.66
N LEU F 295 -10.96 -40.01 46.68
CA LEU F 295 -10.79 -41.47 46.65
C LEU F 295 -12.09 -42.09 47.17
N ARG F 296 -13.05 -42.29 46.27
CA ARG F 296 -14.35 -42.84 46.64
C ARG F 296 -14.35 -44.34 46.43
N ASP F 297 -13.52 -45.02 47.22
CA ASP F 297 -13.42 -46.47 47.13
C ASP F 297 -14.61 -47.17 47.80
N ALA F 298 -15.54 -46.42 48.38
CA ALA F 298 -16.70 -46.92 49.11
C ALA F 298 -16.34 -47.40 50.50
N SER F 299 -15.06 -47.39 50.88
CA SER F 299 -14.63 -47.70 52.23
C SER F 299 -14.37 -46.46 53.06
N GLY F 300 -14.31 -45.28 52.44
CA GLY F 300 -14.11 -44.05 53.19
C GLY F 300 -13.60 -42.94 52.29
N GLU F 301 -13.03 -41.93 52.93
CA GLU F 301 -12.51 -40.76 52.24
C GLU F 301 -11.00 -40.71 52.44
N LYS F 302 -10.28 -40.29 51.41
CA LYS F 302 -8.83 -40.26 51.48
C LYS F 302 -8.30 -39.25 50.48
N ARG F 303 -7.34 -38.44 50.92
CA ARG F 303 -6.77 -37.36 50.12
C ARG F 303 -5.27 -37.63 49.96
N ILE F 304 -4.83 -37.82 48.71
CA ILE F 304 -3.42 -37.99 48.40
C ILE F 304 -3.07 -37.06 47.24
N LYS F 305 -2.05 -36.22 47.45
CA LYS F 305 -1.67 -35.18 46.52
C LYS F 305 -0.24 -35.37 46.05
N GLY F 306 0.06 -34.78 44.90
CA GLY F 306 1.39 -34.84 44.33
C GLY F 306 2.31 -33.81 44.93
N GLU F 307 3.60 -33.93 44.59
CA GLU F 307 4.63 -33.07 45.13
C GLU F 307 5.45 -32.51 43.97
N LYS F 308 6.31 -31.55 44.27
CA LYS F 308 7.16 -30.96 43.26
C LYS F 308 8.17 -31.98 42.75
N ASP F 309 8.35 -32.01 41.44
CA ASP F 309 9.32 -32.91 40.82
C ASP F 309 10.59 -32.18 40.44
N SER F 310 11.61 -32.97 40.10
CA SER F 310 12.94 -32.42 39.87
C SER F 310 13.67 -33.33 38.89
N ARG F 311 14.13 -32.76 37.78
CA ARG F 311 14.85 -33.54 36.78
C ARG F 311 15.81 -32.65 36.04
N MET F 312 16.93 -33.24 35.64
CA MET F 312 17.96 -32.57 34.85
C MET F 312 18.00 -33.23 33.48
N LEU F 313 17.61 -32.47 32.45
CA LEU F 313 17.58 -33.00 31.10
C LEU F 313 18.92 -32.80 30.42
N MET F 314 19.25 -33.71 29.51
CA MET F 314 20.47 -33.65 28.73
C MET F 314 20.10 -33.55 27.25
N SER F 315 20.81 -32.71 26.52
CA SER F 315 20.48 -32.39 25.13
C SER F 315 21.75 -32.38 24.30
N VAL F 316 21.70 -33.07 23.15
CA VAL F 316 22.87 -33.20 22.28
C VAL F 316 22.50 -32.77 20.87
N GLY F 317 21.56 -31.83 20.75
CA GLY F 317 21.06 -31.42 19.46
C GLY F 317 22.08 -30.84 18.48
N LEU F 318 21.60 -30.41 17.33
CA LEU F 318 22.43 -29.76 16.31
C LEU F 318 21.51 -28.93 15.43
N ASN F 319 22.03 -28.48 14.28
CA ASN F 319 21.24 -27.60 13.43
C ASN F 319 21.97 -27.44 12.11
N ALA F 320 21.20 -27.10 11.08
CA ALA F 320 21.75 -26.89 9.74
C ALA F 320 21.00 -25.75 9.06
N GLU F 321 21.69 -25.08 8.13
CA GLU F 321 21.11 -23.90 7.50
C GLU F 321 21.42 -23.87 6.01
N ILE F 322 21.56 -25.05 5.38
CA ILE F 322 21.90 -25.12 3.97
C ILE F 322 20.98 -24.25 3.15
N ARG F 323 21.55 -23.48 2.22
CA ARG F 323 20.75 -22.83 1.18
C ARG F 323 19.69 -21.94 1.80
N ASP F 324 20.09 -20.74 2.23
CA ASP F 324 19.48 -19.95 3.30
C ASP F 324 17.98 -20.08 3.53
N ASN F 325 17.23 -20.58 2.56
CA ASN F 325 15.80 -20.84 2.79
C ASN F 325 15.60 -21.86 3.91
N VAL F 326 16.07 -23.08 3.71
CA VAL F 326 15.82 -24.16 4.67
C VAL F 326 16.64 -23.94 5.93
N ARG F 327 16.13 -24.44 7.06
CA ARG F 327 16.89 -24.48 8.30
C ARG F 327 16.70 -25.83 8.98
N PHE F 328 16.76 -26.89 8.19
CA PHE F 328 16.69 -28.26 8.67
C PHE F 328 17.55 -28.48 9.90
N GLY F 329 17.06 -29.28 10.84
CA GLY F 329 17.84 -29.56 12.04
C GLY F 329 17.28 -30.66 12.90
N LEU F 330 18.12 -31.61 13.31
CA LEU F 330 17.67 -32.85 13.96
C LEU F 330 18.32 -32.97 15.33
N GLU F 331 17.51 -32.92 16.38
CA GLU F 331 17.99 -32.78 17.75
C GLU F 331 17.58 -33.99 18.57
N PHE F 332 18.15 -34.10 19.77
CA PHE F 332 17.92 -35.25 20.62
C PHE F 332 18.10 -34.86 22.07
N GLU F 333 17.23 -35.38 22.94
CA GLU F 333 17.22 -35.05 24.35
C GLU F 333 17.24 -36.31 25.22
N LYS F 334 17.61 -36.11 26.47
CA LYS F 334 17.58 -37.18 27.47
C LYS F 334 17.38 -36.53 28.82
N SER F 335 16.93 -37.33 29.79
CA SER F 335 16.63 -36.81 31.11
C SER F 335 17.11 -37.79 32.17
N ALA F 336 17.10 -37.33 33.42
CA ALA F 336 17.62 -38.07 34.55
C ALA F 336 16.86 -37.73 35.82
N PHE F 337 17.21 -38.42 36.89
CA PHE F 337 16.83 -38.13 38.28
C PHE F 337 15.39 -38.49 38.63
N GLY F 338 14.80 -39.50 38.00
CA GLY F 338 13.77 -40.28 38.65
C GLY F 338 12.31 -40.12 38.30
N LYS F 339 11.82 -38.89 38.13
CA LYS F 339 10.37 -38.66 38.02
C LYS F 339 10.02 -38.30 36.58
N TYR F 340 9.23 -39.17 35.93
CA TYR F 340 8.80 -38.99 34.56
C TYR F 340 9.96 -38.67 33.63
N ASN F 341 11.15 -39.14 33.99
CA ASN F 341 12.32 -38.90 33.17
C ASN F 341 12.12 -39.49 31.78
N VAL F 342 12.31 -38.66 30.76
CA VAL F 342 12.21 -39.11 29.38
C VAL F 342 13.54 -39.72 28.97
N ASP F 343 13.49 -40.80 28.20
CA ASP F 343 14.68 -41.56 27.87
C ASP F 343 15.04 -41.49 26.39
N ASN F 344 14.14 -41.91 25.51
CA ASN F 344 14.40 -41.93 24.07
C ASN F 344 13.47 -40.92 23.42
N ALA F 345 13.99 -39.73 23.12
CA ALA F 345 13.21 -38.68 22.49
C ALA F 345 14.09 -37.98 21.46
N VAL F 346 13.75 -38.12 20.20
CA VAL F 346 14.37 -37.36 19.15
C VAL F 346 13.44 -36.20 18.81
N ASN F 347 13.93 -35.26 18.03
CA ASN F 347 13.13 -34.07 17.74
C ASN F 347 13.61 -33.49 16.42
N ALA F 348 12.84 -33.73 15.36
CA ALA F 348 13.18 -33.24 14.05
C ALA F 348 12.40 -31.98 13.74
N ASN F 349 13.09 -30.99 13.19
CA ASN F 349 12.47 -29.70 12.94
C ASN F 349 12.49 -29.40 11.46
N PHE F 350 12.08 -28.19 11.09
CA PHE F 350 12.11 -27.76 9.70
C PHE F 350 11.66 -26.31 9.67
N ARG F 351 11.93 -25.66 8.56
CA ARG F 351 11.45 -24.32 8.31
C ARG F 351 11.74 -24.00 6.86
N TYR F 352 10.87 -23.21 6.24
CA TYR F 352 11.09 -22.78 4.87
C TYR F 352 10.72 -21.31 4.76
N SER F 353 11.71 -20.45 4.95
CA SER F 353 11.49 -19.03 4.65
C SER F 353 11.17 -18.87 3.17
N PHE F 354 10.75 -17.68 2.81
CA PHE F 354 10.30 -17.47 1.44
C PHE F 354 11.39 -16.85 0.59
#